data_5WU5
#
_entry.id   5WU5
#
_cell.length_a   173.140
_cell.length_b   173.140
_cell.length_c   208.580
_cell.angle_alpha   90.000
_cell.angle_beta   90.000
_cell.angle_gamma   90.000
#
_symmetry.space_group_name_H-M   'P 43 21 2'
#
_entity_poly.entity_id   1
_entity_poly.type   'polypeptide(L)'
_entity_poly.pdbx_seq_one_letter_code
;MGAAPDSHQLAKALAEAADVGAQMIKLVGLRELSEAERQLRSLVVALMQEVFTEFFPGCVVHPFGSSINSFDVHGCDLDL
FLDLGDLEEPQPVPKLPPASPLLEDREEGDLGKASELAETPKEEKAEGAAMLELVGSILRGCVPGVYRVQTVPSARRPVV
KFCHRPSGLHGDVSLSNRLALHNSRFLSLCSELDGRVRPLVYTLRCWAQGRGLSGSGPLLSNYALTLLVIYFLQTRDPPV
LPTVSQLTQKAGEGEQVEVDGWDCSFPRDASRLEPSINVEPLSSLLAQFFSAVSSWDLRGSLLSLREGQALPVAGGLPSN
LWEGLRLGPLNLQDPFDLSHNVAANVTSRVAGRLQNCCRAAANYCRSLQYQRRSSRGRDWGLLPLLQPSSPSSLLSATPI
PLPLAPFTQLTAALVQVFREALGCHIEQATKRTRSEGGGTGQGEAGKGASLPSSASWRCALWHRVWQGRRRARRRLQQQT
KEGAGGGAGTRAGWLATEAQVTQELKGLSGGEERPETEPLLSFVASVSPADRMLTVTPLQDPQGLFPDLHHFLQVFLPQA
IRHLKLEHHHHHH
;
_entity_poly.pdbx_strand_id   A,B,C,D
#
# COMPACT_ATOMS: atom_id res chain seq x y z
N ASP A 6 -19.88 -18.71 28.43
CA ASP A 6 -20.71 -18.86 27.24
C ASP A 6 -21.95 -19.71 27.51
N SER A 7 -21.86 -21.01 27.22
CA SER A 7 -22.96 -21.92 27.47
C SER A 7 -23.14 -22.22 28.97
N HIS A 8 -22.05 -22.17 29.72
CA HIS A 8 -22.10 -22.39 31.16
C HIS A 8 -22.85 -21.28 31.88
N GLN A 9 -22.46 -20.04 31.60
CA GLN A 9 -23.08 -18.89 32.25
C GLN A 9 -24.53 -18.78 31.87
N LEU A 10 -24.79 -18.86 30.57
CA LEU A 10 -26.14 -18.69 30.05
C LEU A 10 -27.05 -19.78 30.59
N ALA A 11 -26.60 -21.03 30.52
CA ALA A 11 -27.41 -22.14 31.03
C ALA A 11 -27.67 -22.04 32.53
N LYS A 12 -26.61 -21.88 33.31
CA LYS A 12 -26.78 -21.90 34.77
C LYS A 12 -27.53 -20.69 35.30
N ALA A 13 -27.42 -19.55 34.61
CA ALA A 13 -28.11 -18.34 35.04
C ALA A 13 -29.56 -18.31 34.61
N LEU A 14 -29.83 -18.71 33.36
CA LEU A 14 -31.18 -18.67 32.82
C LEU A 14 -32.06 -19.84 33.28
N ALA A 15 -31.44 -20.98 33.58
CA ALA A 15 -32.21 -22.15 34.00
C ALA A 15 -32.85 -21.94 35.36
N GLU A 16 -32.26 -21.05 36.16
CA GLU A 16 -32.71 -20.85 37.53
C GLU A 16 -33.78 -19.78 37.67
N ALA A 17 -34.07 -19.04 36.60
CA ALA A 17 -34.97 -17.90 36.73
C ALA A 17 -36.36 -18.15 36.16
N ALA A 18 -37.33 -18.32 37.06
CA ALA A 18 -38.76 -18.14 36.77
C ALA A 18 -39.23 -18.76 35.46
N ASP A 19 -39.76 -17.91 34.59
CA ASP A 19 -40.30 -18.30 33.29
C ASP A 19 -39.46 -17.76 32.14
N VAL A 20 -39.95 -17.96 30.92
CA VAL A 20 -39.24 -17.53 29.71
C VAL A 20 -38.94 -16.03 29.70
N GLY A 21 -39.91 -15.22 30.10
CA GLY A 21 -39.73 -13.77 30.13
C GLY A 21 -38.58 -13.33 31.01
N ALA A 22 -38.51 -13.90 32.20
CA ALA A 22 -37.42 -13.62 33.14
C ALA A 22 -36.09 -14.06 32.55
N GLN A 23 -36.12 -15.15 31.77
CA GLN A 23 -34.92 -15.60 31.07
C GLN A 23 -34.45 -14.55 30.07
N MET A 24 -35.38 -14.00 29.30
CA MET A 24 -35.04 -13.02 28.28
C MET A 24 -34.47 -11.76 28.94
N ILE A 25 -35.16 -11.28 29.97
CA ILE A 25 -34.72 -10.08 30.66
C ILE A 25 -33.35 -10.28 31.33
N LYS A 26 -33.17 -11.44 31.97
CA LYS A 26 -31.90 -11.77 32.59
C LYS A 26 -30.79 -11.83 31.55
N LEU A 27 -31.13 -12.34 30.37
CA LEU A 27 -30.20 -12.41 29.25
C LEU A 27 -29.76 -11.01 28.84
N VAL A 28 -30.71 -10.09 28.77
CA VAL A 28 -30.40 -8.70 28.50
C VAL A 28 -29.47 -8.14 29.56
N GLY A 29 -29.78 -8.42 30.82
CA GLY A 29 -28.98 -7.95 31.93
C GLY A 29 -27.55 -8.46 31.90
N LEU A 30 -27.38 -9.69 31.43
CA LEU A 30 -26.07 -10.33 31.39
C LEU A 30 -25.23 -9.86 30.20
N ARG A 31 -25.87 -9.71 29.04
CA ARG A 31 -25.12 -9.39 27.83
C ARG A 31 -24.91 -7.89 27.59
N GLU A 32 -25.65 -7.03 28.29
CA GLU A 32 -25.50 -5.59 28.08
C GLU A 32 -24.19 -5.07 28.65
N LEU A 33 -23.70 -3.97 28.10
CA LEU A 33 -22.45 -3.38 28.54
C LEU A 33 -22.53 -2.87 29.97
N SER A 34 -21.49 -3.15 30.75
CA SER A 34 -21.41 -2.64 32.12
C SER A 34 -21.09 -1.15 32.12
N GLU A 35 -21.04 -0.55 33.30
CA GLU A 35 -20.75 0.87 33.42
C GLU A 35 -19.28 1.16 33.10
N ALA A 36 -18.40 0.25 33.51
CA ALA A 36 -16.97 0.41 33.26
C ALA A 36 -16.66 0.35 31.77
N GLU A 37 -17.35 -0.52 31.06
CA GLU A 37 -17.17 -0.68 29.62
C GLU A 37 -17.60 0.59 28.89
N ARG A 38 -18.73 1.14 29.30
CA ARG A 38 -19.22 2.39 28.74
C ARG A 38 -18.27 3.53 29.03
N GLN A 39 -17.67 3.51 30.22
CA GLN A 39 -16.68 4.51 30.60
C GLN A 39 -15.44 4.44 29.71
N LEU A 40 -14.96 3.22 29.49
CA LEU A 40 -13.81 2.99 28.63
C LEU A 40 -14.09 3.52 27.23
N ARG A 41 -15.23 3.11 26.69
CA ARG A 41 -15.65 3.53 25.35
C ARG A 41 -15.73 5.06 25.23
N SER A 42 -16.37 5.69 26.21
CA SER A 42 -16.52 7.14 26.19
C SER A 42 -15.16 7.85 26.28
N LEU A 43 -14.24 7.26 27.03
CA LEU A 43 -12.90 7.83 27.16
C LEU A 43 -12.12 7.75 25.85
N VAL A 44 -12.15 6.59 25.22
CA VAL A 44 -11.49 6.43 23.91
C VAL A 44 -12.11 7.38 22.87
N VAL A 45 -13.43 7.45 22.86
CA VAL A 45 -14.13 8.39 21.98
C VAL A 45 -13.66 9.82 22.24
N ALA A 46 -13.44 10.14 23.52
CA ALA A 46 -12.90 11.45 23.90
C ALA A 46 -11.51 11.68 23.31
N LEU A 47 -10.67 10.64 23.34
CA LEU A 47 -9.34 10.70 22.72
C LEU A 47 -9.43 11.03 21.23
N MET A 48 -10.20 10.21 20.53
CA MET A 48 -10.43 10.37 19.09
C MET A 48 -10.90 11.78 18.77
N GLN A 49 -11.94 12.21 19.48
CA GLN A 49 -12.55 13.52 19.29
C GLN A 49 -11.55 14.64 19.50
N GLU A 50 -10.72 14.51 20.52
CA GLU A 50 -9.75 15.55 20.84
C GLU A 50 -8.70 15.67 19.74
N VAL A 51 -8.12 14.54 19.32
CA VAL A 51 -7.09 14.57 18.27
C VAL A 51 -7.66 15.10 16.94
N PHE A 52 -8.82 14.58 16.55
CA PHE A 52 -9.45 15.00 15.31
C PHE A 52 -9.91 16.45 15.38
N THR A 53 -10.10 16.96 16.59
CA THR A 53 -10.40 18.37 16.76
C THR A 53 -9.14 19.20 16.56
N GLU A 54 -7.99 18.67 16.99
CA GLU A 54 -6.73 19.36 16.70
C GLU A 54 -6.52 19.47 15.21
N PHE A 55 -6.69 18.37 14.49
CA PHE A 55 -6.47 18.39 13.03
C PHE A 55 -7.64 18.96 12.22
N PHE A 56 -8.86 18.65 12.60
CA PHE A 56 -10.03 19.16 11.89
C PHE A 56 -10.91 19.98 12.81
N PRO A 57 -10.60 21.28 12.95
CA PRO A 57 -11.34 22.14 13.87
C PRO A 57 -12.86 22.17 13.59
N GLY A 58 -13.65 21.95 14.63
CA GLY A 58 -15.09 21.99 14.51
C GLY A 58 -15.72 20.70 14.02
N CYS A 59 -14.99 19.60 14.17
CA CYS A 59 -15.48 18.30 13.73
C CYS A 59 -16.01 17.51 14.92
N VAL A 60 -17.03 16.68 14.68
CA VAL A 60 -17.65 15.94 15.76
C VAL A 60 -17.59 14.43 15.54
N VAL A 61 -17.09 13.71 16.55
CA VAL A 61 -17.04 12.26 16.50
C VAL A 61 -18.30 11.69 17.14
N HIS A 62 -19.13 11.05 16.33
CA HIS A 62 -20.38 10.47 16.79
C HIS A 62 -20.30 8.96 16.96
N PRO A 63 -20.39 8.48 18.20
CA PRO A 63 -20.53 7.04 18.37
C PRO A 63 -21.87 6.59 17.81
N PHE A 64 -21.87 5.53 17.01
CA PHE A 64 -23.11 5.01 16.45
C PHE A 64 -23.10 3.48 16.47
N GLY A 65 -24.16 2.90 15.92
CA GLY A 65 -24.25 1.45 15.81
C GLY A 65 -24.54 0.81 17.14
N SER A 66 -23.84 -0.29 17.41
CA SER A 66 -24.10 -1.10 18.59
C SER A 66 -23.98 -0.34 19.91
N SER A 67 -23.24 0.76 19.91
CA SER A 67 -23.01 1.51 21.14
C SER A 67 -24.25 2.28 21.63
N ILE A 68 -24.86 3.04 20.73
CA ILE A 68 -25.95 3.94 21.14
C ILE A 68 -27.36 3.42 20.92
N ASN A 69 -27.51 2.25 20.30
CA ASN A 69 -28.83 1.72 20.00
C ASN A 69 -29.39 0.92 21.18
N SER A 70 -28.61 0.89 22.26
CA SER A 70 -28.96 0.21 23.51
C SER A 70 -29.19 -1.29 23.32
N PHE A 71 -28.67 -1.82 22.22
CA PHE A 71 -28.60 -3.26 22.02
C PHE A 71 -27.19 -3.78 22.29
N ASP A 72 -26.34 -2.89 22.80
CA ASP A 72 -24.92 -3.15 23.01
C ASP A 72 -24.64 -4.43 23.81
N VAL A 73 -23.65 -5.19 23.35
CA VAL A 73 -23.21 -6.40 24.02
C VAL A 73 -21.72 -6.33 24.36
N HIS A 74 -21.28 -7.22 25.25
CA HIS A 74 -19.89 -7.25 25.68
C HIS A 74 -18.94 -7.51 24.52
N GLY A 75 -17.95 -6.65 24.36
CA GLY A 75 -16.96 -6.80 23.31
C GLY A 75 -17.49 -6.40 21.95
N CYS A 76 -18.54 -5.58 21.93
CA CYS A 76 -19.11 -5.12 20.67
C CYS A 76 -18.19 -4.09 20.02
N ASP A 77 -18.34 -3.89 18.72
CA ASP A 77 -17.53 -2.93 18.00
C ASP A 77 -17.84 -1.52 18.45
N LEU A 78 -16.84 -0.64 18.40
CA LEU A 78 -17.05 0.77 18.64
C LEU A 78 -17.05 1.49 17.30
N ASP A 79 -18.23 1.88 16.85
CA ASP A 79 -18.35 2.49 15.53
C ASP A 79 -18.41 4.00 15.64
N LEU A 80 -17.55 4.67 14.89
CA LEU A 80 -17.44 6.11 14.97
C LEU A 80 -17.65 6.78 13.62
N PHE A 81 -18.58 7.74 13.59
CA PHE A 81 -18.80 8.54 12.41
C PHE A 81 -18.11 9.88 12.61
N LEU A 82 -17.25 10.25 11.65
CA LEU A 82 -16.50 11.48 11.78
C LEU A 82 -17.14 12.57 10.94
N ASP A 83 -17.75 13.54 11.62
CA ASP A 83 -18.43 14.64 10.93
C ASP A 83 -17.50 15.83 10.78
N LEU A 84 -17.12 16.14 9.54
CA LEU A 84 -16.17 17.20 9.26
C LEU A 84 -16.85 18.42 8.66
N GLY A 128 -12.40 11.04 -2.29
CA GLY A 128 -13.03 10.62 -1.04
C GLY A 128 -12.21 9.56 -0.31
N ALA A 129 -11.58 8.69 -1.08
CA ALA A 129 -10.72 7.64 -0.55
C ALA A 129 -9.46 8.23 0.07
N ALA A 130 -8.95 9.29 -0.55
CA ALA A 130 -7.75 9.98 -0.08
C ALA A 130 -7.96 10.55 1.33
N MET A 131 -9.14 11.13 1.56
CA MET A 131 -9.49 11.64 2.88
C MET A 131 -9.54 10.52 3.91
N LEU A 132 -10.00 9.35 3.45
CA LEU A 132 -10.07 8.17 4.29
C LEU A 132 -8.66 7.77 4.71
N GLU A 133 -7.74 7.82 3.75
CA GLU A 133 -6.33 7.52 4.02
C GLU A 133 -5.74 8.53 4.99
N LEU A 134 -6.16 9.78 4.87
CA LEU A 134 -5.72 10.83 5.77
C LEU A 134 -6.13 10.51 7.21
N VAL A 135 -7.41 10.21 7.39
CA VAL A 135 -7.94 9.83 8.70
C VAL A 135 -7.20 8.62 9.26
N GLY A 136 -6.99 7.62 8.41
CA GLY A 136 -6.26 6.43 8.81
C GLY A 136 -4.86 6.73 9.31
N SER A 137 -4.14 7.59 8.58
CA SER A 137 -2.78 7.95 8.97
C SER A 137 -2.76 8.78 10.26
N ILE A 138 -3.79 9.59 10.45
CA ILE A 138 -3.94 10.35 11.69
C ILE A 138 -4.15 9.41 12.87
N LEU A 139 -4.99 8.40 12.67
CA LEU A 139 -5.20 7.39 13.69
C LEU A 139 -3.88 6.71 14.04
N ARG A 140 -3.27 6.13 13.03
CA ARG A 140 -2.02 5.40 13.17
C ARG A 140 -0.95 6.21 13.91
N GLY A 141 -0.76 7.46 13.46
CA GLY A 141 0.33 8.28 13.96
C GLY A 141 0.13 9.11 15.21
N CYS A 142 -1.10 9.55 15.47
CA CYS A 142 -1.32 10.55 16.53
C CYS A 142 -2.02 10.00 17.78
N VAL A 143 -3.31 9.70 17.68
CA VAL A 143 -4.07 9.21 18.84
C VAL A 143 -3.40 7.96 19.44
N PRO A 144 -3.03 8.05 20.74
CA PRO A 144 -2.26 6.98 21.37
C PRO A 144 -3.05 5.70 21.59
N GLY A 145 -2.42 4.56 21.36
CA GLY A 145 -3.01 3.28 21.68
C GLY A 145 -3.55 2.47 20.52
N VAL A 146 -3.78 3.12 19.37
CA VAL A 146 -4.27 2.40 18.21
C VAL A 146 -3.12 1.84 17.38
N TYR A 147 -3.23 0.57 17.02
CA TYR A 147 -2.15 -0.11 16.30
C TYR A 147 -2.61 -0.66 14.95
N ARG A 148 -3.58 -1.57 14.94
CA ARG A 148 -4.07 -2.07 13.67
C ARG A 148 -4.95 -1.01 13.03
N VAL A 149 -4.52 -0.52 11.89
CA VAL A 149 -5.30 0.45 11.12
C VAL A 149 -5.35 -0.04 9.69
N GLN A 150 -6.56 -0.33 9.20
CA GLN A 150 -6.73 -0.86 7.88
C GLN A 150 -7.86 -0.13 7.18
N THR A 151 -7.56 0.41 6.01
CA THR A 151 -8.56 1.15 5.26
C THR A 151 -9.36 0.21 4.36
N VAL A 152 -10.68 0.38 4.38
CA VAL A 152 -11.58 -0.42 3.57
C VAL A 152 -12.54 0.49 2.80
N PRO A 153 -12.05 1.05 1.67
CA PRO A 153 -12.86 1.86 0.75
C PRO A 153 -13.85 1.03 -0.07
N SER A 154 -13.62 -0.28 -0.11
CA SER A 154 -14.34 -1.18 -1.01
C SER A 154 -15.81 -1.37 -0.63
N ALA A 155 -16.12 -1.27 0.65
CA ALA A 155 -17.47 -1.52 1.15
C ALA A 155 -18.46 -0.48 0.64
N ARG A 156 -19.76 -0.82 0.69
CA ARG A 156 -20.82 0.11 0.36
C ARG A 156 -20.71 1.35 1.22
N ARG A 157 -20.24 1.15 2.44
CA ARG A 157 -19.93 2.24 3.35
C ARG A 157 -18.46 2.16 3.74
N PRO A 158 -17.60 2.81 2.95
CA PRO A 158 -16.14 2.83 3.15
C PRO A 158 -15.78 3.23 4.57
N VAL A 159 -14.84 2.53 5.18
CA VAL A 159 -14.58 2.71 6.60
C VAL A 159 -13.13 2.40 6.95
N VAL A 160 -12.61 3.01 8.00
CA VAL A 160 -11.27 2.69 8.47
C VAL A 160 -11.34 1.86 9.74
N LYS A 161 -11.02 0.58 9.64
CA LYS A 161 -11.01 -0.29 10.79
C LYS A 161 -9.78 -0.02 11.65
N PHE A 162 -9.98 0.12 12.95
CA PHE A 162 -8.89 0.41 13.87
C PHE A 162 -9.01 -0.46 15.12
N CYS A 163 -7.89 -0.62 15.82
CA CYS A 163 -7.88 -1.41 17.04
C CYS A 163 -7.09 -0.67 18.12
N HIS A 164 -7.76 -0.37 19.23
CA HIS A 164 -7.14 0.33 20.35
C HIS A 164 -6.60 -0.64 21.40
N ARG A 165 -5.28 -0.60 21.61
CA ARG A 165 -4.59 -1.58 22.45
C ARG A 165 -4.87 -1.52 23.96
N PRO A 166 -4.70 -0.34 24.59
CA PRO A 166 -4.85 -0.35 26.05
C PRO A 166 -6.24 -0.75 26.54
N SER A 167 -7.27 -0.33 25.83
CA SER A 167 -8.64 -0.69 26.17
C SER A 167 -9.03 -2.03 25.56
N GLY A 168 -8.23 -2.49 24.60
CA GLY A 168 -8.52 -3.72 23.90
C GLY A 168 -9.74 -3.58 23.00
N LEU A 169 -10.07 -2.35 22.61
CA LEU A 169 -11.26 -2.14 21.80
C LEU A 169 -10.91 -2.22 20.32
N HIS A 170 -11.94 -2.15 19.48
CA HIS A 170 -11.77 -2.11 18.03
C HIS A 170 -13.02 -1.53 17.40
N GLY A 171 -12.90 -1.03 16.18
CA GLY A 171 -14.08 -0.48 15.52
C GLY A 171 -13.86 0.08 14.13
N ASP A 172 -14.85 0.82 13.66
CA ASP A 172 -14.82 1.40 12.34
C ASP A 172 -14.91 2.92 12.43
N VAL A 173 -14.18 3.60 11.56
CA VAL A 173 -14.28 5.04 11.47
C VAL A 173 -14.83 5.40 10.10
N SER A 174 -16.06 5.90 10.07
CA SER A 174 -16.71 6.23 8.81
C SER A 174 -16.68 7.73 8.57
N LEU A 175 -16.24 8.13 7.39
CA LEU A 175 -16.19 9.55 7.07
C LEU A 175 -17.58 10.06 6.75
N SER A 176 -18.30 9.38 5.88
CA SER A 176 -19.72 9.71 5.74
C SER A 176 -20.62 8.51 5.94
N ASN A 177 -21.23 8.42 7.12
CA ASN A 177 -22.49 7.72 7.29
C ASN A 177 -23.32 8.49 8.31
N ARG A 178 -24.33 9.23 7.85
CA ARG A 178 -25.17 9.96 8.80
C ARG A 178 -26.47 9.23 9.10
N LEU A 179 -26.79 8.25 8.27
CA LEU A 179 -28.04 7.52 8.43
C LEU A 179 -27.94 6.60 9.63
N ALA A 180 -26.73 6.07 9.85
CA ALA A 180 -26.47 5.17 10.95
C ALA A 180 -26.77 5.81 12.29
N LEU A 181 -26.42 7.09 12.42
CA LEU A 181 -26.72 7.84 13.63
C LEU A 181 -28.21 7.86 13.90
N HIS A 182 -28.97 8.33 12.93
CA HIS A 182 -30.39 8.56 13.12
C HIS A 182 -31.19 7.28 13.26
N ASN A 183 -30.81 6.24 12.54
CA ASN A 183 -31.55 4.99 12.67
C ASN A 183 -31.12 4.20 13.92
N SER A 184 -29.89 4.42 14.39
CA SER A 184 -29.48 3.83 15.67
C SER A 184 -30.22 4.52 16.81
N ARG A 185 -30.29 5.85 16.75
CA ARG A 185 -31.08 6.60 17.72
C ARG A 185 -32.55 6.20 17.64
N PHE A 186 -32.98 5.81 16.44
CA PHE A 186 -34.32 5.28 16.23
C PHE A 186 -34.50 3.95 16.94
N LEU A 187 -33.47 3.11 16.88
CA LEU A 187 -33.50 1.82 17.57
C LEU A 187 -33.62 2.04 19.08
N SER A 188 -32.74 2.88 19.62
CA SER A 188 -32.77 3.18 21.06
C SER A 188 -34.11 3.77 21.46
N LEU A 189 -34.68 4.58 20.56
CA LEU A 189 -36.02 5.13 20.76
C LEU A 189 -37.05 4.01 20.86
N CYS A 190 -36.93 3.02 19.98
CA CYS A 190 -37.81 1.87 20.00
C CYS A 190 -37.70 1.13 21.34
N SER A 191 -36.47 1.04 21.85
CA SER A 191 -36.26 0.39 23.14
C SER A 191 -36.85 1.23 24.26
N GLU A 192 -36.99 2.53 24.03
CA GLU A 192 -37.62 3.40 25.01
C GLU A 192 -39.16 3.32 24.95
N LEU A 193 -39.69 3.02 23.76
CA LEU A 193 -41.13 3.02 23.54
C LEU A 193 -41.84 1.86 24.23
N ASP A 194 -41.21 0.69 24.24
CA ASP A 194 -41.75 -0.45 24.95
C ASP A 194 -40.61 -1.28 25.55
N GLY A 195 -40.85 -1.85 26.72
CA GLY A 195 -39.81 -2.56 27.44
C GLY A 195 -39.56 -3.99 26.99
N ARG A 196 -40.39 -4.49 26.09
CA ARG A 196 -40.25 -5.86 25.59
C ARG A 196 -39.30 -5.93 24.39
N VAL A 197 -39.05 -4.76 23.80
CA VAL A 197 -38.24 -4.65 22.60
C VAL A 197 -36.83 -5.18 22.82
N ARG A 198 -36.18 -4.70 23.87
CA ARG A 198 -34.80 -5.09 24.14
C ARG A 198 -34.65 -6.60 24.45
N PRO A 199 -35.52 -7.16 25.33
CA PRO A 199 -35.45 -8.62 25.51
C PRO A 199 -35.66 -9.40 24.22
N LEU A 200 -36.66 -9.01 23.44
CA LEU A 200 -36.91 -9.69 22.18
C LEU A 200 -35.70 -9.64 21.25
N VAL A 201 -35.11 -8.46 21.11
CA VAL A 201 -33.99 -8.27 20.20
C VAL A 201 -32.74 -9.02 20.67
N TYR A 202 -32.42 -8.94 21.97
CA TYR A 202 -31.28 -9.67 22.52
C TYR A 202 -31.43 -11.17 22.29
N THR A 203 -32.60 -11.70 22.65
CA THR A 203 -32.89 -13.12 22.50
C THR A 203 -32.77 -13.56 21.05
N LEU A 204 -33.50 -12.88 20.16
CA LEU A 204 -33.52 -13.25 18.75
C LEU A 204 -32.16 -13.08 18.06
N ARG A 205 -31.36 -12.13 18.54
CA ARG A 205 -30.02 -11.91 18.00
C ARG A 205 -29.12 -13.06 18.39
N CYS A 206 -29.13 -13.42 19.68
CA CYS A 206 -28.28 -14.51 20.15
C CYS A 206 -28.71 -15.82 19.49
N TRP A 207 -30.01 -15.94 19.24
CA TRP A 207 -30.57 -17.10 18.58
C TRP A 207 -30.10 -17.19 17.13
N ALA A 208 -30.15 -16.07 16.42
CA ALA A 208 -29.72 -16.03 15.03
C ALA A 208 -28.22 -16.31 14.92
N GLN A 209 -27.45 -15.82 15.88
CA GLN A 209 -26.03 -16.12 15.92
C GLN A 209 -25.82 -17.61 16.13
N GLY A 210 -26.63 -18.19 17.01
CA GLY A 210 -26.55 -19.61 17.27
C GLY A 210 -26.91 -20.46 16.06
N ARG A 211 -27.86 -19.96 15.27
CA ARG A 211 -28.34 -20.69 14.09
C ARG A 211 -27.51 -20.38 12.85
N GLY A 212 -26.67 -19.35 12.94
CA GLY A 212 -25.87 -18.93 11.80
C GLY A 212 -26.71 -18.23 10.75
N LEU A 213 -27.76 -17.57 11.20
CA LEU A 213 -28.63 -16.80 10.31
C LEU A 213 -28.18 -15.35 10.23
N SER A 214 -27.26 -14.96 11.11
CA SER A 214 -26.76 -13.59 11.14
C SER A 214 -25.24 -13.58 11.00
N GLY A 215 -24.73 -12.57 10.28
CA GLY A 215 -23.31 -12.47 10.04
C GLY A 215 -22.96 -11.37 9.04
N SER A 216 -21.67 -11.25 8.74
CA SER A 216 -21.18 -10.21 7.85
C SER A 216 -21.13 -10.68 6.40
N GLY A 217 -21.61 -11.90 6.16
CA GLY A 217 -21.66 -12.46 4.83
C GLY A 217 -23.01 -12.22 4.19
N PRO A 218 -23.49 -13.19 3.39
CA PRO A 218 -24.84 -13.17 2.83
C PRO A 218 -25.91 -13.22 3.93
N LEU A 219 -25.50 -13.55 5.14
CA LEU A 219 -26.41 -13.61 6.29
C LEU A 219 -26.94 -12.23 6.67
N LEU A 220 -28.04 -12.21 7.41
CA LEU A 220 -28.65 -10.97 7.87
C LEU A 220 -27.75 -10.22 8.84
N SER A 221 -27.59 -8.92 8.61
CA SER A 221 -26.88 -8.07 9.56
C SER A 221 -27.71 -7.88 10.81
N ASN A 222 -27.05 -7.55 11.92
CA ASN A 222 -27.75 -7.35 13.19
C ASN A 222 -28.75 -6.21 13.07
N TYR A 223 -28.43 -5.23 12.24
CA TYR A 223 -29.34 -4.12 11.95
C TYR A 223 -30.56 -4.63 11.21
N ALA A 224 -30.33 -5.50 10.24
CA ALA A 224 -31.42 -6.08 9.47
C ALA A 224 -32.32 -6.93 10.35
N LEU A 225 -31.71 -7.75 11.20
CA LEU A 225 -32.48 -8.60 12.11
C LEU A 225 -33.28 -7.77 13.10
N THR A 226 -32.65 -6.73 13.64
CA THR A 226 -33.32 -5.82 14.56
C THR A 226 -34.52 -5.16 13.87
N LEU A 227 -34.31 -4.70 12.64
CA LEU A 227 -35.38 -4.10 11.84
C LEU A 227 -36.50 -5.11 11.59
N LEU A 228 -36.13 -6.38 11.49
CA LEU A 228 -37.11 -7.44 11.28
C LEU A 228 -37.95 -7.60 12.54
N VAL A 229 -37.29 -7.59 13.71
CA VAL A 229 -37.99 -7.70 14.98
C VAL A 229 -38.94 -6.52 15.20
N ILE A 230 -38.45 -5.31 14.95
CA ILE A 230 -39.24 -4.10 15.08
C ILE A 230 -40.44 -4.13 14.15
N TYR A 231 -40.20 -4.49 12.89
CA TYR A 231 -41.28 -4.60 11.93
C TYR A 231 -42.32 -5.62 12.39
N PHE A 232 -41.87 -6.73 12.95
CA PHE A 232 -42.78 -7.72 13.49
C PHE A 232 -43.64 -7.12 14.59
N LEU A 233 -43.00 -6.33 15.45
CA LEU A 233 -43.72 -5.70 16.56
C LEU A 233 -44.67 -4.60 16.10
N GLN A 234 -44.42 -4.05 14.92
CA GLN A 234 -45.29 -3.02 14.35
C GLN A 234 -46.55 -3.60 13.74
N THR A 235 -46.47 -4.87 13.35
CA THR A 235 -47.56 -5.52 12.60
C THR A 235 -48.53 -6.30 13.50
N ARG A 236 -48.33 -6.24 14.81
CA ARG A 236 -49.20 -6.96 15.73
C ARG A 236 -50.56 -6.27 15.78
N ASP A 237 -51.61 -7.05 15.99
CA ASP A 237 -52.98 -6.51 15.97
C ASP A 237 -53.15 -5.43 17.05
N PRO A 238 -52.70 -5.69 18.28
CA PRO A 238 -52.39 -4.57 19.19
C PRO A 238 -50.94 -4.11 19.01
N PRO A 239 -50.67 -3.19 18.05
CA PRO A 239 -49.29 -2.88 17.66
C PRO A 239 -48.38 -2.52 18.83
N VAL A 240 -47.22 -3.18 18.88
CA VAL A 240 -46.26 -2.97 19.97
C VAL A 240 -45.49 -1.67 19.78
N LEU A 241 -45.04 -1.45 18.56
CA LEU A 241 -44.33 -0.22 18.23
C LEU A 241 -45.07 0.55 17.15
N PRO A 242 -45.09 1.88 17.26
CA PRO A 242 -45.71 2.70 16.21
C PRO A 242 -44.86 2.69 14.95
N THR A 243 -45.48 2.92 13.80
CA THR A 243 -44.75 2.94 12.54
C THR A 243 -43.91 4.20 12.46
N VAL A 244 -42.89 4.17 11.61
CA VAL A 244 -41.99 5.30 11.46
C VAL A 244 -42.72 6.51 10.85
N SER A 245 -43.76 6.23 10.06
CA SER A 245 -44.58 7.29 9.49
C SER A 245 -45.31 8.04 10.60
N GLN A 246 -45.79 7.28 11.58
CA GLN A 246 -46.47 7.85 12.73
C GLN A 246 -45.51 8.68 13.59
N LEU A 247 -44.28 8.20 13.74
CA LEU A 247 -43.28 8.94 14.49
C LEU A 247 -42.88 10.23 13.79
N THR A 248 -42.77 10.18 12.47
CA THR A 248 -42.41 11.37 11.70
C THR A 248 -43.53 12.40 11.70
N GLN A 249 -44.76 11.95 11.49
CA GLN A 249 -45.90 12.86 11.48
C GLN A 249 -46.19 13.40 12.88
N LYS A 250 -45.94 12.60 13.91
CA LYS A 250 -46.07 13.06 15.29
C LYS A 250 -44.89 13.96 15.61
N ALA A 251 -43.72 13.33 15.73
CA ALA A 251 -42.46 14.04 15.91
C ALA A 251 -42.53 15.13 16.97
N GLY A 252 -42.17 16.34 16.54
CA GLY A 252 -42.19 17.50 17.40
C GLY A 252 -41.46 18.62 16.70
N GLU A 253 -41.65 19.83 17.20
CA GLU A 253 -41.05 21.02 16.61
C GLU A 253 -39.57 21.20 16.89
N GLY A 254 -38.81 21.49 15.85
CA GLY A 254 -37.37 21.63 15.98
C GLY A 254 -36.62 20.33 15.75
N GLU A 255 -37.38 19.27 15.51
CA GLU A 255 -36.81 17.94 15.29
C GLU A 255 -36.58 17.61 13.81
N GLN A 256 -36.80 18.58 12.92
CA GLN A 256 -36.57 18.34 11.49
C GLN A 256 -35.11 18.18 11.12
N VAL A 257 -34.81 17.03 10.52
CA VAL A 257 -33.48 16.73 10.02
C VAL A 257 -33.63 15.93 8.73
N GLU A 258 -32.90 16.34 7.69
CA GLU A 258 -32.93 15.61 6.42
C GLU A 258 -31.53 15.15 6.07
N VAL A 259 -31.39 13.86 5.80
CA VAL A 259 -30.09 13.31 5.45
C VAL A 259 -30.16 12.59 4.11
N ASP A 260 -29.36 13.07 3.16
CA ASP A 260 -29.29 12.51 1.81
C ASP A 260 -30.65 12.46 1.12
N GLY A 261 -31.50 13.44 1.41
CA GLY A 261 -32.80 13.55 0.79
C GLY A 261 -33.89 12.72 1.46
N TRP A 262 -33.56 12.12 2.60
CA TRP A 262 -34.50 11.28 3.32
C TRP A 262 -34.83 11.88 4.68
N ASP A 263 -36.09 11.77 5.09
CA ASP A 263 -36.53 12.39 6.34
C ASP A 263 -36.24 11.48 7.53
N CYS A 264 -35.35 11.95 8.40
CA CYS A 264 -34.91 11.19 9.57
C CYS A 264 -35.65 11.59 10.84
N SER A 265 -36.66 12.44 10.70
CA SER A 265 -37.33 13.06 11.84
C SER A 265 -38.17 12.09 12.68
N PHE A 266 -37.84 12.02 13.97
CA PHE A 266 -38.61 11.25 14.96
C PHE A 266 -38.53 11.94 16.32
N PRO A 267 -39.52 11.70 17.21
CA PRO A 267 -39.48 12.25 18.57
C PRO A 267 -38.24 11.79 19.33
N ARG A 268 -37.69 12.67 20.17
CA ARG A 268 -36.46 12.36 20.89
C ARG A 268 -36.72 11.74 22.27
N ASP A 269 -37.98 11.76 22.70
CA ASP A 269 -38.36 11.17 23.98
C ASP A 269 -39.61 10.31 23.84
N ALA A 270 -39.64 9.19 24.56
CA ALA A 270 -40.77 8.27 24.53
C ALA A 270 -41.94 8.76 25.36
N SER A 271 -41.73 9.83 26.12
CA SER A 271 -42.75 10.36 27.02
C SER A 271 -43.96 10.95 26.30
N ARG A 272 -43.72 11.62 25.18
CA ARG A 272 -44.80 12.27 24.44
C ARG A 272 -45.66 11.28 23.65
N LEU A 273 -45.17 10.06 23.51
CA LEU A 273 -45.90 9.03 22.78
C LEU A 273 -46.64 8.10 23.74
N GLU A 274 -47.88 7.77 23.39
CA GLU A 274 -48.71 6.91 24.22
C GLU A 274 -48.19 5.47 24.18
N PRO A 275 -48.32 4.76 25.30
CA PRO A 275 -47.85 3.37 25.41
C PRO A 275 -48.61 2.40 24.49
N SER A 276 -48.19 1.14 24.52
CA SER A 276 -48.81 0.13 23.67
C SER A 276 -50.01 -0.50 24.36
N ILE A 277 -51.05 -0.78 23.59
CA ILE A 277 -52.24 -1.43 24.13
C ILE A 277 -52.08 -2.95 24.12
N ASN A 278 -50.91 -3.40 23.66
CA ASN A 278 -50.62 -4.83 23.62
C ASN A 278 -50.29 -5.37 25.00
N VAL A 279 -51.05 -6.35 25.45
CA VAL A 279 -50.85 -6.94 26.78
C VAL A 279 -50.04 -8.24 26.72
N GLU A 280 -49.71 -8.67 25.51
CA GLU A 280 -49.00 -9.94 25.30
C GLU A 280 -47.66 -9.97 26.02
N PRO A 281 -47.37 -11.09 26.70
CA PRO A 281 -46.08 -11.27 27.38
C PRO A 281 -44.95 -11.57 26.41
N LEU A 282 -43.73 -11.70 26.93
CA LEU A 282 -42.55 -11.91 26.09
C LEU A 282 -42.55 -13.22 25.32
N SER A 283 -42.84 -14.31 26.03
CA SER A 283 -42.84 -15.65 25.42
C SER A 283 -43.82 -15.74 24.26
N SER A 284 -45.03 -15.24 24.46
CA SER A 284 -46.05 -15.23 23.43
C SER A 284 -45.59 -14.43 22.21
N LEU A 285 -44.96 -13.28 22.45
CA LEU A 285 -44.46 -12.45 21.36
C LEU A 285 -43.32 -13.12 20.61
N LEU A 286 -42.54 -13.93 21.33
CA LEU A 286 -41.43 -14.67 20.72
C LEU A 286 -41.96 -15.75 19.78
N ALA A 287 -42.87 -16.57 20.30
CA ALA A 287 -43.49 -17.63 19.51
C ALA A 287 -44.20 -17.04 18.30
N GLN A 288 -44.92 -15.95 18.55
CA GLN A 288 -45.62 -15.24 17.48
C GLN A 288 -44.64 -14.73 16.44
N PHE A 289 -43.44 -14.32 16.88
CA PHE A 289 -42.41 -13.87 15.95
C PHE A 289 -42.00 -15.00 15.02
N PHE A 290 -41.55 -16.10 15.62
CA PHE A 290 -41.11 -17.26 14.83
C PHE A 290 -42.17 -17.67 13.82
N SER A 291 -43.39 -17.84 14.32
CA SER A 291 -44.51 -18.22 13.46
C SER A 291 -44.72 -17.22 12.32
N ALA A 292 -44.71 -15.94 12.67
CA ALA A 292 -44.96 -14.87 11.69
C ALA A 292 -43.94 -14.88 10.57
N VAL A 293 -42.66 -14.79 10.92
CA VAL A 293 -41.63 -14.74 9.91
C VAL A 293 -41.52 -16.05 9.12
N SER A 294 -41.95 -17.16 9.73
CA SER A 294 -41.94 -18.42 9.00
C SER A 294 -43.08 -18.50 7.99
N SER A 295 -44.20 -17.86 8.30
CA SER A 295 -45.38 -17.95 7.44
C SER A 295 -45.47 -16.84 6.40
N TRP A 296 -44.58 -15.87 6.49
CA TRP A 296 -44.61 -14.72 5.57
C TRP A 296 -44.13 -15.08 4.18
N ASP A 297 -44.50 -14.26 3.20
CA ASP A 297 -43.97 -14.41 1.85
C ASP A 297 -42.86 -13.40 1.65
N LEU A 298 -41.62 -13.91 1.61
CA LEU A 298 -40.45 -13.05 1.63
C LEU A 298 -40.12 -12.46 0.26
N ARG A 299 -40.24 -13.28 -0.77
CA ARG A 299 -39.89 -12.86 -2.13
C ARG A 299 -40.88 -11.87 -2.70
N GLY A 300 -42.15 -12.07 -2.37
CA GLY A 300 -43.21 -11.26 -2.95
C GLY A 300 -43.58 -10.04 -2.13
N SER A 301 -42.89 -9.84 -1.01
CA SER A 301 -43.22 -8.73 -0.13
C SER A 301 -42.01 -7.90 0.29
N LEU A 302 -42.13 -6.59 0.12
CA LEU A 302 -41.21 -5.61 0.68
C LEU A 302 -41.77 -5.13 2.01
N LEU A 303 -41.10 -5.47 3.10
CA LEU A 303 -41.56 -5.10 4.43
C LEU A 303 -41.16 -3.66 4.74
N SER A 304 -42.16 -2.81 4.96
CA SER A 304 -41.89 -1.41 5.24
C SER A 304 -42.10 -1.10 6.71
N LEU A 305 -41.04 -0.62 7.35
CA LEU A 305 -41.12 -0.19 8.74
C LEU A 305 -41.73 1.18 8.82
N ARG A 306 -41.53 1.95 7.76
CA ARG A 306 -42.11 3.28 7.68
C ARG A 306 -43.62 3.18 7.71
N GLU A 307 -44.17 2.33 6.86
CA GLU A 307 -45.61 2.17 6.78
C GLU A 307 -46.12 1.08 7.71
N GLY A 308 -45.20 0.31 8.30
CA GLY A 308 -45.55 -0.79 9.16
C GLY A 308 -46.40 -1.82 8.43
N GLN A 309 -46.01 -2.13 7.19
CA GLN A 309 -46.87 -2.94 6.33
C GLN A 309 -46.08 -3.73 5.29
N ALA A 310 -46.65 -4.83 4.82
CA ALA A 310 -46.02 -5.62 3.77
C ALA A 310 -46.55 -5.19 2.40
N LEU A 311 -45.67 -4.59 1.59
CA LEU A 311 -46.06 -4.12 0.26
C LEU A 311 -45.65 -5.11 -0.83
N PRO A 312 -46.63 -5.58 -1.63
CA PRO A 312 -46.36 -6.59 -2.65
C PRO A 312 -45.37 -6.13 -3.74
N VAL A 313 -44.39 -6.98 -4.02
CA VAL A 313 -43.36 -6.74 -5.04
C VAL A 313 -43.98 -6.94 -6.44
N ALA A 314 -45.25 -7.32 -6.45
CA ALA A 314 -45.94 -7.81 -7.64
C ALA A 314 -46.45 -6.64 -8.49
N GLY A 315 -45.99 -5.44 -8.17
CA GLY A 315 -46.52 -4.20 -8.73
C GLY A 315 -47.41 -3.50 -7.72
N GLY A 316 -47.15 -3.82 -6.46
CA GLY A 316 -47.76 -3.16 -5.32
C GLY A 316 -46.69 -2.28 -4.69
N LEU A 317 -45.75 -1.85 -5.53
CA LEU A 317 -44.60 -1.07 -5.11
C LEU A 317 -44.59 0.31 -5.79
N PRO A 318 -45.24 1.29 -5.14
CA PRO A 318 -45.51 2.66 -5.58
C PRO A 318 -44.23 3.47 -5.73
N SER A 319 -44.35 4.60 -6.42
CA SER A 319 -43.23 5.49 -6.75
C SER A 319 -42.24 4.81 -7.68
N ASN A 320 -42.74 3.90 -8.50
CA ASN A 320 -41.92 3.24 -9.52
C ASN A 320 -40.71 2.50 -8.97
N LEU A 321 -40.80 1.98 -7.75
CA LEU A 321 -39.63 1.34 -7.12
C LEU A 321 -38.50 2.32 -6.90
N TRP A 322 -38.52 3.02 -5.75
CA TRP A 322 -37.65 4.17 -5.51
C TRP A 322 -36.25 3.80 -5.95
N GLU A 323 -35.66 4.67 -6.77
CA GLU A 323 -34.48 4.31 -7.53
C GLU A 323 -33.30 3.94 -6.64
N GLY A 324 -32.75 2.76 -6.90
CA GLY A 324 -31.64 2.23 -6.12
C GLY A 324 -32.07 1.14 -5.16
N LEU A 325 -33.32 0.71 -5.26
CA LEU A 325 -33.83 -0.32 -4.36
C LEU A 325 -33.66 -1.72 -4.93
N ARG A 326 -32.78 -2.50 -4.33
CA ARG A 326 -32.50 -3.85 -4.79
C ARG A 326 -33.56 -4.81 -4.26
N LEU A 327 -34.06 -5.67 -5.14
CA LEU A 327 -35.07 -6.64 -4.75
C LEU A 327 -34.52 -8.05 -4.83
N GLY A 328 -35.00 -8.92 -3.95
CA GLY A 328 -34.44 -10.26 -3.84
C GLY A 328 -35.19 -11.18 -2.89
N PRO A 329 -34.52 -12.25 -2.44
CA PRO A 329 -35.08 -13.29 -1.58
C PRO A 329 -35.73 -12.73 -0.32
N LEU A 330 -35.15 -11.65 0.19
CA LEU A 330 -35.70 -10.97 1.35
C LEU A 330 -35.68 -9.47 1.13
N ASN A 331 -36.83 -8.83 1.27
CA ASN A 331 -36.91 -7.39 1.08
C ASN A 331 -37.37 -6.68 2.34
N LEU A 332 -36.44 -5.93 2.93
CA LEU A 332 -36.70 -5.20 4.16
C LEU A 332 -36.29 -3.75 3.98
N GLN A 333 -37.26 -2.86 4.03
CA GLN A 333 -37.02 -1.45 3.73
C GLN A 333 -36.52 -0.69 4.95
N ASP A 334 -35.44 0.06 4.77
CA ASP A 334 -34.94 0.94 5.82
C ASP A 334 -36.02 1.96 6.14
N PRO A 335 -36.24 2.24 7.42
CA PRO A 335 -37.28 3.16 7.88
C PRO A 335 -37.10 4.59 7.38
N PHE A 336 -35.91 4.91 6.91
CA PHE A 336 -35.57 6.29 6.54
C PHE A 336 -35.16 6.37 5.07
N ASP A 337 -34.12 5.65 4.68
CA ASP A 337 -33.73 5.60 3.28
C ASP A 337 -34.54 4.49 2.63
N LEU A 338 -35.50 4.88 1.80
CA LEU A 338 -36.46 3.94 1.24
C LEU A 338 -35.91 3.25 0.01
N SER A 339 -34.81 3.79 -0.52
CA SER A 339 -34.17 3.23 -1.68
C SER A 339 -33.15 2.19 -1.24
N HIS A 340 -33.11 1.96 0.07
CA HIS A 340 -32.15 1.02 0.63
C HIS A 340 -32.83 -0.22 1.21
N ASN A 341 -32.50 -1.38 0.64
CA ASN A 341 -32.89 -2.64 1.21
C ASN A 341 -31.79 -3.17 2.11
N VAL A 342 -32.05 -3.22 3.41
CA VAL A 342 -31.05 -3.64 4.39
C VAL A 342 -30.78 -5.13 4.28
N ALA A 343 -31.73 -5.85 3.66
CA ALA A 343 -31.62 -7.28 3.46
C ALA A 343 -31.12 -7.63 2.07
N ALA A 344 -30.77 -6.62 1.28
CA ALA A 344 -30.40 -6.82 -0.12
C ALA A 344 -29.20 -7.75 -0.28
N ASN A 345 -28.44 -7.90 0.79
CA ASN A 345 -27.27 -8.79 0.78
C ASN A 345 -27.64 -10.25 1.05
N VAL A 346 -28.89 -10.48 1.47
CA VAL A 346 -29.33 -11.81 1.83
C VAL A 346 -29.67 -12.67 0.61
N THR A 347 -29.00 -13.80 0.48
CA THR A 347 -29.23 -14.71 -0.64
C THR A 347 -30.44 -15.59 -0.40
N SER A 348 -30.76 -16.44 -1.37
CA SER A 348 -31.92 -17.32 -1.27
C SER A 348 -31.75 -18.39 -0.21
N ARG A 349 -30.53 -18.94 -0.13
CA ARG A 349 -30.22 -19.97 0.85
C ARG A 349 -30.45 -19.48 2.26
N VAL A 350 -29.96 -18.28 2.55
CA VAL A 350 -30.07 -17.68 3.86
C VAL A 350 -31.53 -17.40 4.24
N ALA A 351 -32.31 -16.91 3.27
CA ALA A 351 -33.72 -16.62 3.51
C ALA A 351 -34.50 -17.90 3.79
N GLY A 352 -34.26 -18.92 2.97
CA GLY A 352 -34.90 -20.21 3.13
C GLY A 352 -34.57 -20.83 4.47
N ARG A 353 -33.28 -20.80 4.83
CA ARG A 353 -32.83 -21.34 6.11
C ARG A 353 -33.42 -20.54 7.26
N LEU A 354 -33.62 -19.24 7.04
CA LEU A 354 -34.24 -18.39 8.04
C LEU A 354 -35.65 -18.89 8.31
N GLN A 355 -36.45 -19.02 7.24
CA GLN A 355 -37.82 -19.48 7.39
C GLN A 355 -37.91 -20.88 7.98
N ASN A 356 -36.98 -21.76 7.60
CA ASN A 356 -36.96 -23.12 8.15
C ASN A 356 -36.66 -23.14 9.64
N CYS A 357 -35.58 -22.48 10.05
CA CYS A 357 -35.19 -22.45 11.46
C CYS A 357 -36.26 -21.75 12.30
N CYS A 358 -36.93 -20.76 11.70
CA CYS A 358 -38.03 -20.08 12.36
C CYS A 358 -39.26 -20.97 12.50
N ARG A 359 -39.47 -21.84 11.52
CA ARG A 359 -40.57 -22.78 11.57
C ARG A 359 -40.32 -23.83 12.65
N ALA A 360 -39.10 -24.33 12.71
CA ALA A 360 -38.70 -25.30 13.72
C ALA A 360 -38.74 -24.69 15.12
N ALA A 361 -38.31 -23.43 15.22
CA ALA A 361 -38.35 -22.71 16.49
C ALA A 361 -39.78 -22.44 16.94
N ALA A 362 -40.66 -22.17 15.97
CA ALA A 362 -42.08 -21.97 16.27
C ALA A 362 -42.72 -23.27 16.75
N ASN A 363 -42.34 -24.38 16.12
CA ASN A 363 -42.79 -25.68 16.56
C ASN A 363 -42.30 -25.99 17.97
N TYR A 364 -41.08 -25.57 18.27
CA TYR A 364 -40.54 -25.76 19.61
C TYR A 364 -41.27 -24.91 20.63
N CYS A 365 -41.69 -23.72 20.22
CA CYS A 365 -42.36 -22.80 21.12
C CYS A 365 -43.76 -23.28 21.52
N ARG A 366 -44.30 -24.22 20.74
CA ARG A 366 -45.61 -24.78 21.06
C ARG A 366 -45.46 -26.01 21.96
N SER A 367 -44.22 -26.45 22.14
CA SER A 367 -43.92 -27.61 22.96
C SER A 367 -44.07 -27.29 24.44
N LEU A 368 -44.13 -28.33 25.27
CA LEU A 368 -44.31 -28.16 26.70
C LEU A 368 -43.01 -27.73 27.36
N GLN A 369 -41.89 -28.17 26.80
CA GLN A 369 -40.57 -27.86 27.35
C GLN A 369 -40.32 -26.36 27.38
N TYR A 370 -40.82 -25.68 26.36
CA TYR A 370 -40.68 -24.23 26.27
C TYR A 370 -41.57 -23.53 27.29
N GLN A 371 -42.86 -23.88 27.26
CA GLN A 371 -43.85 -23.25 28.13
C GLN A 371 -43.53 -23.43 29.61
N ARG A 372 -43.63 -24.66 30.10
CA ARG A 372 -43.41 -24.93 31.52
C ARG A 372 -41.92 -24.97 31.84
N ARG A 373 -41.59 -24.59 33.07
CA ARG A 373 -40.20 -24.58 33.52
C ARG A 373 -39.72 -26.01 33.78
N SER A 374 -38.43 -26.15 34.09
CA SER A 374 -37.91 -27.42 34.56
C SER A 374 -37.20 -27.21 35.89
N SER A 375 -37.16 -28.22 36.75
CA SER A 375 -36.52 -28.04 38.06
C SER A 375 -35.01 -28.10 37.99
N ARG A 376 -34.46 -29.29 37.79
CA ARG A 376 -33.02 -29.48 37.54
C ARG A 376 -32.67 -29.76 36.08
N GLY A 377 -33.68 -29.87 35.22
CA GLY A 377 -33.42 -29.96 33.78
C GLY A 377 -32.67 -28.75 33.31
N ARG A 378 -31.51 -28.99 32.72
CA ARG A 378 -30.70 -27.90 32.18
C ARG A 378 -31.31 -27.25 30.95
N ASP A 379 -32.00 -28.02 30.11
CA ASP A 379 -32.60 -27.41 28.93
C ASP A 379 -34.12 -27.22 29.00
N TRP A 380 -34.53 -25.99 29.32
CA TRP A 380 -35.93 -25.61 29.30
C TRP A 380 -36.07 -24.18 28.78
N GLY A 381 -37.24 -23.83 28.25
CA GLY A 381 -37.52 -22.47 27.86
C GLY A 381 -36.64 -21.90 26.76
N LEU A 382 -35.97 -20.80 27.07
CA LEU A 382 -35.15 -20.06 26.10
C LEU A 382 -33.89 -20.80 25.67
N LEU A 383 -33.40 -21.69 26.52
CA LEU A 383 -32.07 -22.26 26.37
C LEU A 383 -31.84 -23.08 25.09
N PRO A 384 -32.81 -23.93 24.69
CA PRO A 384 -32.56 -24.65 23.44
C PRO A 384 -32.49 -23.75 22.21
N LEU A 385 -33.15 -22.59 22.27
CA LEU A 385 -33.08 -21.62 21.19
C LEU A 385 -31.70 -20.96 21.20
N LEU A 386 -31.20 -20.72 22.40
CA LEU A 386 -29.92 -20.04 22.57
C LEU A 386 -28.76 -21.00 22.37
N GLN A 387 -29.04 -22.31 22.47
CA GLN A 387 -28.03 -23.32 22.19
C GLN A 387 -27.62 -23.20 20.74
N PRO A 388 -26.30 -23.20 20.48
CA PRO A 388 -25.81 -23.05 19.11
C PRO A 388 -26.19 -24.24 18.23
N SER A 389 -26.22 -24.03 16.93
CA SER A 389 -26.60 -25.07 15.99
C SER A 389 -25.41 -26.03 15.79
N SER A 390 -25.70 -27.25 15.37
CA SER A 390 -24.65 -28.24 15.13
C SER A 390 -23.65 -27.73 14.10
N PRO A 391 -22.35 -27.97 14.33
CA PRO A 391 -21.30 -27.57 13.39
C PRO A 391 -21.51 -28.18 12.00
N SER A 392 -22.09 -29.37 11.96
CA SER A 392 -22.41 -30.02 10.69
C SER A 392 -23.50 -29.24 9.95
N SER A 393 -24.52 -28.81 10.68
CA SER A 393 -25.59 -28.03 10.10
C SER A 393 -25.05 -26.68 9.65
N LEU A 394 -24.20 -26.09 10.50
CA LEU A 394 -23.61 -24.79 10.23
C LEU A 394 -22.74 -24.84 8.97
N LEU A 395 -22.01 -25.94 8.79
CA LEU A 395 -21.13 -26.07 7.63
C LEU A 395 -21.89 -26.45 6.36
N SER A 396 -22.96 -27.22 6.51
CA SER A 396 -23.81 -27.53 5.37
C SER A 396 -24.54 -26.26 4.94
N ALA A 397 -24.68 -25.33 5.86
CA ALA A 397 -25.28 -24.02 5.60
C ALA A 397 -24.37 -23.16 4.73
N THR A 398 -23.10 -23.05 5.11
CA THR A 398 -22.16 -22.25 4.33
C THR A 398 -21.75 -23.00 3.06
N PRO A 399 -21.89 -22.34 1.90
CA PRO A 399 -21.53 -22.93 0.61
C PRO A 399 -20.04 -22.85 0.29
N ILE A 400 -19.64 -23.45 -0.83
CA ILE A 400 -18.25 -23.44 -1.26
C ILE A 400 -18.10 -22.71 -2.59
N PRO A 401 -17.37 -21.58 -2.58
CA PRO A 401 -17.15 -20.78 -3.78
C PRO A 401 -16.40 -21.56 -4.86
N LEU A 402 -16.88 -21.48 -6.10
CA LEU A 402 -16.21 -22.14 -7.21
C LEU A 402 -15.82 -21.12 -8.26
N PRO A 403 -14.68 -21.36 -8.95
CA PRO A 403 -14.17 -20.45 -9.98
C PRO A 403 -15.15 -20.20 -11.13
N LEU A 404 -14.98 -19.07 -11.82
CA LEU A 404 -15.81 -18.74 -12.96
C LEU A 404 -15.65 -19.79 -14.04
N ALA A 405 -16.77 -20.28 -14.56
CA ALA A 405 -16.81 -21.32 -15.57
C ALA A 405 -18.25 -21.56 -15.99
N PRO A 406 -18.46 -21.97 -17.25
CA PRO A 406 -19.79 -22.34 -17.71
C PRO A 406 -20.41 -23.42 -16.82
N PHE A 407 -21.70 -23.31 -16.54
CA PHE A 407 -22.38 -24.21 -15.61
C PHE A 407 -22.22 -25.68 -15.96
N THR A 408 -22.44 -26.03 -17.21
CA THR A 408 -22.35 -27.42 -17.66
C THR A 408 -20.94 -27.98 -17.49
N GLN A 409 -19.96 -27.22 -17.99
CA GLN A 409 -18.56 -27.62 -17.91
C GLN A 409 -18.12 -27.73 -16.45
N LEU A 410 -18.64 -26.84 -15.61
CA LEU A 410 -18.31 -26.82 -14.19
C LEU A 410 -18.88 -28.02 -13.46
N THR A 411 -20.12 -28.39 -13.78
CA THR A 411 -20.75 -29.55 -13.15
C THR A 411 -20.08 -30.84 -13.57
N ALA A 412 -19.78 -30.96 -14.87
CA ALA A 412 -19.07 -32.14 -15.38
C ALA A 412 -17.70 -32.24 -14.72
N ALA A 413 -17.05 -31.09 -14.59
CA ALA A 413 -15.76 -31.02 -13.91
C ALA A 413 -15.89 -31.56 -12.49
N LEU A 414 -16.90 -31.08 -11.77
CA LEU A 414 -17.12 -31.51 -10.38
C LEU A 414 -17.35 -33.01 -10.26
N VAL A 415 -18.23 -33.57 -11.08
CA VAL A 415 -18.50 -35.00 -10.97
C VAL A 415 -17.25 -35.79 -11.36
N GLN A 416 -16.38 -35.19 -12.17
CA GLN A 416 -15.09 -35.81 -12.44
C GLN A 416 -14.19 -35.74 -11.20
N VAL A 417 -14.29 -34.65 -10.45
CA VAL A 417 -13.48 -34.47 -9.25
C VAL A 417 -13.90 -35.43 -8.14
N PHE A 418 -15.19 -35.74 -8.08
CA PHE A 418 -15.69 -36.70 -7.10
C PHE A 418 -15.46 -38.14 -7.52
N ARG A 419 -15.71 -38.42 -8.80
CA ARG A 419 -15.55 -39.77 -9.35
C ARG A 419 -14.12 -40.30 -9.15
N GLU A 420 -13.17 -39.72 -9.88
CA GLU A 420 -11.76 -40.00 -9.64
C GLU A 420 -11.21 -38.89 -8.74
N ALA A 421 -9.94 -39.02 -8.35
CA ALA A 421 -9.26 -38.08 -7.44
C ALA A 421 -9.83 -38.11 -6.02
N LEU A 422 -11.01 -38.70 -5.88
CA LEU A 422 -11.64 -38.95 -4.60
C LEU A 422 -12.34 -40.30 -4.71
N GLY A 423 -12.41 -41.04 -3.61
CA GLY A 423 -12.97 -42.38 -3.66
C GLY A 423 -14.48 -42.41 -3.73
N CYS A 424 -15.08 -41.26 -4.00
CA CYS A 424 -16.53 -41.11 -3.97
C CYS A 424 -17.26 -41.97 -4.99
N HIS A 425 -18.33 -42.62 -4.51
CA HIS A 425 -19.28 -43.27 -5.39
C HIS A 425 -20.47 -42.34 -5.55
N ILE A 426 -20.66 -41.81 -6.77
CA ILE A 426 -21.67 -40.79 -7.00
C ILE A 426 -22.80 -41.29 -7.87
N GLU A 427 -23.98 -40.73 -7.64
CA GLU A 427 -25.14 -41.05 -8.47
C GLU A 427 -26.12 -39.88 -8.48
N GLN A 428 -26.90 -39.76 -9.55
CA GLN A 428 -27.82 -38.64 -9.71
C GLN A 428 -28.96 -38.69 -8.70
N SER A 454 -30.65 -26.26 -11.19
CA SER A 454 -29.52 -26.64 -10.34
C SER A 454 -29.19 -28.12 -10.48
N ALA A 455 -27.95 -28.48 -10.15
CA ALA A 455 -27.51 -29.87 -10.26
C ALA A 455 -27.18 -30.44 -8.88
N SER A 456 -27.44 -31.73 -8.69
CA SER A 456 -27.18 -32.36 -7.41
C SER A 456 -26.73 -33.81 -7.56
N TRP A 457 -25.79 -34.23 -6.72
CA TRP A 457 -25.26 -35.58 -6.77
C TRP A 457 -25.15 -36.18 -5.37
N ARG A 458 -25.42 -37.47 -5.27
CA ARG A 458 -25.32 -38.18 -4.00
C ARG A 458 -24.02 -38.97 -4.00
N CYS A 459 -23.13 -38.65 -3.05
CA CYS A 459 -21.80 -39.23 -2.99
C CYS A 459 -21.59 -40.08 -1.73
N ALA A 460 -20.79 -41.14 -1.85
CA ALA A 460 -20.48 -42.00 -0.72
C ALA A 460 -18.98 -42.31 -0.61
N LEU A 461 -18.49 -42.38 0.63
CA LEU A 461 -17.09 -42.64 0.92
C LEU A 461 -16.91 -43.69 2.01
N TRP A 462 -16.09 -44.70 1.73
CA TRP A 462 -15.79 -45.73 2.71
C TRP A 462 -14.43 -45.52 3.38
N HIS A 463 -13.74 -44.44 2.99
CA HIS A 463 -12.38 -44.21 3.44
C HIS A 463 -12.20 -42.75 3.85
N ARG A 464 -11.09 -42.43 4.53
CA ARG A 464 -10.82 -41.05 4.85
C ARG A 464 -9.98 -40.49 3.72
N VAL A 465 -10.61 -39.72 2.83
CA VAL A 465 -9.91 -39.13 1.71
C VAL A 465 -9.28 -37.81 2.12
N TRP A 466 -9.96 -37.13 3.04
CA TRP A 466 -9.61 -35.77 3.42
C TRP A 466 -8.35 -35.67 4.28
N GLN A 467 -7.79 -36.80 4.68
CA GLN A 467 -6.61 -36.75 5.54
C GLN A 467 -5.53 -37.73 5.14
N GLY A 468 -4.28 -37.29 5.27
CA GLY A 468 -3.13 -38.14 5.01
C GLY A 468 -2.60 -38.07 3.59
N ARG A 469 -3.10 -37.11 2.81
CA ARG A 469 -2.69 -37.02 1.41
C ARG A 469 -1.23 -36.57 1.24
N ARG A 470 -0.71 -35.85 2.23
CA ARG A 470 0.69 -35.43 2.19
C ARG A 470 1.61 -36.65 2.24
N ARG A 471 1.43 -37.49 3.24
CA ARG A 471 2.20 -38.72 3.37
C ARG A 471 2.04 -39.61 2.14
N ALA A 472 0.83 -39.63 1.58
CA ALA A 472 0.53 -40.45 0.42
C ALA A 472 1.29 -40.00 -0.83
N ARG A 473 1.18 -38.72 -1.17
CA ARG A 473 1.87 -38.20 -2.35
C ARG A 473 3.38 -38.25 -2.13
N ARG A 474 3.81 -38.10 -0.88
CA ARG A 474 5.22 -38.25 -0.55
C ARG A 474 5.69 -39.69 -0.79
N ARG A 475 4.85 -40.66 -0.45
CA ARG A 475 5.15 -42.07 -0.70
C ARG A 475 5.22 -42.37 -2.19
N LEU A 476 4.28 -41.82 -2.95
CA LEU A 476 4.23 -42.04 -4.39
C LEU A 476 5.46 -41.42 -5.07
N GLN A 477 5.82 -40.22 -4.63
CA GLN A 477 6.98 -39.53 -5.18
C GLN A 477 8.28 -40.20 -4.71
N GLN A 478 8.21 -40.93 -3.59
CA GLN A 478 9.36 -41.72 -3.13
C GLN A 478 9.53 -42.96 -4.00
N GLN A 479 8.40 -43.58 -4.36
CA GLN A 479 8.42 -44.70 -5.29
C GLN A 479 8.83 -44.22 -6.67
N THR A 480 8.69 -42.91 -6.89
CA THR A 480 9.18 -42.28 -8.11
C THR A 480 10.70 -42.04 -8.01
N LYS A 481 11.16 -41.73 -6.81
CA LYS A 481 12.59 -41.50 -6.55
C LYS A 481 13.41 -42.78 -6.72
N GLU A 482 13.02 -43.83 -5.99
CA GLU A 482 13.74 -45.10 -6.05
C GLU A 482 13.52 -45.82 -7.38
N GLY A 483 12.38 -45.54 -8.02
CA GLY A 483 12.05 -46.16 -9.30
C GLY A 483 11.81 -45.13 -10.39
N GLY A 493 -1.94 -35.04 -16.15
CA GLY A 493 -1.30 -34.17 -15.18
C GLY A 493 -1.97 -34.25 -13.81
N TRP A 494 -3.10 -33.57 -13.67
CA TRP A 494 -3.93 -33.62 -12.45
C TRP A 494 -4.92 -34.78 -12.54
N LEU A 495 -5.95 -34.75 -11.70
CA LEU A 495 -6.94 -35.83 -11.65
C LEU A 495 -6.29 -37.15 -11.28
N ALA A 496 -6.09 -38.02 -12.27
CA ALA A 496 -5.58 -39.37 -12.03
C ALA A 496 -4.42 -39.45 -11.03
N THR A 497 -3.49 -38.50 -11.04
CA THR A 497 -2.40 -38.53 -10.07
C THR A 497 -2.94 -38.49 -8.64
N GLU A 498 -3.81 -37.51 -8.38
CA GLU A 498 -4.50 -37.37 -7.11
C GLU A 498 -5.31 -38.64 -6.86
N ALA A 499 -5.86 -39.19 -7.94
CA ALA A 499 -6.67 -40.39 -7.81
C ALA A 499 -5.79 -41.51 -7.29
N GLN A 500 -4.57 -41.57 -7.81
CA GLN A 500 -3.61 -42.58 -7.36
C GLN A 500 -3.43 -42.39 -5.87
N VAL A 501 -3.26 -41.13 -5.46
CA VAL A 501 -3.10 -40.81 -4.05
C VAL A 501 -4.26 -41.38 -3.26
N THR A 502 -5.47 -41.11 -3.75
CA THR A 502 -6.66 -41.56 -3.04
C THR A 502 -6.63 -43.07 -2.96
N GLN A 503 -6.28 -43.72 -4.07
CA GLN A 503 -6.27 -45.17 -4.09
C GLN A 503 -5.20 -45.69 -3.15
N GLU A 504 -4.07 -44.98 -3.07
CA GLU A 504 -3.00 -45.50 -2.23
C GLU A 504 -3.24 -45.06 -0.80
N LEU A 505 -4.25 -44.21 -0.60
CA LEU A 505 -4.70 -43.93 0.75
C LEU A 505 -5.64 -45.05 1.13
N LYS A 506 -6.38 -45.54 0.13
CA LYS A 506 -7.42 -46.54 0.33
C LYS A 506 -6.84 -47.93 0.61
N GLY A 507 -5.92 -48.35 -0.26
CA GLY A 507 -5.35 -49.68 -0.16
C GLY A 507 -4.36 -49.81 0.96
N LEU A 508 -3.39 -48.88 1.02
CA LEU A 508 -2.49 -48.87 2.16
C LEU A 508 -2.62 -47.59 3.00
N SER A 509 -3.29 -47.71 4.15
CA SER A 509 -4.28 -48.75 4.34
C SER A 509 -5.55 -48.17 4.95
N GLY A 510 -6.63 -48.10 4.18
CA GLY A 510 -7.94 -47.91 4.78
C GLY A 510 -8.81 -49.15 4.69
N GLY A 511 -8.48 -50.03 3.75
CA GLY A 511 -9.19 -51.28 3.58
C GLY A 511 -9.32 -51.66 2.11
N GLU A 512 -10.05 -52.74 1.86
CA GLU A 512 -10.43 -53.18 0.52
C GLU A 512 -11.88 -52.75 0.19
N GLU A 513 -12.46 -51.93 1.06
CA GLU A 513 -13.91 -51.68 1.13
C GLU A 513 -14.59 -53.03 1.41
N ARG A 514 -15.75 -53.28 0.80
CA ARG A 514 -16.57 -54.46 1.14
C ARG A 514 -17.95 -54.41 0.51
N PRO A 515 -18.52 -55.59 0.19
CA PRO A 515 -19.93 -55.63 -0.21
C PRO A 515 -20.80 -55.39 1.02
N GLU A 516 -22.09 -55.14 0.80
CA GLU A 516 -23.06 -54.76 1.85
C GLU A 516 -22.86 -53.29 2.21
N THR A 517 -21.72 -52.73 1.78
CA THR A 517 -21.42 -51.30 1.86
C THR A 517 -21.58 -50.63 3.22
N GLU A 518 -22.62 -49.80 3.35
CA GLU A 518 -22.81 -48.92 4.51
C GLU A 518 -21.62 -47.99 4.62
N PRO A 519 -21.66 -46.89 3.86
CA PRO A 519 -20.57 -45.91 3.72
C PRO A 519 -20.12 -45.29 5.03
N LEU A 520 -18.87 -44.87 5.06
CA LEU A 520 -18.31 -44.18 6.21
C LEU A 520 -18.88 -42.77 6.29
N LEU A 521 -18.88 -42.08 5.16
CA LEU A 521 -19.50 -40.76 5.06
C LEU A 521 -20.21 -40.59 3.73
N SER A 522 -21.50 -40.27 3.77
CA SER A 522 -22.24 -40.00 2.53
C SER A 522 -22.86 -38.62 2.58
N PHE A 523 -22.82 -37.92 1.46
CA PHE A 523 -23.27 -36.52 1.41
C PHE A 523 -23.90 -36.15 0.06
N VAL A 524 -24.36 -34.90 -0.03
CA VAL A 524 -25.00 -34.39 -1.24
C VAL A 524 -24.32 -33.12 -1.73
N ALA A 525 -23.97 -33.08 -3.01
CA ALA A 525 -23.34 -31.90 -3.60
C ALA A 525 -24.29 -31.19 -4.56
N SER A 526 -24.54 -29.91 -4.31
CA SER A 526 -25.48 -29.15 -5.14
C SER A 526 -24.91 -27.83 -5.65
N VAL A 527 -25.06 -27.60 -6.95
CA VAL A 527 -24.65 -26.33 -7.56
C VAL A 527 -25.83 -25.60 -8.20
N SER A 528 -26.05 -24.36 -7.78
CA SER A 528 -27.09 -23.49 -8.35
C SER A 528 -26.50 -22.69 -9.50
N PRO A 529 -27.33 -22.41 -10.53
CA PRO A 529 -26.88 -21.65 -11.71
C PRO A 529 -26.33 -20.27 -11.37
N ALA A 530 -27.02 -19.52 -10.52
CA ALA A 530 -26.51 -18.26 -10.01
C ALA A 530 -26.95 -18.05 -8.57
N ASP A 531 -26.01 -17.74 -7.68
CA ASP A 531 -24.58 -17.75 -7.98
C ASP A 531 -24.07 -19.19 -7.99
N ARG A 532 -22.93 -19.43 -8.62
CA ARG A 532 -22.43 -20.79 -8.70
C ARG A 532 -21.58 -21.07 -7.48
N MET A 533 -22.15 -21.85 -6.57
CA MET A 533 -21.50 -22.21 -5.32
C MET A 533 -21.93 -23.61 -4.94
N LEU A 534 -21.00 -24.40 -4.44
CA LEU A 534 -21.32 -25.76 -4.07
C LEU A 534 -21.86 -25.81 -2.65
N THR A 535 -23.04 -26.41 -2.49
CA THR A 535 -23.63 -26.59 -1.17
C THR A 535 -23.54 -28.07 -0.82
N VAL A 536 -22.69 -28.39 0.14
CA VAL A 536 -22.50 -29.79 0.53
C VAL A 536 -23.21 -30.09 1.83
N THR A 537 -24.17 -31.00 1.78
CA THR A 537 -24.91 -31.38 2.98
C THR A 537 -24.71 -32.87 3.24
N PRO A 538 -24.56 -33.23 4.53
CA PRO A 538 -24.28 -34.61 4.90
C PRO A 538 -25.51 -35.52 4.87
N LEU A 539 -25.31 -36.78 4.50
CA LEU A 539 -26.35 -37.78 4.66
C LEU A 539 -25.96 -38.69 5.81
N GLN A 540 -25.02 -39.60 5.59
CA GLN A 540 -24.65 -40.53 6.65
C GLN A 540 -23.29 -40.20 7.23
N ASP A 541 -23.28 -39.80 8.49
CA ASP A 541 -22.04 -39.45 9.16
C ASP A 541 -22.00 -40.02 10.58
N PRO A 542 -21.74 -41.33 10.70
CA PRO A 542 -21.70 -42.04 11.99
C PRO A 542 -20.62 -41.51 12.93
N GLN A 543 -19.43 -41.28 12.39
CA GLN A 543 -18.29 -40.88 13.22
C GLN A 543 -18.17 -39.36 13.32
N GLY A 544 -19.12 -38.67 12.70
CA GLY A 544 -19.20 -37.21 12.79
C GLY A 544 -18.00 -36.49 12.22
N LEU A 545 -17.41 -37.07 11.18
CA LEU A 545 -16.24 -36.49 10.55
C LEU A 545 -16.58 -35.62 9.34
N PHE A 546 -17.86 -35.39 9.10
CA PHE A 546 -18.30 -34.55 7.99
C PHE A 546 -17.65 -33.15 7.91
N PRO A 547 -17.49 -32.44 9.05
CA PRO A 547 -16.83 -31.13 8.97
C PRO A 547 -15.41 -31.19 8.36
N ASP A 548 -14.68 -32.25 8.68
CA ASP A 548 -13.35 -32.46 8.11
C ASP A 548 -13.46 -32.48 6.58
N LEU A 549 -14.43 -33.25 6.09
CA LEU A 549 -14.70 -33.35 4.67
C LEU A 549 -15.06 -32.00 4.08
N HIS A 550 -15.84 -31.22 4.82
CA HIS A 550 -16.32 -29.94 4.32
C HIS A 550 -15.18 -28.95 4.14
N HIS A 551 -14.30 -28.86 5.13
CA HIS A 551 -13.12 -27.98 5.01
C HIS A 551 -12.22 -28.46 3.88
N PHE A 552 -12.00 -29.77 3.85
CA PHE A 552 -11.20 -30.38 2.80
C PHE A 552 -11.73 -30.00 1.43
N LEU A 553 -13.05 -30.06 1.25
CA LEU A 553 -13.68 -29.71 -0.02
C LEU A 553 -13.57 -28.21 -0.31
N GLN A 554 -13.69 -27.42 0.75
CA GLN A 554 -13.55 -25.96 0.69
C GLN A 554 -12.23 -25.56 0.03
N VAL A 555 -11.17 -26.24 0.42
CA VAL A 555 -9.88 -25.98 -0.21
C VAL A 555 -9.70 -26.71 -1.55
N PHE A 556 -10.13 -27.97 -1.59
CA PHE A 556 -9.81 -28.90 -2.68
C PHE A 556 -10.55 -28.64 -3.98
N LEU A 557 -11.86 -28.43 -3.90
CA LEU A 557 -12.66 -28.27 -5.11
C LEU A 557 -12.25 -27.05 -5.94
N PRO A 558 -11.99 -25.89 -5.30
CA PRO A 558 -11.43 -24.80 -6.10
C PRO A 558 -10.08 -25.16 -6.72
N GLN A 559 -9.23 -25.88 -5.98
CA GLN A 559 -7.95 -26.33 -6.53
C GLN A 559 -8.16 -27.25 -7.72
N ALA A 560 -9.11 -28.17 -7.58
CA ALA A 560 -9.43 -29.10 -8.65
C ALA A 560 -9.86 -28.37 -9.90
N ILE A 561 -10.86 -27.51 -9.77
CA ILE A 561 -11.37 -26.75 -10.90
C ILE A 561 -10.27 -25.90 -11.53
N ARG A 562 -9.45 -25.28 -10.70
CA ARG A 562 -8.35 -24.44 -11.17
C ARG A 562 -7.34 -25.24 -12.00
N HIS A 563 -6.90 -26.38 -11.47
CA HIS A 563 -5.93 -27.22 -12.16
C HIS A 563 -6.51 -27.83 -13.43
N LEU A 564 -7.81 -28.12 -13.42
CA LEU A 564 -8.47 -28.64 -14.61
C LEU A 564 -8.56 -27.54 -15.68
N LYS A 565 -8.69 -26.30 -15.23
CA LYS A 565 -8.69 -25.16 -16.14
C LYS A 565 -7.29 -24.98 -16.74
N LEU A 566 -6.27 -25.28 -15.95
CA LEU A 566 -4.88 -25.13 -16.37
C LEU A 566 -4.44 -26.18 -17.39
N GLU A 567 -5.31 -27.16 -17.64
CA GLU A 567 -5.02 -28.19 -18.62
C GLU A 567 -5.84 -27.98 -19.90
N ASP B 6 -17.34 -12.24 33.44
CA ASP B 6 -15.89 -12.27 33.67
C ASP B 6 -15.56 -12.76 35.07
N SER B 7 -15.36 -11.80 35.97
CA SER B 7 -15.10 -12.06 37.38
C SER B 7 -16.24 -12.83 38.05
N HIS B 8 -17.44 -12.72 37.49
CA HIS B 8 -18.61 -13.39 38.07
C HIS B 8 -18.50 -14.92 38.05
N GLN B 9 -18.21 -15.49 36.88
CA GLN B 9 -18.07 -16.94 36.77
C GLN B 9 -16.87 -17.42 37.56
N LEU B 10 -15.76 -16.73 37.38
CA LEU B 10 -14.51 -17.11 38.00
C LEU B 10 -14.68 -17.15 39.51
N ALA B 11 -15.29 -16.09 40.04
CA ALA B 11 -15.56 -16.01 41.48
C ALA B 11 -16.48 -17.12 41.94
N LYS B 12 -17.60 -17.33 41.24
CA LYS B 12 -18.60 -18.30 41.71
C LYS B 12 -18.07 -19.73 41.63
N ALA B 13 -17.17 -19.97 40.68
CA ALA B 13 -16.60 -21.29 40.48
C ALA B 13 -15.45 -21.59 41.43
N LEU B 14 -14.58 -20.62 41.64
CA LEU B 14 -13.41 -20.80 42.49
C LEU B 14 -13.76 -20.72 43.98
N ALA B 15 -14.80 -19.96 44.32
CA ALA B 15 -15.20 -19.79 45.71
C ALA B 15 -15.77 -21.08 46.29
N GLU B 16 -16.29 -21.94 45.43
CA GLU B 16 -16.97 -23.15 45.88
C GLU B 16 -16.03 -24.34 46.06
N ALA B 17 -14.79 -24.21 45.60
CA ALA B 17 -13.89 -25.37 45.60
C ALA B 17 -12.80 -25.34 46.66
N ALA B 18 -12.96 -26.17 47.69
CA ALA B 18 -11.88 -26.61 48.58
C ALA B 18 -10.93 -25.53 49.09
N ASP B 19 -9.64 -25.69 48.76
CA ASP B 19 -8.59 -24.78 49.19
C ASP B 19 -7.98 -24.04 47.99
N VAL B 20 -6.93 -23.27 48.25
CA VAL B 20 -6.25 -22.46 47.25
C VAL B 20 -5.75 -23.29 46.05
N GLY B 21 -5.15 -24.43 46.33
CA GLY B 21 -4.64 -25.31 45.29
C GLY B 21 -5.74 -25.77 44.34
N ALA B 22 -6.86 -26.18 44.92
CA ALA B 22 -8.02 -26.58 44.15
C ALA B 22 -8.56 -25.41 43.34
N GLN B 23 -8.44 -24.20 43.89
CA GLN B 23 -8.81 -23.01 43.14
C GLN B 23 -7.96 -22.85 41.91
N MET B 24 -6.65 -23.05 42.06
CA MET B 24 -5.73 -22.91 40.94
C MET B 24 -6.01 -23.94 39.85
N ILE B 25 -6.16 -25.19 40.27
CA ILE B 25 -6.44 -26.28 39.32
C ILE B 25 -7.78 -26.07 38.61
N LYS B 26 -8.79 -25.67 39.36
CA LYS B 26 -10.11 -25.37 38.79
C LYS B 26 -10.00 -24.21 37.81
N LEU B 27 -9.13 -23.25 38.13
CA LEU B 27 -8.87 -22.11 37.27
C LEU B 27 -8.32 -22.59 35.93
N VAL B 28 -7.38 -23.54 36.01
CA VAL B 28 -6.85 -24.15 34.80
C VAL B 28 -7.96 -24.84 34.02
N GLY B 29 -8.81 -25.57 34.72
CA GLY B 29 -9.89 -26.28 34.08
C GLY B 29 -10.85 -25.35 33.36
N LEU B 30 -11.04 -24.15 33.92
CA LEU B 30 -11.96 -23.18 33.34
C LEU B 30 -11.36 -22.45 32.16
N ARG B 31 -10.10 -22.07 32.27
CA ARG B 31 -9.49 -21.24 31.24
C ARG B 31 -8.86 -22.04 30.08
N GLU B 32 -8.67 -23.34 30.25
CA GLU B 32 -8.06 -24.15 29.19
C GLU B 32 -9.01 -24.33 28.01
N LEU B 33 -8.46 -24.53 26.82
CA LEU B 33 -9.26 -24.72 25.62
C LEU B 33 -10.08 -25.99 25.69
N SER B 34 -11.35 -25.92 25.27
CA SER B 34 -12.19 -27.09 25.18
C SER B 34 -11.77 -27.94 23.98
N GLU B 35 -12.41 -29.09 23.80
CA GLU B 35 -12.06 -29.98 22.70
C GLU B 35 -12.50 -29.40 21.36
N ALA B 36 -13.65 -28.76 21.35
CA ALA B 36 -14.21 -28.18 20.13
C ALA B 36 -13.31 -27.07 19.58
N GLU B 37 -12.74 -26.29 20.49
CA GLU B 37 -11.85 -25.21 20.10
C GLU B 37 -10.58 -25.77 19.45
N ARG B 38 -10.05 -26.85 20.03
CA ARG B 38 -8.89 -27.52 19.47
C ARG B 38 -9.20 -28.09 18.09
N GLN B 39 -10.41 -28.61 17.94
CA GLN B 39 -10.85 -29.16 16.67
C GLN B 39 -10.90 -28.05 15.61
N LEU B 40 -11.49 -26.92 15.98
CA LEU B 40 -11.56 -25.76 15.10
C LEU B 40 -10.20 -25.27 14.66
N ARG B 41 -9.30 -25.09 15.63
CA ARG B 41 -7.95 -24.66 15.34
C ARG B 41 -7.25 -25.63 14.40
N SER B 42 -7.38 -26.93 14.67
CA SER B 42 -6.76 -27.93 13.81
C SER B 42 -7.31 -27.89 12.40
N LEU B 43 -8.60 -27.58 12.28
CA LEU B 43 -9.26 -27.49 10.97
C LEU B 43 -8.75 -26.31 10.16
N VAL B 44 -8.67 -25.14 10.81
CA VAL B 44 -8.13 -23.95 10.15
C VAL B 44 -6.69 -24.19 9.73
N VAL B 45 -5.92 -24.78 10.64
CA VAL B 45 -4.53 -25.15 10.33
C VAL B 45 -4.47 -26.07 9.11
N ALA B 46 -5.41 -27.00 9.02
CA ALA B 46 -5.51 -27.89 7.86
C ALA B 46 -5.75 -27.10 6.58
N LEU B 47 -6.61 -26.08 6.66
CA LEU B 47 -6.87 -25.20 5.53
C LEU B 47 -5.58 -24.51 5.07
N MET B 48 -4.94 -23.84 6.01
CA MET B 48 -3.69 -23.13 5.75
C MET B 48 -2.65 -24.03 5.11
N GLN B 49 -2.41 -25.19 5.74
CA GLN B 49 -1.44 -26.16 5.26
C GLN B 49 -1.75 -26.64 3.84
N GLU B 50 -3.03 -26.89 3.58
CA GLU B 50 -3.42 -27.39 2.27
C GLU B 50 -3.18 -26.34 1.18
N VAL B 51 -3.63 -25.11 1.41
CA VAL B 51 -3.45 -24.05 0.43
C VAL B 51 -1.97 -23.73 0.19
N PHE B 52 -1.22 -23.60 1.28
CA PHE B 52 0.21 -23.32 1.18
C PHE B 52 0.98 -24.48 0.56
N THR B 53 0.42 -25.68 0.63
CA THR B 53 1.01 -26.83 -0.05
C THR B 53 0.73 -26.71 -1.54
N GLU B 54 -0.44 -26.18 -1.89
CA GLU B 54 -0.75 -25.90 -3.29
C GLU B 54 0.25 -24.91 -3.88
N PHE B 55 0.50 -23.82 -3.16
CA PHE B 55 1.42 -22.80 -3.68
C PHE B 55 2.90 -23.11 -3.45
N PHE B 56 3.24 -23.64 -2.27
CA PHE B 56 4.62 -24.00 -1.96
C PHE B 56 4.75 -25.49 -1.64
N PRO B 57 4.93 -26.32 -2.68
CA PRO B 57 5.02 -27.77 -2.50
C PRO B 57 6.13 -28.16 -1.52
N GLY B 58 5.81 -29.01 -0.57
CA GLY B 58 6.79 -29.48 0.40
C GLY B 58 6.98 -28.54 1.57
N CYS B 59 6.00 -27.69 1.82
CA CYS B 59 6.08 -26.76 2.95
C CYS B 59 5.25 -27.27 4.11
N VAL B 60 5.70 -26.98 5.33
CA VAL B 60 4.99 -27.47 6.50
C VAL B 60 4.55 -26.32 7.40
N VAL B 61 3.28 -26.29 7.75
CA VAL B 61 2.76 -25.27 8.66
C VAL B 61 2.80 -25.80 10.09
N HIS B 62 3.67 -25.20 10.90
CA HIS B 62 3.82 -25.61 12.30
C HIS B 62 3.12 -24.63 13.23
N PRO B 63 2.03 -25.08 13.87
CA PRO B 63 1.41 -24.27 14.92
C PRO B 63 2.35 -24.14 16.11
N PHE B 64 2.50 -22.92 16.63
CA PHE B 64 3.34 -22.70 17.80
C PHE B 64 2.70 -21.71 18.77
N GLY B 65 3.43 -21.37 19.82
CA GLY B 65 2.96 -20.38 20.77
C GLY B 65 1.87 -20.90 21.68
N SER B 66 0.86 -20.06 21.88
CA SER B 66 -0.22 -20.33 22.83
C SER B 66 -0.98 -21.63 22.53
N SER B 67 -0.91 -22.10 21.30
CA SER B 67 -1.64 -23.31 20.93
C SER B 67 -1.00 -24.57 21.50
N ILE B 68 0.30 -24.74 21.28
CA ILE B 68 0.98 -25.98 21.65
C ILE B 68 1.73 -25.98 22.98
N ASN B 69 1.77 -24.86 23.68
CA ASN B 69 2.56 -24.79 24.91
C ASN B 69 1.75 -25.25 26.13
N SER B 70 0.51 -25.68 25.88
CA SER B 70 -0.42 -26.18 26.89
C SER B 70 -0.71 -25.14 27.97
N PHE B 71 -0.44 -23.89 27.66
CA PHE B 71 -0.86 -22.76 28.48
C PHE B 71 -2.07 -22.08 27.86
N ASP B 72 -2.59 -22.71 26.80
CA ASP B 72 -3.68 -22.17 26.00
C ASP B 72 -4.89 -21.75 26.81
N VAL B 73 -5.42 -20.58 26.48
CA VAL B 73 -6.63 -20.06 27.10
C VAL B 73 -7.68 -19.75 26.04
N HIS B 74 -8.92 -19.57 26.47
CA HIS B 74 -10.02 -19.29 25.57
C HIS B 74 -9.77 -17.99 24.81
N GLY B 75 -9.90 -18.04 23.49
CA GLY B 75 -9.72 -16.87 22.64
C GLY B 75 -8.27 -16.48 22.40
N CYS B 76 -7.36 -17.43 22.58
CA CYS B 76 -5.94 -17.18 22.37
C CYS B 76 -5.58 -17.07 20.89
N ASP B 77 -4.44 -16.47 20.62
CA ASP B 77 -3.96 -16.30 19.24
C ASP B 77 -3.62 -17.64 18.61
N LEU B 78 -3.79 -17.75 17.30
CA LEU B 78 -3.34 -18.92 16.56
C LEU B 78 -2.08 -18.57 15.80
N ASP B 79 -0.93 -19.02 16.28
CA ASP B 79 0.34 -18.66 15.66
C ASP B 79 0.85 -19.77 14.75
N LEU B 80 1.14 -19.41 13.52
CA LEU B 80 1.54 -20.37 12.52
C LEU B 80 2.90 -20.02 11.93
N PHE B 81 3.82 -20.99 11.98
CA PHE B 81 5.13 -20.84 11.37
C PHE B 81 5.13 -21.55 10.02
N LEU B 82 5.52 -20.83 8.97
CA LEU B 82 5.49 -21.41 7.64
C LEU B 82 6.88 -21.87 7.24
N ASP B 83 7.07 -23.18 7.21
CA ASP B 83 8.38 -23.77 6.91
C ASP B 83 8.50 -24.10 5.43
N LEU B 84 9.40 -23.39 4.76
CA LEU B 84 9.60 -23.54 3.32
C LEU B 84 10.92 -24.24 3.00
N ALA B 126 15.16 -7.94 3.13
CA ALA B 126 14.38 -7.35 2.04
C ALA B 126 13.63 -8.42 1.26
N GLU B 127 14.34 -9.50 0.92
CA GLU B 127 13.72 -10.63 0.22
C GLU B 127 12.64 -11.27 1.07
N GLY B 128 12.95 -11.47 2.34
CA GLY B 128 12.02 -12.02 3.31
C GLY B 128 10.74 -11.22 3.43
N ALA B 129 10.86 -9.90 3.32
CA ALA B 129 9.70 -9.02 3.37
C ALA B 129 8.81 -9.17 2.13
N ALA B 130 9.44 -9.32 0.97
CA ALA B 130 8.72 -9.53 -0.28
C ALA B 130 7.99 -10.86 -0.24
N MET B 131 8.67 -11.87 0.30
CA MET B 131 8.11 -13.19 0.47
C MET B 131 6.94 -13.14 1.46
N LEU B 132 7.08 -12.25 2.45
CA LEU B 132 6.05 -12.03 3.45
C LEU B 132 4.82 -11.46 2.79
N GLU B 133 5.02 -10.52 1.88
CA GLU B 133 3.93 -9.94 1.10
C GLU B 133 3.28 -10.99 0.20
N LEU B 134 4.09 -11.89 -0.35
CA LEU B 134 3.57 -12.98 -1.18
C LEU B 134 2.62 -13.85 -0.36
N VAL B 135 3.09 -14.29 0.80
CA VAL B 135 2.29 -15.10 1.71
C VAL B 135 1.00 -14.36 2.07
N GLY B 136 1.12 -13.07 2.38
CA GLY B 136 -0.03 -12.25 2.72
C GLY B 136 -1.07 -12.23 1.59
N SER B 137 -0.60 -12.08 0.36
CA SER B 137 -1.50 -12.02 -0.79
C SER B 137 -2.16 -13.38 -1.03
N ILE B 138 -1.43 -14.45 -0.75
CA ILE B 138 -1.99 -15.80 -0.85
C ILE B 138 -3.10 -15.98 0.16
N LEU B 139 -2.85 -15.53 1.40
CA LEU B 139 -3.87 -15.58 2.44
C LEU B 139 -5.12 -14.81 2.04
N ARG B 140 -4.92 -13.53 1.75
CA ARG B 140 -5.98 -12.62 1.38
C ARG B 140 -6.83 -13.16 0.24
N GLY B 141 -6.16 -13.62 -0.81
CA GLY B 141 -6.87 -14.03 -2.02
C GLY B 141 -7.37 -15.46 -2.11
N CYS B 142 -6.67 -16.41 -1.49
CA CYS B 142 -6.96 -17.83 -1.74
C CYS B 142 -7.64 -18.58 -0.59
N VAL B 143 -6.90 -18.87 0.47
CA VAL B 143 -7.44 -19.63 1.60
C VAL B 143 -8.71 -18.97 2.16
N PRO B 144 -9.81 -19.74 2.18
CA PRO B 144 -11.13 -19.20 2.54
C PRO B 144 -11.31 -18.85 4.01
N GLY B 145 -11.97 -17.72 4.25
CA GLY B 145 -12.37 -17.33 5.60
C GLY B 145 -11.54 -16.24 6.24
N VAL B 146 -10.32 -16.02 5.74
CA VAL B 146 -9.49 -14.98 6.29
C VAL B 146 -9.75 -13.65 5.58
N TYR B 147 -9.94 -12.58 6.37
CA TYR B 147 -10.29 -11.29 5.80
C TYR B 147 -9.27 -10.21 6.16
N ARG B 148 -9.07 -9.91 7.44
CA ARG B 148 -8.02 -8.94 7.76
C ARG B 148 -6.67 -9.60 7.60
N VAL B 149 -5.86 -9.06 6.69
CA VAL B 149 -4.51 -9.52 6.48
C VAL B 149 -3.57 -8.33 6.45
N GLN B 150 -2.66 -8.24 7.42
CA GLN B 150 -1.76 -7.10 7.48
C GLN B 150 -0.34 -7.52 7.81
N THR B 151 0.61 -7.10 6.99
CA THR B 151 2.01 -7.45 7.18
C THR B 151 2.75 -6.49 8.10
N VAL B 152 3.53 -7.07 9.02
CA VAL B 152 4.36 -6.31 9.95
C VAL B 152 5.80 -6.85 9.90
N PRO B 153 6.57 -6.38 8.90
CA PRO B 153 8.00 -6.70 8.75
C PRO B 153 8.88 -5.97 9.77
N SER B 154 8.34 -4.92 10.38
CA SER B 154 9.12 -4.03 11.23
C SER B 154 9.53 -4.68 12.56
N ALA B 155 8.72 -5.62 13.02
CA ALA B 155 8.97 -6.29 14.30
C ALA B 155 10.23 -7.13 14.26
N ARG B 156 10.76 -7.45 15.44
CA ARG B 156 11.92 -8.34 15.56
C ARG B 156 11.64 -9.69 14.90
N ARG B 157 10.38 -10.11 14.97
CA ARG B 157 9.94 -11.32 14.29
C ARG B 157 8.83 -10.95 13.32
N PRO B 158 9.20 -10.61 12.08
CA PRO B 158 8.28 -10.17 11.02
C PRO B 158 7.13 -11.15 10.86
N VAL B 159 5.91 -10.66 10.73
CA VAL B 159 4.77 -11.56 10.77
C VAL B 159 3.58 -11.02 9.96
N VAL B 160 2.73 -11.92 9.49
CA VAL B 160 1.50 -11.52 8.81
C VAL B 160 0.29 -11.78 9.71
N LYS B 161 -0.31 -10.70 10.21
CA LYS B 161 -1.47 -10.82 11.08
C LYS B 161 -2.70 -11.17 10.24
N PHE B 162 -3.44 -12.18 10.68
CA PHE B 162 -4.63 -12.61 9.96
C PHE B 162 -5.79 -12.92 10.92
N CYS B 163 -7.00 -12.89 10.39
CA CYS B 163 -8.19 -13.18 11.17
C CYS B 163 -9.12 -14.09 10.37
N HIS B 164 -9.43 -15.27 10.90
CA HIS B 164 -10.36 -16.19 10.22
C HIS B 164 -11.79 -16.01 10.72
N ARG B 165 -12.67 -15.60 9.81
CA ARG B 165 -14.03 -15.22 10.17
C ARG B 165 -14.96 -16.36 10.63
N PRO B 166 -15.07 -17.45 9.84
CA PRO B 166 -16.06 -18.47 10.23
C PRO B 166 -15.78 -19.10 11.60
N SER B 167 -14.50 -19.29 11.92
CA SER B 167 -14.12 -19.83 13.22
C SER B 167 -14.01 -18.74 14.26
N GLY B 168 -13.95 -17.50 13.80
CA GLY B 168 -13.77 -16.38 14.70
C GLY B 168 -12.39 -16.37 15.31
N LEU B 169 -11.44 -17.01 14.63
CA LEU B 169 -10.08 -17.08 15.15
C LEU B 169 -9.23 -15.93 14.63
N HIS B 170 -8.00 -15.84 15.14
CA HIS B 170 -7.04 -14.83 14.71
C HIS B 170 -5.63 -15.27 15.06
N GLY B 171 -4.64 -14.74 14.37
CA GLY B 171 -3.27 -15.08 14.69
C GLY B 171 -2.20 -14.44 13.82
N ASP B 172 -0.99 -14.98 13.94
CA ASP B 172 0.16 -14.48 13.21
C ASP B 172 0.74 -15.59 12.33
N VAL B 173 1.21 -15.20 11.14
CA VAL B 173 1.90 -16.15 10.27
C VAL B 173 3.36 -15.71 10.10
N SER B 174 4.27 -16.49 10.65
CA SER B 174 5.69 -16.15 10.61
C SER B 174 6.43 -16.98 9.56
N LEU B 175 7.20 -16.31 8.71
CA LEU B 175 7.96 -17.03 7.70
C LEU B 175 9.19 -17.68 8.30
N SER B 176 9.98 -16.93 9.06
CA SER B 176 11.03 -17.58 9.83
C SER B 176 10.96 -17.29 11.33
N ASN B 177 10.44 -18.24 12.09
CA ASN B 177 10.80 -18.41 13.48
C ASN B 177 10.86 -19.91 13.77
N ARG B 178 12.05 -20.48 13.91
CA ARG B 178 12.13 -21.90 14.22
C ARG B 178 12.34 -22.16 15.71
N LEU B 179 12.71 -21.11 16.43
CA LEU B 179 12.99 -21.23 17.86
C LEU B 179 11.69 -21.38 18.64
N ALA B 180 10.65 -20.72 18.15
CA ALA B 180 9.34 -20.72 18.79
C ALA B 180 8.79 -22.13 18.95
N LEU B 181 8.97 -22.95 17.94
CA LEU B 181 8.54 -24.34 18.00
C LEU B 181 9.16 -25.04 19.20
N HIS B 182 10.48 -25.02 19.24
CA HIS B 182 11.23 -25.78 20.22
C HIS B 182 11.06 -25.25 21.63
N ASN B 183 10.93 -23.94 21.79
CA ASN B 183 10.74 -23.40 23.14
C ASN B 183 9.29 -23.53 23.61
N SER B 184 8.35 -23.56 22.68
CA SER B 184 6.95 -23.85 23.06
C SER B 184 6.82 -25.32 23.46
N ARG B 185 7.42 -26.20 22.69
CA ARG B 185 7.47 -27.63 23.04
C ARG B 185 8.21 -27.80 24.36
N PHE B 186 9.16 -26.90 24.62
CA PHE B 186 9.87 -26.89 25.89
C PHE B 186 8.90 -26.51 27.02
N LEU B 187 8.01 -25.56 26.74
CA LEU B 187 7.01 -25.16 27.74
C LEU B 187 6.08 -26.32 28.06
N SER B 188 5.52 -26.95 27.02
CA SER B 188 4.63 -28.09 27.23
C SER B 188 5.34 -29.23 27.95
N LEU B 189 6.61 -29.43 27.63
CA LEU B 189 7.43 -30.43 28.32
C LEU B 189 7.55 -30.10 29.80
N CYS B 190 7.80 -28.83 30.10
CA CYS B 190 7.89 -28.37 31.49
C CYS B 190 6.58 -28.62 32.22
N SER B 191 5.47 -28.41 31.53
CA SER B 191 4.16 -28.64 32.12
C SER B 191 3.90 -30.15 32.31
N GLU B 192 4.58 -30.97 31.52
CA GLU B 192 4.48 -32.42 31.66
C GLU B 192 5.36 -32.96 32.79
N LEU B 193 6.46 -32.26 33.08
CA LEU B 193 7.42 -32.71 34.09
C LEU B 193 6.86 -32.63 35.50
N ASP B 194 6.05 -31.61 35.77
CA ASP B 194 5.40 -31.48 37.07
C ASP B 194 3.98 -30.93 36.91
N GLY B 195 3.06 -31.42 37.72
CA GLY B 195 1.65 -31.07 37.60
C GLY B 195 1.26 -29.75 38.23
N ARG B 196 2.20 -29.15 38.95
CA ARG B 196 1.98 -27.86 39.62
C ARG B 196 2.30 -26.70 38.67
N VAL B 197 3.01 -27.03 37.60
CA VAL B 197 3.46 -26.05 36.61
C VAL B 197 2.32 -25.30 35.96
N ARG B 198 1.35 -26.04 35.43
CA ARG B 198 0.24 -25.43 34.71
C ARG B 198 -0.64 -24.56 35.62
N PRO B 199 -1.01 -25.05 36.82
CA PRO B 199 -1.74 -24.14 37.73
C PRO B 199 -0.96 -22.89 38.08
N LEU B 200 0.33 -23.03 38.40
CA LEU B 200 1.15 -21.86 38.71
C LEU B 200 1.21 -20.84 37.57
N VAL B 201 1.43 -21.34 36.35
CA VAL B 201 1.56 -20.46 35.20
C VAL B 201 0.23 -19.78 34.85
N TYR B 202 -0.86 -20.54 34.87
CA TYR B 202 -2.19 -19.98 34.61
C TYR B 202 -2.54 -18.90 35.62
N THR B 203 -2.38 -19.24 36.90
CA THR B 203 -2.67 -18.32 37.99
C THR B 203 -1.84 -17.05 37.88
N LEU B 204 -0.53 -17.21 37.78
CA LEU B 204 0.37 -16.05 37.72
C LEU B 204 0.16 -15.22 36.47
N ARG B 205 -0.31 -15.84 35.39
CA ARG B 205 -0.63 -15.11 34.16
C ARG B 205 -1.86 -14.25 34.37
N CYS B 206 -2.91 -14.84 34.92
CA CYS B 206 -4.16 -14.11 35.15
C CYS B 206 -3.91 -12.97 36.13
N TRP B 207 -3.04 -13.23 37.09
CA TRP B 207 -2.64 -12.23 38.09
C TRP B 207 -1.87 -11.09 37.44
N ALA B 208 -0.92 -11.42 36.58
CA ALA B 208 -0.11 -10.41 35.90
C ALA B 208 -0.96 -9.56 34.97
N GLN B 209 -1.95 -10.17 34.34
CA GLN B 209 -2.90 -9.41 33.53
C GLN B 209 -3.68 -8.46 34.44
N GLY B 210 -4.09 -8.95 35.60
CA GLY B 210 -4.83 -8.12 36.54
C GLY B 210 -4.03 -6.94 37.06
N ARG B 211 -2.73 -7.14 37.23
CA ARG B 211 -1.86 -6.11 37.79
C ARG B 211 -1.32 -5.18 36.71
N GLY B 212 -1.50 -5.56 35.45
CA GLY B 212 -1.00 -4.78 34.34
C GLY B 212 0.51 -4.89 34.24
N LEU B 213 1.04 -6.04 34.65
CA LEU B 213 2.47 -6.31 34.56
C LEU B 213 2.83 -7.02 33.26
N SER B 214 1.82 -7.51 32.55
CA SER B 214 2.05 -8.23 31.30
C SER B 214 1.30 -7.57 30.15
N GLY B 215 1.90 -7.56 28.97
CA GLY B 215 1.31 -6.92 27.81
C GLY B 215 2.25 -6.85 26.62
N SER B 216 1.78 -6.25 25.54
CA SER B 216 2.55 -6.20 24.30
C SER B 216 3.43 -4.95 24.23
N GLY B 217 3.43 -4.18 25.31
CA GLY B 217 4.25 -2.97 25.41
C GLY B 217 5.58 -3.26 26.05
N PRO B 218 6.10 -2.29 26.84
CA PRO B 218 7.30 -2.48 27.66
C PRO B 218 7.10 -3.58 28.71
N LEU B 219 5.86 -3.98 28.91
CA LEU B 219 5.49 -5.03 29.87
C LEU B 219 6.02 -6.41 29.47
N LEU B 220 6.06 -7.30 30.46
CA LEU B 220 6.51 -8.67 30.25
C LEU B 220 5.58 -9.43 29.31
N SER B 221 6.16 -10.12 28.33
CA SER B 221 5.38 -11.00 27.47
C SER B 221 4.96 -12.23 28.25
N ASN B 222 3.90 -12.89 27.81
CA ASN B 222 3.42 -14.09 28.49
C ASN B 222 4.48 -15.19 28.47
N TYR B 223 5.27 -15.20 27.41
CA TYR B 223 6.39 -16.13 27.31
C TYR B 223 7.44 -15.80 28.36
N ALA B 224 7.73 -14.51 28.53
CA ALA B 224 8.70 -14.06 29.51
C ALA B 224 8.24 -14.40 30.92
N LEU B 225 6.97 -14.16 31.22
CA LEU B 225 6.44 -14.46 32.53
C LEU B 225 6.49 -15.96 32.79
N THR B 226 6.13 -16.75 31.77
CA THR B 226 6.20 -18.20 31.89
C THR B 226 7.61 -18.66 32.20
N LEU B 227 8.58 -18.10 31.47
CA LEU B 227 10.00 -18.42 31.72
C LEU B 227 10.43 -18.00 33.12
N LEU B 228 9.83 -16.93 33.63
CA LEU B 228 10.13 -16.46 34.98
C LEU B 228 9.62 -17.46 36.01
N VAL B 229 8.41 -17.96 35.79
CA VAL B 229 7.82 -18.96 36.66
C VAL B 229 8.66 -20.24 36.63
N ILE B 230 9.05 -20.65 35.43
CA ILE B 230 9.87 -21.84 35.27
C ILE B 230 11.21 -21.71 35.99
N TYR B 231 11.88 -20.58 35.78
CA TYR B 231 13.14 -20.31 36.44
C TYR B 231 12.97 -20.34 37.96
N PHE B 232 11.86 -19.79 38.43
CA PHE B 232 11.52 -19.85 39.85
C PHE B 232 11.42 -21.29 40.33
N LEU B 233 10.79 -22.12 39.51
CA LEU B 233 10.62 -23.53 39.85
C LEU B 233 11.94 -24.27 39.84
N GLN B 234 12.91 -23.74 39.09
CA GLN B 234 14.24 -24.34 39.03
C GLN B 234 15.11 -23.98 40.24
N THR B 235 14.79 -22.86 40.90
CA THR B 235 15.64 -22.34 41.97
C THR B 235 15.23 -22.79 43.36
N ARG B 236 14.22 -23.65 43.45
CA ARG B 236 13.77 -24.14 44.74
C ARG B 236 14.77 -25.11 45.34
N ASP B 237 14.88 -25.12 46.68
CA ASP B 237 15.86 -25.96 47.36
C ASP B 237 15.61 -27.45 47.08
N PRO B 238 14.35 -27.91 47.17
CA PRO B 238 13.96 -29.13 46.44
C PRO B 238 13.49 -28.79 45.03
N PRO B 239 14.40 -28.67 44.04
CA PRO B 239 14.04 -28.12 42.73
C PRO B 239 12.85 -28.81 42.07
N VAL B 240 11.88 -28.02 41.64
CA VAL B 240 10.66 -28.54 41.02
C VAL B 240 10.89 -28.96 39.57
N LEU B 241 11.59 -28.13 38.82
CA LEU B 241 11.91 -28.45 37.43
C LEU B 241 13.43 -28.45 37.19
N PRO B 242 13.91 -29.39 36.39
CA PRO B 242 15.33 -29.50 36.03
C PRO B 242 15.78 -28.37 35.10
N THR B 243 17.06 -28.06 35.11
CA THR B 243 17.61 -27.03 34.25
C THR B 243 17.65 -27.51 32.80
N VAL B 244 17.71 -26.57 31.87
CA VAL B 244 17.73 -26.89 30.45
C VAL B 244 19.02 -27.61 30.08
N SER B 245 20.10 -27.31 30.82
CA SER B 245 21.38 -27.96 30.62
C SER B 245 21.29 -29.44 30.92
N GLN B 246 20.53 -29.78 31.96
CA GLN B 246 20.33 -31.17 32.35
C GLN B 246 19.52 -31.91 31.28
N LEU B 247 18.55 -31.22 30.70
CA LEU B 247 17.74 -31.78 29.63
C LEU B 247 18.57 -32.00 28.38
N THR B 248 19.51 -31.09 28.13
CA THR B 248 20.40 -31.19 26.98
C THR B 248 21.39 -32.36 27.16
N GLN B 249 21.94 -32.49 28.36
CA GLN B 249 22.88 -33.57 28.64
C GLN B 249 22.18 -34.92 28.65
N LYS B 250 20.90 -34.93 29.04
CA LYS B 250 20.12 -36.15 28.98
C LYS B 250 19.76 -36.47 27.53
N ALA B 251 18.88 -35.66 26.96
CA ALA B 251 18.51 -35.76 25.54
C ALA B 251 18.23 -37.18 25.09
N GLY B 252 18.94 -37.61 24.06
CA GLY B 252 18.81 -38.96 23.54
C GLY B 252 19.45 -39.08 22.18
N GLU B 253 19.64 -40.31 21.71
CA GLU B 253 20.21 -40.53 20.40
C GLU B 253 19.16 -40.25 19.33
N GLY B 254 19.50 -39.40 18.38
CA GLY B 254 18.57 -39.03 17.32
C GLY B 254 17.66 -37.88 17.70
N GLU B 255 17.71 -37.48 18.98
CA GLU B 255 16.92 -36.37 19.45
C GLU B 255 17.73 -35.09 19.44
N GLN B 256 18.96 -35.18 18.94
CA GLN B 256 19.85 -34.03 18.84
C GLN B 256 19.36 -33.08 17.74
N VAL B 257 19.12 -31.83 18.12
CA VAL B 257 18.67 -30.82 17.16
C VAL B 257 19.30 -29.45 17.42
N GLU B 258 19.81 -28.83 16.37
CA GLU B 258 20.38 -27.50 16.48
C GLU B 258 19.64 -26.52 15.57
N VAL B 259 19.21 -25.40 16.13
CA VAL B 259 18.48 -24.39 15.38
C VAL B 259 19.14 -23.02 15.47
N ASP B 260 19.52 -22.48 14.31
CA ASP B 260 20.16 -21.17 14.21
C ASP B 260 21.43 -21.06 15.07
N GLY B 261 22.15 -22.18 15.19
CA GLY B 261 23.41 -22.20 15.93
C GLY B 261 23.23 -22.41 17.42
N TRP B 262 22.00 -22.69 17.83
CA TRP B 262 21.70 -22.93 19.25
C TRP B 262 21.19 -24.34 19.47
N ASP B 263 21.60 -24.96 20.57
CA ASP B 263 21.23 -26.34 20.83
C ASP B 263 19.85 -26.42 21.47
N CYS B 264 18.91 -27.00 20.73
CA CYS B 264 17.51 -27.11 21.17
C CYS B 264 17.17 -28.48 21.74
N SER B 265 18.17 -29.35 21.89
CA SER B 265 17.90 -30.75 22.23
C SER B 265 17.35 -30.94 23.64
N PHE B 266 16.18 -31.56 23.72
CA PHE B 266 15.56 -31.97 24.98
C PHE B 266 14.77 -33.27 24.77
N PRO B 267 14.61 -34.07 25.84
CA PRO B 267 13.81 -35.31 25.77
C PRO B 267 12.37 -35.05 25.35
N ARG B 268 11.80 -35.97 24.57
CA ARG B 268 10.44 -35.79 24.07
C ARG B 268 9.38 -36.42 24.97
N ASP B 269 9.80 -37.20 25.95
CA ASP B 269 8.87 -37.81 26.88
C ASP B 269 9.32 -37.65 28.34
N ALA B 270 8.35 -37.46 29.22
CA ALA B 270 8.64 -37.27 30.65
C ALA B 270 8.94 -38.59 31.36
N SER B 271 8.73 -39.70 30.64
CA SER B 271 8.94 -41.03 31.22
C SER B 271 10.41 -41.30 31.52
N ARG B 272 11.29 -40.81 30.65
CA ARG B 272 12.72 -41.04 30.80
C ARG B 272 13.31 -40.18 31.93
N LEU B 273 12.57 -39.17 32.35
CA LEU B 273 13.02 -38.30 33.43
C LEU B 273 12.33 -38.64 34.75
N GLU B 274 13.12 -38.65 35.82
CA GLU B 274 12.60 -38.94 37.16
C GLU B 274 11.76 -37.78 37.68
N PRO B 275 10.72 -38.08 38.46
CA PRO B 275 9.83 -37.05 39.02
C PRO B 275 10.54 -36.12 39.99
N SER B 276 9.82 -35.13 40.51
CA SER B 276 10.40 -34.16 41.43
C SER B 276 10.34 -34.62 42.88
N ILE B 277 11.40 -34.36 43.63
CA ILE B 277 11.45 -34.69 45.05
C ILE B 277 10.83 -33.57 45.88
N ASN B 278 10.35 -32.54 45.19
CA ASN B 278 9.74 -31.39 45.84
C ASN B 278 8.32 -31.69 46.34
N VAL B 279 8.10 -31.52 47.63
CA VAL B 279 6.81 -31.82 48.25
C VAL B 279 5.95 -30.56 48.41
N GLU B 280 6.51 -29.40 48.05
CA GLU B 280 5.83 -28.13 48.25
C GLU B 280 4.47 -28.10 47.55
N PRO B 281 3.42 -27.66 48.26
CA PRO B 281 2.09 -27.52 47.66
C PRO B 281 1.97 -26.27 46.80
N LEU B 282 0.82 -26.09 46.15
CA LEU B 282 0.63 -24.98 45.23
C LEU B 282 0.67 -23.62 45.93
N SER B 283 -0.08 -23.48 47.01
CA SER B 283 -0.17 -22.22 47.74
C SER B 283 1.20 -21.76 48.22
N SER B 284 1.95 -22.71 48.79
CA SER B 284 3.30 -22.43 49.26
C SER B 284 4.18 -21.95 48.12
N LEU B 285 4.08 -22.58 46.96
CA LEU B 285 4.87 -22.19 45.80
C LEU B 285 4.48 -20.82 45.27
N LEU B 286 3.21 -20.47 45.43
CA LEU B 286 2.72 -19.16 44.99
C LEU B 286 3.30 -18.06 45.88
N ALA B 287 3.13 -18.22 47.19
CA ALA B 287 3.66 -17.26 48.15
C ALA B 287 5.18 -17.14 48.02
N GLN B 288 5.85 -18.29 47.91
CA GLN B 288 7.29 -18.33 47.73
C GLN B 288 7.70 -17.62 46.43
N PHE B 289 6.88 -17.75 45.40
CA PHE B 289 7.15 -17.07 44.14
C PHE B 289 7.15 -15.57 44.34
N PHE B 290 6.02 -15.05 44.84
CA PHE B 290 5.87 -13.62 45.07
C PHE B 290 7.02 -13.07 45.92
N SER B 291 7.27 -13.71 47.06
CA SER B 291 8.34 -13.30 47.96
C SER B 291 9.69 -13.30 47.26
N ALA B 292 9.99 -14.38 46.54
CA ALA B 292 11.27 -14.53 45.87
C ALA B 292 11.53 -13.44 44.83
N VAL B 293 10.61 -13.30 43.88
CA VAL B 293 10.80 -12.30 42.83
C VAL B 293 10.74 -10.88 43.38
N SER B 294 10.08 -10.71 44.52
CA SER B 294 10.05 -9.39 45.14
C SER B 294 11.40 -9.10 45.79
N SER B 295 12.06 -10.15 46.28
CA SER B 295 13.32 -9.98 47.00
C SER B 295 14.56 -10.09 46.10
N TRP B 296 14.36 -10.49 44.85
CA TRP B 296 15.50 -10.70 43.95
C TRP B 296 16.13 -9.38 43.49
N ASP B 297 17.37 -9.48 43.02
CA ASP B 297 18.04 -8.34 42.40
C ASP B 297 17.98 -8.51 40.89
N LEU B 298 17.15 -7.72 40.24
CA LEU B 298 16.86 -7.89 38.82
C LEU B 298 17.95 -7.28 37.94
N ARG B 299 18.42 -6.09 38.33
CA ARG B 299 19.41 -5.38 37.52
C ARG B 299 20.80 -6.02 37.56
N GLY B 300 21.16 -6.57 38.71
CA GLY B 300 22.50 -7.10 38.88
C GLY B 300 22.59 -8.58 38.56
N SER B 301 21.47 -9.15 38.13
CA SER B 301 21.43 -10.59 37.84
C SER B 301 20.78 -10.90 36.50
N LEU B 302 21.47 -11.71 35.71
CA LEU B 302 20.91 -12.32 34.52
C LEU B 302 20.42 -13.70 34.89
N LEU B 303 19.10 -13.89 34.85
CA LEU B 303 18.53 -15.18 35.22
C LEU B 303 18.65 -16.14 34.06
N SER B 304 19.38 -17.23 34.28
CA SER B 304 19.60 -18.23 33.24
C SER B 304 18.80 -19.49 33.54
N LEU B 305 17.93 -19.86 32.61
CA LEU B 305 17.16 -21.10 32.73
C LEU B 305 18.01 -22.30 32.36
N ARG B 306 18.99 -22.07 31.49
CA ARG B 306 19.89 -23.12 31.07
C ARG B 306 20.67 -23.67 32.25
N GLU B 307 21.29 -22.77 33.01
CA GLU B 307 22.07 -23.18 34.18
C GLU B 307 21.21 -23.18 35.44
N GLY B 308 19.99 -22.67 35.32
CA GLY B 308 19.08 -22.57 36.45
C GLY B 308 19.65 -21.72 37.56
N GLN B 309 20.27 -20.59 37.19
CA GLN B 309 21.01 -19.80 38.18
C GLN B 309 21.09 -18.33 37.79
N ALA B 310 21.30 -17.47 38.77
CA ALA B 310 21.47 -16.04 38.54
C ALA B 310 22.93 -15.66 38.38
N LEU B 311 23.30 -15.23 37.17
CA LEU B 311 24.68 -14.83 36.88
C LEU B 311 24.83 -13.31 36.94
N PRO B 312 25.75 -12.81 37.79
CA PRO B 312 25.86 -11.35 37.94
C PRO B 312 26.26 -10.61 36.66
N VAL B 313 25.47 -9.58 36.34
CA VAL B 313 25.66 -8.68 35.19
C VAL B 313 26.84 -7.77 35.49
N ALA B 314 27.38 -7.97 36.68
CA ALA B 314 28.27 -7.06 37.38
C ALA B 314 29.74 -7.14 36.98
N GLY B 315 30.13 -7.74 35.85
CA GLY B 315 31.54 -7.99 35.71
C GLY B 315 32.04 -9.37 36.12
N GLY B 316 32.04 -10.32 35.18
CA GLY B 316 31.93 -11.74 35.43
C GLY B 316 30.89 -12.53 34.66
N LEU B 317 30.64 -12.08 33.43
CA LEU B 317 29.74 -12.78 32.48
C LEU B 317 30.53 -13.20 31.24
N PRO B 318 31.15 -14.40 31.31
CA PRO B 318 32.06 -14.99 30.31
C PRO B 318 31.43 -15.34 28.97
N SER B 319 32.22 -16.01 28.13
CA SER B 319 31.84 -16.35 26.76
C SER B 319 31.59 -15.05 26.00
N ASN B 320 32.29 -14.01 26.43
CA ASN B 320 32.24 -12.69 25.83
C ASN B 320 30.85 -12.06 25.81
N LEU B 321 29.93 -12.52 26.67
CA LEU B 321 28.56 -11.99 26.66
C LEU B 321 27.91 -12.21 25.29
N TRP B 322 27.32 -13.39 25.09
CA TRP B 322 26.95 -13.87 23.75
C TRP B 322 26.32 -12.73 22.95
N GLU B 323 26.84 -12.53 21.75
CA GLU B 323 26.62 -11.30 21.00
C GLU B 323 25.16 -11.06 20.63
N GLY B 324 24.68 -9.87 20.96
CA GLY B 324 23.29 -9.50 20.74
C GLY B 324 22.46 -9.54 22.00
N LEU B 325 23.10 -9.71 23.14
CA LEU B 325 22.38 -9.80 24.40
C LEU B 325 22.24 -8.45 25.08
N ARG B 326 21.00 -7.96 25.12
CA ARG B 326 20.68 -6.67 25.74
C ARG B 326 20.51 -6.82 27.24
N LEU B 327 21.11 -5.89 27.99
CA LEU B 327 21.04 -5.92 29.43
C LEU B 327 20.25 -4.70 29.94
N GLY B 328 19.53 -4.87 31.04
CA GLY B 328 18.65 -3.82 31.53
C GLY B 328 18.00 -4.10 32.87
N PRO B 329 16.89 -3.40 33.15
CA PRO B 329 16.14 -3.47 34.41
C PRO B 329 15.75 -4.89 34.80
N LEU B 330 15.46 -5.72 33.80
CA LEU B 330 15.15 -7.13 34.02
C LEU B 330 15.86 -7.99 32.98
N ASN B 331 16.63 -8.97 33.44
CA ASN B 331 17.36 -9.84 32.54
C ASN B 331 16.95 -11.31 32.69
N LEU B 332 16.26 -11.81 31.66
CA LEU B 332 15.78 -13.18 31.66
C LEU B 332 16.20 -13.87 30.36
N GLN B 333 17.06 -14.87 30.48
CA GLN B 333 17.64 -15.51 29.30
C GLN B 333 16.79 -16.65 28.74
N ASP B 334 16.61 -16.64 27.43
CA ASP B 334 15.94 -17.72 26.73
C ASP B 334 16.74 -19.01 26.92
N PRO B 335 16.05 -20.13 27.19
CA PRO B 335 16.68 -21.44 27.45
C PRO B 335 17.52 -21.98 26.29
N PHE B 336 17.31 -21.41 25.11
CA PHE B 336 17.94 -21.92 23.90
C PHE B 336 18.82 -20.87 23.23
N ASP B 337 18.24 -19.74 22.86
CA ASP B 337 19.02 -18.65 22.30
C ASP B 337 19.51 -17.80 23.47
N LEU B 338 20.80 -17.87 23.74
CA LEU B 338 21.37 -17.27 24.94
C LEU B 338 21.66 -15.79 24.72
N SER B 339 21.63 -15.36 23.47
CA SER B 339 21.89 -13.98 23.12
C SER B 339 20.60 -13.17 23.15
N HIS B 340 19.51 -13.82 23.55
CA HIS B 340 18.21 -13.17 23.59
C HIS B 340 17.72 -12.98 25.01
N ASN B 341 17.55 -11.73 25.41
CA ASN B 341 16.90 -11.42 26.67
C ASN B 341 15.42 -11.21 26.40
N VAL B 342 14.58 -12.12 26.88
CA VAL B 342 13.15 -12.07 26.62
C VAL B 342 12.54 -10.89 27.37
N ALA B 343 13.26 -10.42 28.38
CA ALA B 343 12.83 -9.30 29.20
C ALA B 343 13.43 -7.97 28.76
N ALA B 344 14.18 -7.98 27.67
CA ALA B 344 14.92 -6.80 27.23
C ALA B 344 14.05 -5.58 26.99
N ASN B 345 12.76 -5.81 26.77
CA ASN B 345 11.82 -4.73 26.53
C ASN B 345 11.30 -4.11 27.82
N VAL B 346 11.59 -4.75 28.95
CA VAL B 346 11.07 -4.30 30.24
C VAL B 346 11.83 -3.08 30.74
N THR B 347 11.10 -1.99 30.97
CA THR B 347 11.68 -0.75 31.46
C THR B 347 11.83 -0.77 32.98
N SER B 348 12.36 0.31 33.53
CA SER B 348 12.56 0.40 34.97
C SER B 348 11.23 0.46 35.70
N ARG B 349 10.28 1.19 35.11
CA ARG B 349 8.94 1.32 35.67
C ARG B 349 8.25 -0.04 35.80
N VAL B 350 8.31 -0.83 34.73
CA VAL B 350 7.67 -2.13 34.69
C VAL B 350 8.32 -3.11 35.68
N ALA B 351 9.65 -3.09 35.75
CA ALA B 351 10.36 -3.97 36.67
C ALA B 351 10.06 -3.61 38.12
N GLY B 352 10.11 -2.31 38.42
CA GLY B 352 9.80 -1.81 39.75
C GLY B 352 8.39 -2.17 40.16
N ARG B 353 7.43 -1.93 39.26
CA ARG B 353 6.04 -2.29 39.54
C ARG B 353 5.87 -3.79 39.72
N LEU B 354 6.66 -4.57 38.99
CA LEU B 354 6.65 -6.01 39.11
C LEU B 354 7.04 -6.40 40.53
N GLN B 355 8.21 -5.94 40.97
CA GLN B 355 8.68 -6.27 42.31
C GLN B 355 7.76 -5.75 43.41
N ASN B 356 7.20 -4.56 43.22
CA ASN B 356 6.29 -3.98 44.19
C ASN B 356 5.01 -4.79 44.34
N CYS B 357 4.35 -5.08 43.22
CA CYS B 357 3.11 -5.85 43.23
C CYS B 357 3.35 -7.27 43.74
N CYS B 358 4.53 -7.81 43.45
CA CYS B 358 4.90 -9.13 43.92
C CYS B 358 5.10 -9.12 45.43
N ARG B 359 5.63 -8.00 45.94
CA ARG B 359 5.84 -7.82 47.36
C ARG B 359 4.51 -7.69 48.11
N ALA B 360 3.59 -6.91 47.54
CA ALA B 360 2.26 -6.75 48.13
C ALA B 360 1.49 -8.06 48.09
N ALA B 361 1.64 -8.79 46.99
CA ALA B 361 1.00 -10.10 46.84
C ALA B 361 1.57 -11.09 47.86
N ALA B 362 2.87 -10.95 48.11
CA ALA B 362 3.54 -11.78 49.11
C ALA B 362 2.98 -11.47 50.49
N ASN B 363 2.73 -10.19 50.75
CA ASN B 363 2.10 -9.78 52.00
C ASN B 363 0.69 -10.34 52.15
N TYR B 364 -0.07 -10.38 51.05
CA TYR B 364 -1.41 -10.93 51.11
C TYR B 364 -1.39 -12.44 51.33
N CYS B 365 -0.41 -13.11 50.75
CA CYS B 365 -0.33 -14.57 50.86
C CYS B 365 0.01 -15.01 52.29
N ARG B 366 0.54 -14.08 53.07
CA ARG B 366 0.88 -14.36 54.46
C ARG B 366 -0.31 -14.04 55.37
N SER B 367 -1.36 -13.43 54.81
CA SER B 367 -2.54 -13.11 55.60
C SER B 367 -3.36 -14.35 55.88
N LEU B 368 -4.37 -14.21 56.73
CA LEU B 368 -5.23 -15.33 57.09
C LEU B 368 -6.25 -15.60 56.00
N GLN B 369 -6.68 -14.53 55.34
CA GLN B 369 -7.70 -14.61 54.31
C GLN B 369 -7.25 -15.47 53.14
N TYR B 370 -5.97 -15.44 52.83
CA TYR B 370 -5.42 -16.26 51.75
C TYR B 370 -5.35 -17.73 52.17
N GLN B 371 -4.71 -17.97 53.31
CA GLN B 371 -4.50 -19.33 53.79
C GLN B 371 -5.80 -20.10 54.01
N ARG B 372 -6.57 -19.69 55.00
CA ARG B 372 -7.80 -20.38 55.35
C ARG B 372 -8.91 -20.03 54.38
N ARG B 373 -9.83 -20.97 54.19
CA ARG B 373 -10.98 -20.73 53.32
C ARG B 373 -11.95 -19.78 54.03
N SER B 374 -13.04 -19.44 53.35
CA SER B 374 -14.10 -18.68 53.98
C SER B 374 -15.39 -19.49 53.95
N SER B 375 -16.28 -19.19 54.88
CA SER B 375 -17.53 -19.92 55.01
C SER B 375 -18.45 -19.56 53.86
N ARG B 376 -18.92 -18.32 53.84
CA ARG B 376 -19.67 -17.80 52.71
C ARG B 376 -18.71 -17.59 51.53
N GLY B 377 -17.75 -16.69 51.69
CA GLY B 377 -16.65 -16.59 50.74
C GLY B 377 -16.74 -15.59 49.60
N ARG B 378 -16.02 -15.92 48.53
CA ARG B 378 -15.91 -15.17 47.27
C ARG B 378 -14.86 -14.07 47.43
N ASP B 379 -14.46 -13.82 48.67
CA ASP B 379 -13.38 -12.90 49.01
C ASP B 379 -12.08 -13.62 49.39
N TRP B 380 -12.04 -14.95 49.29
CA TRP B 380 -10.93 -15.70 49.87
C TRP B 380 -9.95 -16.37 48.90
N GLY B 381 -8.75 -16.63 49.42
CA GLY B 381 -7.74 -17.37 48.69
C GLY B 381 -7.24 -16.66 47.44
N LEU B 382 -7.37 -17.33 46.31
CA LEU B 382 -6.86 -16.84 45.05
C LEU B 382 -7.60 -15.60 44.51
N LEU B 383 -8.85 -15.44 44.92
CA LEU B 383 -9.75 -14.47 44.30
C LEU B 383 -9.32 -13.00 44.38
N PRO B 384 -8.80 -12.54 45.54
CA PRO B 384 -8.33 -11.16 45.49
C PRO B 384 -7.13 -10.96 44.55
N LEU B 385 -6.36 -12.01 44.33
CA LEU B 385 -5.21 -11.95 43.42
C LEU B 385 -5.63 -11.88 41.95
N LEU B 386 -6.70 -12.59 41.59
CA LEU B 386 -7.13 -12.65 40.20
C LEU B 386 -7.94 -11.43 39.79
N GLN B 387 -8.47 -10.71 40.78
CA GLN B 387 -9.21 -9.49 40.53
C GLN B 387 -8.33 -8.42 39.87
N PRO B 388 -8.83 -7.78 38.80
CA PRO B 388 -8.08 -6.76 38.07
C PRO B 388 -7.87 -5.48 38.87
N SER B 389 -6.83 -4.72 38.53
CA SER B 389 -6.51 -3.48 39.23
C SER B 389 -7.40 -2.33 38.76
N SER B 390 -7.56 -1.33 39.62
CA SER B 390 -8.33 -0.14 39.31
C SER B 390 -7.76 0.59 38.10
N PRO B 391 -8.64 1.15 37.26
CA PRO B 391 -8.20 1.91 36.08
C PRO B 391 -7.25 3.04 36.44
N SER B 392 -7.40 3.60 37.64
CA SER B 392 -6.49 4.64 38.13
C SER B 392 -5.08 4.09 38.33
N SER B 393 -4.98 2.91 38.92
CA SER B 393 -3.68 2.27 39.15
C SER B 393 -3.05 1.88 37.82
N LEU B 394 -3.88 1.33 36.95
CA LEU B 394 -3.47 0.87 35.64
C LEU B 394 -2.94 2.05 34.81
N LEU B 395 -3.60 3.19 34.93
CA LEU B 395 -3.21 4.38 34.18
C LEU B 395 -2.01 5.10 34.78
N SER B 396 -1.90 5.08 36.11
CA SER B 396 -0.74 5.68 36.75
C SER B 396 0.49 4.84 36.46
N ALA B 397 0.26 3.56 36.15
CA ALA B 397 1.36 2.68 35.77
C ALA B 397 1.92 3.05 34.40
N THR B 398 1.03 3.18 33.42
CA THR B 398 1.43 3.53 32.06
C THR B 398 1.74 5.02 31.92
N PRO B 399 2.92 5.34 31.37
CA PRO B 399 3.36 6.73 31.14
C PRO B 399 2.79 7.32 29.86
N ILE B 400 3.09 8.60 29.62
CA ILE B 400 2.63 9.30 28.43
C ILE B 400 3.80 9.73 27.54
N PRO B 401 3.87 9.17 26.31
CA PRO B 401 4.94 9.47 25.35
C PRO B 401 4.99 10.96 24.96
N LEU B 402 6.18 11.54 24.96
CA LEU B 402 6.35 12.93 24.55
C LEU B 402 7.30 13.06 23.37
N PRO B 403 7.08 14.07 22.51
CA PRO B 403 7.86 14.33 21.31
C PRO B 403 9.35 14.57 21.59
N LEU B 404 10.19 14.41 20.58
CA LEU B 404 11.62 14.63 20.71
C LEU B 404 11.91 16.05 21.17
N ALA B 405 12.76 16.18 22.19
CA ALA B 405 13.10 17.47 22.77
C ALA B 405 14.17 17.32 23.85
N PRO B 406 15.04 18.33 23.98
CA PRO B 406 16.01 18.37 25.09
C PRO B 406 15.29 18.27 26.42
N PHE B 407 15.86 17.52 27.36
CA PHE B 407 15.21 17.25 28.63
C PHE B 407 14.83 18.51 29.40
N THR B 408 15.78 19.44 29.54
CA THR B 408 15.54 20.68 30.28
C THR B 408 14.45 21.53 29.63
N GLN B 409 14.58 21.74 28.32
CA GLN B 409 13.62 22.54 27.56
C GLN B 409 12.23 21.90 27.62
N LEU B 410 12.22 20.57 27.59
CA LEU B 410 10.98 19.82 27.64
C LEU B 410 10.29 19.94 29.00
N THR B 411 11.08 19.89 30.07
CA THR B 411 10.53 20.03 31.42
C THR B 411 10.01 21.44 31.67
N ALA B 412 10.76 22.45 31.23
CA ALA B 412 10.32 23.84 31.37
C ALA B 412 9.03 24.06 30.59
N ALA B 413 8.98 23.51 29.38
CA ALA B 413 7.78 23.58 28.56
C ALA B 413 6.61 22.96 29.30
N LEU B 414 6.81 21.77 29.85
CA LEU B 414 5.76 21.05 30.56
C LEU B 414 5.24 21.82 31.76
N VAL B 415 6.13 22.33 32.61
CA VAL B 415 5.69 23.06 33.78
C VAL B 415 5.01 24.37 33.39
N GLN B 416 5.34 24.88 32.20
CA GLN B 416 4.59 26.03 31.70
C GLN B 416 3.19 25.60 31.28
N VAL B 417 3.09 24.40 30.72
CA VAL B 417 1.79 23.87 30.28
C VAL B 417 0.89 23.57 31.47
N PHE B 418 1.47 23.18 32.59
CA PHE B 418 0.70 22.94 33.81
C PHE B 418 0.36 24.24 34.54
N ARG B 419 1.35 25.13 34.67
CA ARG B 419 1.18 26.40 35.37
C ARG B 419 0.03 27.22 34.78
N GLU B 420 0.23 27.73 33.58
CA GLU B 420 -0.85 28.36 32.84
C GLU B 420 -1.41 27.32 31.86
N ALA B 421 -2.46 27.68 31.12
CA ALA B 421 -3.16 26.78 30.20
C ALA B 421 -3.90 25.66 30.93
N LEU B 422 -3.56 25.49 32.21
CA LEU B 422 -4.26 24.57 33.11
C LEU B 422 -4.30 25.28 34.45
N GLY B 423 -5.35 25.03 35.23
CA GLY B 423 -5.52 25.74 36.49
C GLY B 423 -4.62 25.23 37.60
N CYS B 424 -3.62 24.43 37.23
CA CYS B 424 -2.77 23.73 38.19
C CYS B 424 -2.03 24.63 39.15
N HIS B 425 -2.07 24.25 40.42
CA HIS B 425 -1.21 24.85 41.43
C HIS B 425 -0.05 23.87 41.62
N ILE B 426 1.13 24.26 41.17
CA ILE B 426 2.25 23.32 41.16
C ILE B 426 3.38 23.73 42.10
N GLU B 427 4.14 22.75 42.56
CA GLU B 427 5.31 23.01 43.40
C GLU B 427 6.36 21.91 43.25
N GLN B 428 7.62 22.27 43.50
CA GLN B 428 8.74 21.34 43.29
C GLN B 428 8.70 20.19 44.31
N SER B 454 15.85 12.59 37.00
CA SER B 454 14.46 12.76 36.61
C SER B 454 13.86 14.03 37.24
N ALA B 455 12.79 14.55 36.63
CA ALA B 455 12.15 15.76 37.15
C ALA B 455 10.74 15.45 37.62
N SER B 456 10.29 16.11 38.68
CA SER B 456 8.97 15.83 39.23
C SER B 456 8.31 17.09 39.81
N TRP B 457 7.00 17.19 39.60
CA TRP B 457 6.26 18.34 40.09
C TRP B 457 4.94 17.89 40.72
N ARG B 458 4.54 18.55 41.80
CA ARG B 458 3.31 18.23 42.49
C ARG B 458 2.23 19.23 42.06
N CYS B 459 1.16 18.72 41.43
CA CYS B 459 0.12 19.58 40.89
C CYS B 459 -1.22 19.39 41.60
N ALA B 460 -1.97 20.47 41.71
CA ALA B 460 -3.29 20.43 42.33
C ALA B 460 -4.34 21.15 41.48
N LEU B 461 -5.54 20.60 41.44
CA LEU B 461 -6.62 21.16 40.63
C LEU B 461 -7.93 21.21 41.41
N TRP B 462 -8.56 22.37 41.43
CA TRP B 462 -9.87 22.53 42.06
C TRP B 462 -11.04 22.51 41.08
N HIS B 463 -10.74 22.34 39.79
CA HIS B 463 -11.78 22.42 38.76
C HIS B 463 -11.62 21.30 37.75
N ARG B 464 -12.63 21.08 36.90
CA ARG B 464 -12.49 20.10 35.84
C ARG B 464 -11.93 20.83 34.64
N VAL B 465 -10.64 20.67 34.42
CA VAL B 465 -9.97 21.32 33.29
C VAL B 465 -10.13 20.46 32.05
N TRP B 466 -10.16 19.15 32.27
CA TRP B 466 -10.11 18.16 31.20
C TRP B 466 -11.38 18.02 30.37
N GLN B 467 -12.45 18.70 30.75
CA GLN B 467 -13.69 18.58 30.01
C GLN B 467 -14.39 19.91 29.81
N GLY B 468 -15.03 20.07 28.65
CA GLY B 468 -15.82 21.24 28.36
C GLY B 468 -15.05 22.33 27.64
N ARG B 469 -13.86 22.02 27.17
CA ARG B 469 -13.00 23.02 26.54
C ARG B 469 -13.58 23.45 25.19
N ARG B 470 -14.36 22.56 24.58
CA ARG B 470 -14.99 22.85 23.30
C ARG B 470 -16.00 23.98 23.45
N ARG B 471 -16.96 23.79 24.36
CA ARG B 471 -17.96 24.81 24.64
C ARG B 471 -17.33 26.14 25.05
N ALA B 472 -16.26 26.05 25.82
CA ALA B 472 -15.56 27.23 26.32
C ALA B 472 -14.92 28.01 25.18
N ARG B 473 -14.14 27.32 24.36
CA ARG B 473 -13.45 27.97 23.25
C ARG B 473 -14.44 28.48 22.20
N ARG B 474 -15.55 27.76 22.03
CA ARG B 474 -16.61 28.22 21.13
C ARG B 474 -17.25 29.49 21.68
N ARG B 475 -17.39 29.54 23.00
CA ARG B 475 -17.92 30.74 23.67
C ARG B 475 -16.98 31.92 23.45
N LEU B 476 -15.68 31.66 23.57
CA LEU B 476 -14.67 32.70 23.39
C LEU B 476 -14.68 33.22 21.95
N GLN B 477 -14.82 32.29 21.01
CA GLN B 477 -14.86 32.65 19.60
C GLN B 477 -16.18 33.33 19.22
N GLN B 478 -17.23 33.10 19.99
CA GLN B 478 -18.50 33.79 19.80
C GLN B 478 -18.39 35.22 20.32
N GLN B 479 -17.71 35.38 21.45
CA GLN B 479 -17.42 36.70 22.00
C GLN B 479 -16.45 37.45 21.10
N THR B 480 -15.70 36.69 20.29
CA THR B 480 -14.84 37.29 19.27
C THR B 480 -15.66 37.68 18.04
N LYS B 481 -16.69 36.90 17.73
CA LYS B 481 -17.58 37.20 16.61
C LYS B 481 -18.37 38.47 16.86
N GLU B 482 -19.07 38.53 17.99
CA GLU B 482 -19.89 39.68 18.33
C GLU B 482 -19.02 40.88 18.73
N GLY B 483 -17.83 40.59 19.25
CA GLY B 483 -16.91 41.63 19.67
C GLY B 483 -15.57 41.56 18.96
N GLY B 493 -0.26 33.89 21.47
CA GLY B 493 0.03 32.63 20.81
C GLY B 493 -0.69 31.48 21.48
N TRP B 494 0.03 30.40 21.77
CA TRP B 494 -0.50 29.26 22.52
C TRP B 494 -0.33 29.53 24.00
N LEU B 495 -0.43 28.50 24.84
CA LEU B 495 -0.34 28.70 26.27
C LEU B 495 -1.47 29.61 26.73
N ALA B 496 -1.18 30.89 26.97
CA ALA B 496 -2.16 31.83 27.49
C ALA B 496 -3.57 31.74 26.84
N THR B 497 -3.64 31.51 25.53
CA THR B 497 -4.95 31.35 24.88
C THR B 497 -5.74 30.20 25.53
N GLU B 498 -5.07 29.05 25.65
CA GLU B 498 -5.61 27.88 26.31
C GLU B 498 -5.94 28.25 27.75
N ALA B 499 -5.12 29.10 28.36
CA ALA B 499 -5.34 29.50 29.74
C ALA B 499 -6.67 30.24 29.82
N GLN B 500 -6.92 31.08 28.82
CA GLN B 500 -8.19 31.80 28.78
C GLN B 500 -9.31 30.78 28.78
N VAL B 501 -9.16 29.75 27.95
CA VAL B 501 -10.15 28.69 27.86
C VAL B 501 -10.35 28.11 29.24
N THR B 502 -9.24 27.80 29.91
CA THR B 502 -9.28 27.19 31.22
C THR B 502 -10.00 28.12 32.19
N GLN B 503 -9.67 29.41 32.12
CA GLN B 503 -10.28 30.37 33.02
C GLN B 503 -11.79 30.50 32.72
N GLU B 504 -12.13 30.39 31.44
CA GLU B 504 -13.52 30.49 31.03
C GLU B 504 -14.18 29.12 31.05
N LEU B 505 -13.42 28.11 31.46
CA LEU B 505 -13.96 26.76 31.62
C LEU B 505 -14.85 26.61 32.85
N LYS B 506 -14.59 27.42 33.87
CA LYS B 506 -15.29 27.27 35.14
C LYS B 506 -16.77 27.65 35.00
N GLY B 507 -17.64 26.70 35.31
CA GLY B 507 -19.07 26.88 35.16
C GLY B 507 -19.69 27.71 36.27
N GLU B 512 -18.04 21.83 43.19
CA GLU B 512 -18.56 23.14 43.57
C GLU B 512 -17.98 23.60 44.90
N GLU B 513 -17.69 24.91 44.98
CA GLU B 513 -16.98 25.47 46.13
C GLU B 513 -15.64 24.80 46.36
N ARG B 514 -15.57 24.06 47.48
CA ARG B 514 -14.38 23.39 48.02
C ARG B 514 -13.45 24.38 48.71
N PRO B 515 -12.76 23.91 49.75
CA PRO B 515 -11.71 24.64 50.46
C PRO B 515 -10.39 24.66 49.72
N GLU B 516 -9.45 25.43 50.25
CA GLU B 516 -8.13 25.59 49.66
C GLU B 516 -7.17 24.52 50.13
N THR B 517 -7.53 23.81 51.20
CA THR B 517 -6.73 22.71 51.70
C THR B 517 -7.00 21.39 50.97
N GLU B 518 -8.18 21.25 50.39
CA GLU B 518 -8.60 19.97 49.82
C GLU B 518 -8.96 20.05 48.33
N PRO B 519 -7.98 19.75 47.46
CA PRO B 519 -8.07 19.81 45.99
C PRO B 519 -9.13 18.86 45.44
N LEU B 520 -9.65 19.17 44.25
CA LEU B 520 -10.58 18.29 43.59
C LEU B 520 -9.81 17.08 43.07
N LEU B 521 -8.69 17.35 42.42
CA LEU B 521 -7.77 16.30 41.98
C LEU B 521 -6.32 16.76 42.13
N SER B 522 -5.52 16.02 42.88
CA SER B 522 -4.10 16.35 43.01
C SER B 522 -3.24 15.16 42.62
N PHE B 523 -2.16 15.44 41.89
CA PHE B 523 -1.33 14.40 41.30
C PHE B 523 0.15 14.77 41.19
N VAL B 524 0.94 13.85 40.65
CA VAL B 524 2.37 14.04 40.47
C VAL B 524 2.80 13.81 39.03
N ALA B 525 3.56 14.75 38.48
CA ALA B 525 4.05 14.63 37.11
C ALA B 525 5.55 14.40 37.10
N SER B 526 5.98 13.30 36.47
CA SER B 526 7.40 12.95 36.45
C SER B 526 7.93 12.62 35.05
N VAL B 527 9.07 13.20 34.72
CA VAL B 527 9.72 12.92 33.45
C VAL B 527 11.09 12.28 33.68
N SER B 528 11.29 11.10 33.09
CA SER B 528 12.56 10.38 33.19
C SER B 528 13.50 10.79 32.07
N PRO B 529 14.81 10.82 32.35
CA PRO B 529 15.83 11.21 31.38
C PRO B 529 15.85 10.35 30.12
N ALA B 530 15.78 9.03 30.26
CA ALA B 530 15.63 8.15 29.10
C ALA B 530 14.76 6.94 29.43
N ASP B 531 13.75 6.67 28.62
CA ASP B 531 13.30 7.55 27.54
C ASP B 531 12.51 8.69 28.16
N ARG B 532 12.30 9.78 27.42
CA ARG B 532 11.63 10.91 28.02
C ARG B 532 10.13 10.69 27.87
N MET B 533 9.50 10.36 28.99
CA MET B 533 8.09 10.04 29.07
C MET B 533 7.53 10.54 30.37
N LEU B 534 6.33 11.10 30.31
CA LEU B 534 5.69 11.63 31.51
C LEU B 534 4.92 10.54 32.23
N THR B 535 5.21 10.36 33.50
CA THR B 535 4.49 9.39 34.32
C THR B 535 3.62 10.16 35.32
N VAL B 536 2.30 10.09 35.13
CA VAL B 536 1.37 10.81 35.98
C VAL B 536 0.70 9.88 36.99
N THR B 537 0.93 10.17 38.28
CA THR B 537 0.33 9.37 39.34
C THR B 537 -0.53 10.24 40.25
N PRO B 538 -1.69 9.71 40.67
CA PRO B 538 -2.63 10.47 41.49
C PRO B 538 -2.21 10.56 42.94
N LEU B 539 -2.52 11.69 43.58
CA LEU B 539 -2.35 11.82 45.02
C LEU B 539 -3.72 11.79 45.68
N GLN B 540 -4.47 12.89 45.55
CA GLN B 540 -5.81 12.95 46.13
C GLN B 540 -6.89 13.00 45.05
N ASP B 541 -7.70 11.95 44.98
CA ASP B 541 -8.74 11.86 43.96
C ASP B 541 -10.06 11.36 44.56
N PRO B 542 -10.79 12.26 45.23
CA PRO B 542 -12.04 11.95 45.93
C PRO B 542 -13.14 11.43 45.00
N GLN B 543 -13.34 12.09 43.87
CA GLN B 543 -14.43 11.73 42.97
C GLN B 543 -13.97 10.75 41.89
N GLY B 544 -12.71 10.32 41.99
CA GLY B 544 -12.17 9.30 41.12
C GLY B 544 -12.11 9.66 39.64
N LEU B 545 -11.85 10.93 39.36
CA LEU B 545 -11.80 11.42 37.99
C LEU B 545 -10.39 11.44 37.42
N PHE B 546 -9.43 10.89 38.16
CA PHE B 546 -8.05 10.82 37.68
C PHE B 546 -7.88 10.20 36.28
N PRO B 547 -8.59 9.10 35.98
CA PRO B 547 -8.46 8.54 34.62
C PRO B 547 -8.81 9.53 33.51
N ASP B 548 -9.84 10.34 33.73
CA ASP B 548 -10.22 11.39 32.78
C ASP B 548 -9.04 12.33 32.53
N LEU B 549 -8.43 12.77 33.62
CA LEU B 549 -7.26 13.64 33.56
C LEU B 549 -6.13 12.97 32.80
N HIS B 550 -5.96 11.67 33.01
CA HIS B 550 -4.86 10.95 32.39
C HIS B 550 -5.03 10.85 30.88
N HIS B 551 -6.23 10.51 30.42
CA HIS B 551 -6.49 10.46 28.99
C HIS B 551 -6.36 11.85 28.35
N PHE B 552 -6.96 12.83 29.02
CA PHE B 552 -6.89 14.21 28.59
C PHE B 552 -5.45 14.65 28.41
N LEU B 553 -4.60 14.31 29.38
CA LEU B 553 -3.18 14.66 29.31
C LEU B 553 -2.48 13.91 28.19
N GLN B 554 -2.85 12.64 28.02
CA GLN B 554 -2.30 11.81 26.94
C GLN B 554 -2.45 12.49 25.58
N VAL B 555 -3.61 13.07 25.33
CA VAL B 555 -3.78 13.80 24.06
C VAL B 555 -3.21 15.22 24.10
N PHE B 556 -3.43 15.92 25.20
CA PHE B 556 -3.19 17.36 25.31
C PHE B 556 -1.71 17.73 25.38
N LEU B 557 -0.95 17.04 26.22
CA LEU B 557 0.45 17.41 26.43
C LEU B 557 1.31 17.28 25.15
N PRO B 558 1.13 16.20 24.36
CA PRO B 558 1.84 16.18 23.07
C PRO B 558 1.43 17.33 22.15
N GLN B 559 0.15 17.70 22.16
CA GLN B 559 -0.32 18.84 21.38
C GLN B 559 0.37 20.11 21.85
N ALA B 560 0.46 20.25 23.16
CA ALA B 560 1.11 21.40 23.77
C ALA B 560 2.56 21.51 23.30
N ILE B 561 3.32 20.44 23.49
CA ILE B 561 4.72 20.42 23.08
C ILE B 561 4.86 20.70 21.58
N ARG B 562 3.96 20.12 20.79
CA ARG B 562 4.00 20.29 19.34
C ARG B 562 3.80 21.73 18.92
N HIS B 563 2.76 22.38 19.45
CA HIS B 563 2.48 23.78 19.12
C HIS B 563 3.52 24.73 19.69
N LEU B 564 4.07 24.39 20.84
CA LEU B 564 5.11 25.23 21.42
C LEU B 564 6.38 25.13 20.58
N LYS B 565 6.61 23.97 19.97
CA LYS B 565 7.73 23.82 19.05
C LYS B 565 7.49 24.67 17.81
N LEU B 566 6.21 24.79 17.43
CA LEU B 566 5.80 25.55 16.24
C LEU B 566 5.98 27.05 16.42
N GLU B 567 6.33 27.47 17.63
CA GLU B 567 6.58 28.89 17.90
C GLU B 567 8.07 29.19 18.00
N ASP C 6 18.12 10.22 -32.24
CA ASP C 6 16.95 10.15 -33.10
C ASP C 6 16.46 11.53 -33.54
N SER C 7 15.75 11.51 -34.68
CA SER C 7 15.10 12.66 -35.32
C SER C 7 16.11 13.59 -35.99
N HIS C 8 17.35 13.61 -35.50
CA HIS C 8 18.43 14.30 -36.18
C HIS C 8 18.79 13.39 -37.35
N GLN C 9 19.03 12.14 -36.98
CA GLN C 9 19.36 11.06 -37.90
C GLN C 9 18.19 10.74 -38.82
N LEU C 10 16.99 10.68 -38.24
CA LEU C 10 15.79 10.31 -38.97
C LEU C 10 15.54 11.22 -40.17
N ALA C 11 15.68 12.52 -39.94
CA ALA C 11 15.47 13.51 -40.99
C ALA C 11 16.43 13.30 -42.17
N LYS C 12 17.72 13.22 -41.87
CA LYS C 12 18.72 13.09 -42.92
C LYS C 12 18.68 11.71 -43.57
N ALA C 13 18.15 10.72 -42.86
CA ALA C 13 18.05 9.36 -43.37
C ALA C 13 16.88 9.24 -44.33
N LEU C 14 15.76 9.89 -44.00
CA LEU C 14 14.59 9.86 -44.87
C LEU C 14 14.76 10.80 -46.06
N ALA C 15 15.54 11.87 -45.86
CA ALA C 15 15.74 12.87 -46.89
C ALA C 15 16.57 12.34 -48.07
N GLU C 16 17.37 11.32 -47.81
CA GLU C 16 18.29 10.81 -48.82
C GLU C 16 17.71 9.72 -49.69
N ALA C 17 16.52 9.23 -49.36
CA ALA C 17 15.99 8.07 -50.08
C ALA C 17 14.89 8.42 -51.09
N ALA C 18 15.25 8.36 -52.36
CA ALA C 18 14.30 8.25 -53.47
C ALA C 18 13.10 9.18 -53.39
N ASP C 19 11.91 8.57 -53.32
CA ASP C 19 10.64 9.29 -53.26
C ASP C 19 9.94 9.07 -51.91
N VAL C 20 8.72 9.56 -51.78
CA VAL C 20 7.95 9.47 -50.54
C VAL C 20 7.75 8.03 -50.04
N GLY C 21 7.44 7.12 -50.96
CA GLY C 21 7.24 5.72 -50.59
C GLY C 21 8.45 5.11 -49.94
N ALA C 22 9.62 5.34 -50.56
CA ALA C 22 10.88 4.85 -50.02
C ALA C 22 11.16 5.47 -48.66
N GLN C 23 10.72 6.71 -48.49
CA GLN C 23 10.82 7.38 -47.19
C GLN C 23 10.02 6.61 -46.16
N MET C 24 8.81 6.20 -46.54
CA MET C 24 7.95 5.47 -45.63
C MET C 24 8.53 4.11 -45.25
N ILE C 25 9.00 3.37 -46.26
CA ILE C 25 9.58 2.05 -46.02
C ILE C 25 10.84 2.15 -45.15
N LYS C 26 11.67 3.14 -45.44
CA LYS C 26 12.86 3.41 -44.65
C LYS C 26 12.49 3.78 -43.22
N LEU C 27 11.38 4.51 -43.07
CA LEU C 27 10.87 4.89 -41.76
C LEU C 27 10.50 3.64 -40.96
N VAL C 28 9.80 2.71 -41.61
CA VAL C 28 9.45 1.46 -40.98
C VAL C 28 10.69 0.70 -40.55
N GLY C 29 11.66 0.62 -41.45
CA GLY C 29 12.92 -0.06 -41.18
C GLY C 29 13.69 0.54 -40.01
N LEU C 30 13.61 1.86 -39.87
CA LEU C 30 14.34 2.56 -38.84
C LEU C 30 13.66 2.45 -37.47
N ARG C 31 12.33 2.52 -37.47
CA ARG C 31 11.59 2.54 -36.21
C ARG C 31 11.22 1.16 -35.67
N GLU C 32 11.32 0.12 -36.49
CA GLU C 32 10.96 -1.23 -36.04
C GLU C 32 12.01 -1.81 -35.09
N LEU C 33 11.57 -2.72 -34.23
CA LEU C 33 12.46 -3.35 -33.26
C LEU C 33 13.51 -4.21 -33.97
N SER C 34 14.76 -4.11 -33.51
CA SER C 34 15.84 -4.92 -34.04
C SER C 34 15.71 -6.36 -33.54
N GLU C 35 16.60 -7.21 -34.01
CA GLU C 35 16.56 -8.62 -33.62
C GLU C 35 17.00 -8.78 -32.17
N ALA C 36 17.97 -7.99 -31.75
CA ALA C 36 18.48 -8.04 -30.39
C ALA C 36 17.41 -7.64 -29.38
N GLU C 37 16.61 -6.64 -29.73
CA GLU C 37 15.54 -6.16 -28.86
C GLU C 37 14.47 -7.24 -28.68
N ARG C 38 14.13 -7.89 -29.77
CA ARG C 38 13.18 -9.00 -29.75
C ARG C 38 13.74 -10.13 -28.91
N GLN C 39 15.05 -10.33 -28.99
CA GLN C 39 15.71 -11.37 -28.20
C GLN C 39 15.60 -11.07 -26.71
N LEU C 40 15.85 -9.82 -26.34
CA LEU C 40 15.72 -9.38 -24.96
C LEU C 40 14.30 -9.62 -24.45
N ARG C 41 13.33 -9.19 -25.25
CA ARG C 41 11.92 -9.37 -24.91
C ARG C 41 11.58 -10.84 -24.71
N SER C 42 12.04 -11.69 -25.61
CA SER C 42 11.81 -13.13 -25.52
C SER C 42 12.45 -13.72 -24.26
N LEU C 43 13.59 -13.16 -23.86
CA LEU C 43 14.27 -13.61 -22.66
C LEU C 43 13.45 -13.28 -21.41
N VAL C 44 12.96 -12.04 -21.35
CA VAL C 44 12.11 -11.63 -20.24
C VAL C 44 10.83 -12.47 -20.18
N VAL C 45 10.21 -12.67 -21.34
CA VAL C 45 9.02 -13.50 -21.45
C VAL C 45 9.31 -14.91 -20.94
N ALA C 46 10.51 -15.41 -21.25
CA ALA C 46 10.94 -16.70 -20.74
C ALA C 46 11.00 -16.72 -19.22
N LEU C 47 11.52 -15.64 -18.62
CA LEU C 47 11.52 -15.51 -17.16
C LEU C 47 10.13 -15.54 -16.54
N MET C 48 9.26 -14.65 -17.04
CA MET C 48 7.88 -14.58 -16.58
C MET C 48 7.21 -15.94 -16.67
N GLN C 49 7.32 -16.55 -17.84
CA GLN C 49 6.76 -17.86 -18.10
C GLN C 49 7.30 -18.90 -17.11
N GLU C 50 8.59 -18.82 -16.81
CA GLU C 50 9.23 -19.76 -15.90
C GLU C 50 8.67 -19.68 -14.48
N VAL C 51 8.66 -18.46 -13.93
CA VAL C 51 8.17 -18.26 -12.57
C VAL C 51 6.67 -18.58 -12.46
N PHE C 52 5.88 -18.07 -13.41
CA PHE C 52 4.45 -18.33 -13.40
C PHE C 52 4.11 -19.79 -13.66
N THR C 53 5.02 -20.53 -14.30
CA THR C 53 4.83 -21.96 -14.48
C THR C 53 5.13 -22.65 -13.16
N GLU C 54 6.11 -22.12 -12.43
CA GLU C 54 6.41 -22.64 -11.10
C GLU C 54 5.19 -22.49 -10.18
N PHE C 55 4.56 -21.32 -10.21
CA PHE C 55 3.40 -21.08 -9.35
C PHE C 55 2.10 -21.67 -9.92
N PHE C 56 1.91 -21.52 -11.23
CA PHE C 56 0.71 -22.05 -11.88
C PHE C 56 1.08 -23.03 -12.99
N PRO C 57 1.30 -24.30 -12.63
CA PRO C 57 1.70 -25.32 -13.60
C PRO C 57 0.72 -25.44 -14.77
N GLY C 58 1.25 -25.42 -15.99
CA GLY C 58 0.44 -25.55 -17.19
C GLY C 58 -0.19 -24.25 -17.66
N CYS C 59 0.40 -23.13 -17.23
CA CYS C 59 -0.11 -21.81 -17.62
C CYS C 59 0.75 -21.26 -18.76
N VAL C 60 0.14 -20.48 -19.64
CA VAL C 60 0.89 -19.96 -20.79
C VAL C 60 0.91 -18.43 -20.84
N VAL C 61 2.11 -17.86 -20.92
CA VAL C 61 2.26 -16.41 -21.05
C VAL C 61 2.36 -16.00 -22.50
N HIS C 62 1.34 -15.28 -22.98
CA HIS C 62 1.28 -14.82 -24.35
C HIS C 62 1.64 -13.35 -24.47
N PRO C 63 2.78 -13.06 -25.12
CA PRO C 63 3.07 -11.66 -25.44
C PRO C 63 2.06 -11.15 -26.46
N PHE C 64 1.51 -9.97 -26.24
CA PHE C 64 0.56 -9.39 -27.19
C PHE C 64 0.77 -7.90 -27.37
N GLY C 65 -0.12 -7.28 -28.14
CA GLY C 65 -0.08 -5.85 -28.35
C GLY C 65 1.04 -5.46 -29.29
N SER C 66 1.75 -4.39 -28.93
CA SER C 66 2.78 -3.80 -29.78
C SER C 66 3.88 -4.79 -30.15
N SER C 67 4.04 -5.84 -29.36
CA SER C 67 5.10 -6.81 -29.59
C SER C 67 4.84 -7.68 -30.82
N ILE C 68 3.66 -8.28 -30.90
CA ILE C 68 3.37 -9.26 -31.94
C ILE C 68 2.59 -8.78 -33.17
N ASN C 69 2.13 -7.53 -33.16
CA ASN C 69 1.29 -7.04 -34.26
C ASN C 69 2.10 -6.44 -35.41
N SER C 70 3.42 -6.53 -35.30
CA SER C 70 4.38 -6.05 -36.31
C SER C 70 4.26 -4.55 -36.57
N PHE C 71 3.66 -3.84 -35.63
CA PHE C 71 3.67 -2.38 -35.60
C PHE C 71 4.69 -1.88 -34.59
N ASP C 72 5.45 -2.82 -34.03
CA ASP C 72 6.41 -2.57 -32.95
C ASP C 72 7.41 -1.45 -33.25
N VAL C 73 7.63 -0.62 -32.25
CA VAL C 73 8.63 0.45 -32.34
C VAL C 73 9.63 0.33 -31.19
N HIS C 74 10.76 1.02 -31.33
CA HIS C 74 11.81 0.98 -30.31
C HIS C 74 11.29 1.51 -28.98
N GLY C 75 11.48 0.73 -27.92
CA GLY C 75 11.06 1.13 -26.58
C GLY C 75 9.58 0.98 -26.34
N CYS C 76 8.92 0.13 -27.13
CA CYS C 76 7.51 -0.13 -26.97
C CYS C 76 7.25 -0.99 -25.74
N ASP C 77 6.02 -0.97 -25.25
CA ASP C 77 5.66 -1.76 -24.08
C ASP C 77 5.70 -3.26 -24.38
N LEU C 78 6.01 -4.06 -23.37
CA LEU C 78 5.90 -5.51 -23.48
C LEU C 78 4.67 -5.97 -22.71
N ASP C 79 3.62 -6.32 -23.43
CA ASP C 79 2.36 -6.70 -22.79
C ASP C 79 2.23 -8.21 -22.71
N LEU C 80 1.95 -8.71 -21.51
CA LEU C 80 1.90 -10.14 -21.29
C LEU C 80 0.53 -10.58 -20.77
N PHE C 81 -0.06 -11.56 -21.45
CA PHE C 81 -1.32 -12.14 -21.04
C PHE C 81 -1.09 -13.49 -20.35
N LEU C 82 -1.65 -13.66 -19.15
CA LEU C 82 -1.43 -14.89 -18.40
C LEU C 82 -2.62 -15.84 -18.56
N ASP C 83 -2.40 -16.91 -19.30
CA ASP C 83 -3.46 -17.86 -19.60
C ASP C 83 -3.48 -19.01 -18.60
N LEU C 84 -4.56 -19.02 -17.81
CA LEU C 84 -4.82 -19.97 -16.74
C LEU C 84 -5.98 -20.91 -17.06
N GLY C 85 -7.13 -20.29 -17.32
CA GLY C 85 -8.41 -20.97 -17.46
C GLY C 85 -8.76 -21.64 -18.78
N ASP C 86 -10.03 -21.54 -19.16
CA ASP C 86 -10.62 -22.27 -20.29
C ASP C 86 -10.65 -23.78 -20.15
N LEU C 87 -11.57 -24.25 -19.30
CA LEU C 87 -11.98 -25.65 -19.31
C LEU C 87 -12.35 -26.10 -20.72
N ALA C 126 -14.31 -9.08 -8.74
CA ALA C 126 -13.76 -9.05 -7.39
C ALA C 126 -12.73 -10.15 -7.19
N GLU C 127 -13.10 -11.38 -7.59
CA GLU C 127 -12.19 -12.52 -7.50
C GLU C 127 -10.98 -12.29 -8.39
N GLY C 128 -11.26 -11.82 -9.61
CA GLY C 128 -10.23 -11.49 -10.57
C GLY C 128 -9.26 -10.47 -10.03
N ALA C 129 -9.78 -9.54 -9.22
CA ALA C 129 -8.94 -8.52 -8.59
C ALA C 129 -8.00 -9.12 -7.55
N ALA C 130 -8.50 -10.10 -6.78
CA ALA C 130 -7.68 -10.79 -5.79
C ALA C 130 -6.57 -11.57 -6.48
N MET C 131 -6.92 -12.23 -7.57
CA MET C 131 -5.94 -12.96 -8.36
C MET C 131 -4.92 -12.00 -8.98
N LEU C 132 -5.40 -10.80 -9.33
CA LEU C 132 -4.54 -9.76 -9.89
C LEU C 132 -3.51 -9.30 -8.86
N GLU C 133 -3.96 -9.11 -7.62
CA GLU C 133 -3.07 -8.76 -6.53
C GLU C 133 -2.05 -9.87 -6.27
N LEU C 134 -2.51 -11.12 -6.39
CA LEU C 134 -1.61 -12.25 -6.23
C LEU C 134 -0.51 -12.22 -7.31
N VAL C 135 -0.92 -12.04 -8.56
CA VAL C 135 0.01 -11.95 -9.68
C VAL C 135 1.02 -10.83 -9.46
N GLY C 136 0.52 -9.67 -9.04
CA GLY C 136 1.37 -8.53 -8.75
C GLY C 136 2.39 -8.85 -7.67
N SER C 137 1.95 -9.55 -6.64
CA SER C 137 2.82 -9.91 -5.52
C SER C 137 3.88 -10.94 -5.95
N ILE C 138 3.48 -11.83 -6.85
CA ILE C 138 4.41 -12.82 -7.42
C ILE C 138 5.50 -12.11 -8.21
N LEU C 139 5.08 -11.13 -9.01
CA LEU C 139 6.02 -10.30 -9.76
C LEU C 139 7.00 -9.62 -8.82
N ARG C 140 6.44 -8.84 -7.90
CA ARG C 140 7.22 -8.07 -6.94
C ARG C 140 8.25 -8.92 -6.18
N GLY C 141 7.78 -10.05 -5.64
CA GLY C 141 8.61 -10.87 -4.78
C GLY C 141 9.50 -11.92 -5.42
N CYS C 142 9.07 -12.49 -6.54
CA CYS C 142 9.75 -13.68 -7.04
C CYS C 142 10.61 -13.45 -8.29
N VAL C 143 9.97 -13.25 -9.44
CA VAL C 143 10.71 -13.06 -10.69
C VAL C 143 11.72 -11.90 -10.58
N PRO C 144 13.01 -12.21 -10.81
CA PRO C 144 14.11 -11.25 -10.59
C PRO C 144 14.14 -10.12 -11.61
N GLY C 145 14.42 -8.90 -11.14
CA GLY C 145 14.66 -7.79 -12.03
C GLY C 145 13.52 -6.79 -12.14
N VAL C 146 12.32 -7.20 -11.78
CA VAL C 146 11.17 -6.29 -11.84
C VAL C 146 11.06 -5.52 -10.53
N TYR C 147 10.89 -4.20 -10.65
CA TYR C 147 10.88 -3.32 -9.48
C TYR C 147 9.57 -2.54 -9.34
N ARG C 148 9.23 -1.71 -10.33
CA ARG C 148 7.97 -0.99 -10.25
C ARG C 148 6.85 -1.96 -10.57
N VAL C 149 5.97 -2.19 -9.61
CA VAL C 149 4.81 -3.05 -9.80
C VAL C 149 3.55 -2.36 -9.30
N GLN C 150 2.59 -2.13 -10.19
CA GLN C 150 1.38 -1.42 -9.82
C GLN C 150 0.13 -2.09 -10.36
N THR C 151 -0.81 -2.39 -9.47
CA THR C 151 -2.05 -3.04 -9.88
C THR C 151 -3.07 -1.99 -10.30
N VAL C 152 -3.74 -2.24 -11.42
CA VAL C 152 -4.78 -1.36 -11.93
C VAL C 152 -6.04 -2.18 -12.20
N PRO C 153 -6.83 -2.45 -11.15
CA PRO C 153 -8.13 -3.12 -11.27
C PRO C 153 -9.20 -2.19 -11.83
N SER C 154 -8.94 -0.89 -11.75
CA SER C 154 -9.92 0.13 -12.09
C SER C 154 -10.18 0.22 -13.59
N ALA C 155 -9.18 -0.10 -14.40
CA ALA C 155 -9.30 0.03 -15.85
C ALA C 155 -10.34 -0.91 -16.44
N ARG C 156 -10.81 -0.59 -17.64
CA ARG C 156 -11.75 -1.44 -18.37
C ARG C 156 -11.11 -2.81 -18.60
N ARG C 157 -9.79 -2.80 -18.76
CA ARG C 157 -9.01 -4.02 -18.87
C ARG C 157 -7.97 -4.07 -17.74
N PRO C 158 -8.37 -4.62 -16.59
CA PRO C 158 -7.54 -4.69 -15.37
C PRO C 158 -6.17 -5.29 -15.65
N VAL C 159 -5.12 -4.66 -15.12
CA VAL C 159 -3.77 -5.07 -15.51
C VAL C 159 -2.72 -4.78 -14.44
N VAL C 160 -1.62 -5.54 -14.44
CA VAL C 160 -0.50 -5.28 -13.53
C VAL C 160 0.70 -4.70 -14.27
N LYS C 161 0.96 -3.42 -14.04
CA LYS C 161 2.08 -2.72 -14.66
C LYS C 161 3.40 -3.12 -14.00
N PHE C 162 4.39 -3.46 -14.83
CA PHE C 162 5.70 -3.86 -14.34
C PHE C 162 6.83 -3.29 -15.19
N CYS C 163 8.03 -3.22 -14.61
CA CYS C 163 9.23 -2.76 -15.31
C CYS C 163 10.40 -3.68 -15.00
N HIS C 164 10.99 -4.28 -16.04
CA HIS C 164 12.15 -5.16 -15.84
C HIS C 164 13.45 -4.38 -16.02
N ARG C 165 14.25 -4.33 -14.95
CA ARG C 165 15.44 -3.48 -14.90
C ARG C 165 16.59 -3.90 -15.81
N PRO C 166 17.03 -5.18 -15.76
CA PRO C 166 18.20 -5.53 -16.58
C PRO C 166 17.97 -5.34 -18.08
N SER C 167 16.76 -5.62 -18.54
CA SER C 167 16.42 -5.41 -19.95
C SER C 167 15.99 -3.98 -20.22
N GLY C 168 15.66 -3.26 -19.15
CA GLY C 168 15.16 -1.90 -19.27
C GLY C 168 13.79 -1.86 -19.91
N LEU C 169 13.06 -2.98 -19.82
CA LEU C 169 11.75 -3.06 -20.45
C LEU C 169 10.64 -2.68 -19.48
N HIS C 170 9.42 -2.61 -20.01
CA HIS C 170 8.25 -2.35 -19.19
C HIS C 170 6.98 -2.82 -19.91
N GLY C 171 5.92 -3.08 -19.15
CA GLY C 171 4.67 -3.52 -19.75
C GLY C 171 3.54 -3.82 -18.79
N ASP C 172 2.53 -4.50 -19.33
CA ASP C 172 1.32 -4.87 -18.57
C ASP C 172 1.14 -6.38 -18.50
N VAL C 173 0.63 -6.85 -17.37
CA VAL C 173 0.28 -8.25 -17.22
C VAL C 173 -1.24 -8.38 -17.03
N SER C 174 -1.91 -8.96 -18.03
CA SER C 174 -3.36 -9.09 -17.99
C SER C 174 -3.78 -10.52 -17.65
N LEU C 175 -4.67 -10.66 -16.68
CA LEU C 175 -5.15 -11.99 -16.31
C LEU C 175 -6.18 -12.51 -17.28
N SER C 176 -7.19 -11.70 -17.59
CA SER C 176 -8.04 -12.05 -18.71
C SER C 176 -8.17 -10.90 -19.70
N ASN C 177 -7.43 -11.01 -20.80
CA ASN C 177 -7.81 -10.38 -22.05
C ASN C 177 -7.42 -11.36 -23.14
N ARG C 178 -8.39 -12.05 -23.73
CA ARG C 178 -8.06 -12.98 -24.80
C ARG C 178 -8.30 -12.35 -26.15
N LEU C 179 -8.99 -11.23 -26.16
CA LEU C 179 -9.33 -10.54 -27.39
C LEU C 179 -8.08 -9.89 -27.97
N ALA C 180 -7.21 -9.44 -27.07
CA ALA C 180 -5.98 -8.77 -27.46
C ALA C 180 -5.11 -9.65 -28.34
N LEU C 181 -5.02 -10.93 -27.99
CA LEU C 181 -4.27 -11.88 -28.81
C LEU C 181 -4.80 -11.91 -30.22
N HIS C 182 -6.08 -12.19 -30.36
CA HIS C 182 -6.66 -12.42 -31.68
C HIS C 182 -6.71 -11.17 -32.54
N ASN C 183 -6.92 -10.00 -31.93
CA ASN C 183 -6.94 -8.79 -32.74
C ASN C 183 -5.53 -8.29 -33.05
N SER C 184 -4.55 -8.64 -32.21
CA SER C 184 -3.15 -8.33 -32.53
C SER C 184 -2.71 -9.21 -33.70
N ARG C 185 -3.06 -10.49 -33.63
CA ARG C 185 -2.80 -11.43 -34.71
C ARG C 185 -3.53 -10.97 -35.97
N PHE C 186 -4.67 -10.31 -35.76
CA PHE C 186 -5.42 -9.71 -36.85
C PHE C 186 -4.64 -8.56 -37.48
N LEU C 187 -3.97 -7.76 -36.65
CA LEU C 187 -3.15 -6.66 -37.14
C LEU C 187 -1.98 -7.17 -37.97
N SER C 188 -1.25 -8.13 -37.40
CA SER C 188 -0.12 -8.73 -38.11
C SER C 188 -0.57 -9.38 -39.41
N LEU C 189 -1.75 -9.99 -39.39
CA LEU C 189 -2.33 -10.58 -40.60
C LEU C 189 -2.58 -9.50 -41.64
N CYS C 190 -3.12 -8.36 -41.20
CA CYS C 190 -3.38 -7.24 -42.09
C CYS C 190 -2.08 -6.76 -42.73
N SER C 191 -1.00 -6.75 -41.94
CA SER C 191 0.31 -6.36 -42.46
C SER C 191 0.84 -7.42 -43.43
N GLU C 192 0.37 -8.66 -43.27
CA GLU C 192 0.77 -9.74 -44.18
C GLU C 192 0.00 -9.71 -45.50
N LEU C 193 -1.22 -9.19 -45.45
CA LEU C 193 -2.10 -9.18 -46.63
C LEU C 193 -1.63 -8.19 -47.70
N ASP C 194 -1.13 -7.04 -47.27
CA ASP C 194 -0.60 -6.06 -48.21
C ASP C 194 0.62 -5.34 -47.62
N GLY C 195 1.58 -5.03 -48.48
CA GLY C 195 2.83 -4.44 -48.05
C GLY C 195 2.78 -2.95 -47.82
N ARG C 196 1.66 -2.31 -48.16
CA ARG C 196 1.50 -0.88 -47.97
C ARG C 196 1.01 -0.56 -46.56
N VAL C 197 0.48 -1.59 -45.92
CA VAL C 197 -0.14 -1.47 -44.59
C VAL C 197 0.85 -0.96 -43.55
N ARG C 198 1.99 -1.64 -43.44
CA ARG C 198 2.98 -1.31 -42.43
C ARG C 198 3.56 0.10 -42.65
N PRO C 199 3.97 0.45 -43.89
CA PRO C 199 4.40 1.83 -44.08
C PRO C 199 3.33 2.87 -43.74
N LEU C 200 2.10 2.65 -44.18
CA LEU C 200 1.03 3.61 -43.88
C LEU C 200 0.82 3.77 -42.37
N VAL C 201 0.77 2.65 -41.65
CA VAL C 201 0.51 2.70 -40.22
C VAL C 201 1.66 3.34 -39.44
N TYR C 202 2.90 2.97 -39.77
CA TYR C 202 4.06 3.58 -39.14
C TYR C 202 4.10 5.09 -39.39
N THR C 203 3.96 5.48 -40.65
CA THR C 203 3.99 6.89 -41.03
C THR C 203 2.93 7.69 -40.32
N LEU C 204 1.68 7.24 -40.41
CA LEU C 204 0.55 7.93 -39.80
C LEU C 204 0.68 7.95 -38.28
N ARG C 205 1.33 6.93 -37.72
CA ARG C 205 1.57 6.88 -36.28
C ARG C 205 2.53 7.96 -35.86
N CYS C 206 3.66 8.05 -36.56
CA CYS C 206 4.67 9.04 -36.25
C CYS C 206 4.12 10.45 -36.47
N TRP C 207 3.27 10.59 -37.48
CA TRP C 207 2.63 11.86 -37.79
C TRP C 207 1.66 12.28 -36.70
N ALA C 208 0.84 11.33 -36.25
CA ALA C 208 -0.16 11.60 -35.21
C ALA C 208 0.52 11.93 -33.88
N GLN C 209 1.63 11.25 -33.60
CA GLN C 209 2.43 11.56 -32.43
C GLN C 209 2.99 12.97 -32.57
N GLY C 210 3.42 13.31 -33.78
CA GLY C 210 3.95 14.64 -34.05
C GLY C 210 2.92 15.74 -33.85
N ARG C 211 1.66 15.45 -34.18
CA ARG C 211 0.59 16.44 -34.08
C ARG C 211 -0.03 16.45 -32.69
N GLY C 212 0.27 15.42 -31.91
CA GLY C 212 -0.30 15.29 -30.58
C GLY C 212 -1.76 14.88 -30.62
N LEU C 213 -2.13 14.10 -31.63
CA LEU C 213 -3.49 13.61 -31.76
C LEU C 213 -3.67 12.23 -31.12
N SER C 214 -2.57 11.59 -30.77
CA SER C 214 -2.63 10.27 -30.16
C SER C 214 -1.95 10.27 -28.79
N GLY C 215 -2.51 9.51 -27.86
CA GLY C 215 -2.00 9.46 -26.50
C GLY C 215 -2.90 8.67 -25.55
N SER C 216 -2.50 8.64 -24.28
CA SER C 216 -3.23 7.84 -23.29
C SER C 216 -4.34 8.65 -22.63
N GLY C 217 -4.54 9.88 -23.09
CA GLY C 217 -5.59 10.74 -22.58
C GLY C 217 -6.85 10.61 -23.43
N PRO C 218 -7.57 11.72 -23.60
CA PRO C 218 -8.71 11.82 -24.53
C PRO C 218 -8.27 11.60 -25.99
N LEU C 219 -6.96 11.63 -26.23
CA LEU C 219 -6.40 11.40 -27.56
C LEU C 219 -6.61 9.96 -28.02
N LEU C 220 -6.52 9.74 -29.33
CA LEU C 220 -6.68 8.39 -29.91
C LEU C 220 -5.58 7.45 -29.47
N SER C 221 -5.96 6.24 -29.05
CA SER C 221 -4.98 5.22 -28.72
C SER C 221 -4.33 4.71 -30.01
N ASN C 222 -3.13 4.15 -29.89
CA ASN C 222 -2.41 3.64 -31.05
C ASN C 222 -3.19 2.52 -31.73
N TYR C 223 -3.93 1.76 -30.93
CA TYR C 223 -4.78 0.71 -31.44
C TYR C 223 -5.92 1.31 -32.25
N ALA C 224 -6.51 2.38 -31.72
CA ALA C 224 -7.60 3.07 -32.38
C ALA C 224 -7.13 3.67 -33.70
N LEU C 225 -5.95 4.28 -33.69
CA LEU C 225 -5.37 4.88 -34.88
C LEU C 225 -5.08 3.82 -35.93
N THR C 226 -4.50 2.71 -35.49
CA THR C 226 -4.20 1.59 -36.37
C THR C 226 -5.47 1.06 -37.03
N LEU C 227 -6.51 0.89 -36.21
CA LEU C 227 -7.80 0.44 -36.70
C LEU C 227 -8.41 1.44 -37.67
N LEU C 228 -8.09 2.72 -37.46
CA LEU C 228 -8.57 3.77 -38.35
C LEU C 228 -7.89 3.67 -39.71
N VAL C 229 -6.59 3.45 -39.71
CA VAL C 229 -5.85 3.28 -40.96
C VAL C 229 -6.36 2.06 -41.71
N ILE C 230 -6.54 0.96 -40.97
CA ILE C 230 -7.07 -0.27 -41.56
C ILE C 230 -8.46 -0.07 -42.16
N TYR C 231 -9.34 0.57 -41.40
CA TYR C 231 -10.69 0.86 -41.88
C TYR C 231 -10.62 1.71 -43.15
N PHE C 232 -9.71 2.67 -43.17
CA PHE C 232 -9.51 3.50 -44.36
C PHE C 232 -9.10 2.65 -45.55
N LEU C 233 -8.22 1.67 -45.29
CA LEU C 233 -7.76 0.77 -46.35
C LEU C 233 -8.89 -0.15 -46.82
N GLN C 234 -9.87 -0.38 -45.95
CA GLN C 234 -11.02 -1.20 -46.30
C GLN C 234 -12.05 -0.46 -47.13
N THR C 235 -12.04 0.87 -47.03
CA THR C 235 -13.06 1.69 -47.68
C THR C 235 -12.64 2.22 -49.05
N ARG C 236 -11.46 1.82 -49.52
CA ARG C 236 -11.00 2.26 -50.83
C ARG C 236 -11.79 1.55 -51.94
N ASP C 237 -12.00 2.26 -53.04
CA ASP C 237 -12.80 1.72 -54.15
C ASP C 237 -12.16 0.46 -54.74
N PRO C 238 -10.84 0.47 -55.00
CA PRO C 238 -10.10 -0.80 -55.09
C PRO C 238 -9.61 -1.21 -53.70
N PRO C 239 -10.43 -1.92 -52.90
CA PRO C 239 -10.10 -2.14 -51.48
C PRO C 239 -8.70 -2.72 -51.26
N VAL C 240 -7.92 -2.09 -50.40
CA VAL C 240 -6.56 -2.51 -50.10
C VAL C 240 -6.56 -3.72 -49.18
N LEU C 241 -7.40 -3.65 -48.14
CA LEU C 241 -7.54 -4.75 -47.21
C LEU C 241 -8.99 -5.23 -47.16
N PRO C 242 -9.18 -6.55 -47.05
CA PRO C 242 -10.53 -7.13 -46.95
C PRO C 242 -11.19 -6.85 -45.61
N THR C 243 -12.52 -6.84 -45.59
CA THR C 243 -13.27 -6.61 -44.37
C THR C 243 -13.20 -7.84 -43.46
N VAL C 244 -13.45 -7.64 -42.17
CA VAL C 244 -13.36 -8.72 -41.19
C VAL C 244 -14.42 -9.79 -41.44
N SER C 245 -15.56 -9.37 -42.00
CA SER C 245 -16.63 -10.30 -42.33
C SER C 245 -16.17 -11.27 -43.40
N GLN C 246 -15.38 -10.77 -44.35
CA GLN C 246 -14.83 -11.59 -45.41
C GLN C 246 -13.81 -12.61 -44.88
N LEU C 247 -13.01 -12.17 -43.91
CA LEU C 247 -12.03 -13.05 -43.27
C LEU C 247 -12.75 -14.13 -42.47
N THR C 248 -13.87 -13.75 -41.88
CA THR C 248 -14.68 -14.69 -41.11
C THR C 248 -15.34 -15.72 -42.04
N GLN C 249 -15.86 -15.24 -43.17
CA GLN C 249 -16.52 -16.11 -44.14
C GLN C 249 -15.55 -17.05 -44.84
N LYS C 250 -14.32 -16.59 -45.06
CA LYS C 250 -13.30 -17.46 -45.65
C LYS C 250 -12.81 -18.46 -44.61
N ALA C 251 -12.08 -17.97 -43.62
CA ALA C 251 -11.61 -18.76 -42.48
C ALA C 251 -11.01 -20.10 -42.89
N GLY C 252 -11.52 -21.18 -42.29
CA GLY C 252 -11.05 -22.52 -42.58
C GLY C 252 -11.51 -23.50 -41.53
N GLU C 253 -11.37 -24.78 -41.81
CA GLU C 253 -11.74 -25.83 -40.86
C GLU C 253 -10.68 -25.92 -39.78
N GLY C 254 -11.11 -25.87 -38.52
CA GLY C 254 -10.20 -25.91 -37.40
C GLY C 254 -9.68 -24.54 -37.01
N GLU C 255 -9.98 -23.54 -37.83
CA GLU C 255 -9.59 -22.16 -37.53
C GLU C 255 -10.74 -21.43 -36.84
N GLN C 256 -11.81 -22.15 -36.58
CA GLN C 256 -12.97 -21.57 -35.92
C GLN C 256 -12.65 -21.26 -34.46
N VAL C 257 -12.80 -19.99 -34.07
CA VAL C 257 -12.54 -19.57 -32.70
C VAL C 257 -13.52 -18.51 -32.20
N GLU C 258 -14.06 -18.74 -31.00
CA GLU C 258 -14.97 -17.77 -30.36
C GLU C 258 -14.43 -17.34 -29.01
N VAL C 259 -14.32 -16.02 -28.82
CA VAL C 259 -13.84 -15.48 -27.55
C VAL C 259 -14.81 -14.48 -26.95
N ASP C 260 -15.28 -14.77 -25.74
CA ASP C 260 -16.20 -13.90 -24.99
C ASP C 260 -17.48 -13.56 -25.76
N GLY C 261 -17.95 -14.52 -26.56
CA GLY C 261 -19.19 -14.34 -27.31
C GLY C 261 -19.03 -13.63 -28.64
N TRP C 262 -17.79 -13.38 -29.05
CA TRP C 262 -17.52 -12.74 -30.33
C TRP C 262 -16.73 -13.66 -31.23
N ASP C 263 -17.04 -13.65 -32.53
CA ASP C 263 -16.39 -14.57 -33.46
C ASP C 263 -15.06 -14.00 -33.92
N CYS C 264 -13.98 -14.67 -33.54
CA CYS C 264 -12.62 -14.24 -33.85
C CYS C 264 -11.98 -14.96 -35.05
N SER C 265 -12.75 -15.79 -35.75
CA SER C 265 -12.18 -16.66 -36.77
C SER C 265 -11.66 -15.91 -37.99
N PHE C 266 -10.37 -16.09 -38.28
CA PHE C 266 -9.74 -15.56 -39.48
C PHE C 266 -8.65 -16.51 -39.98
N PRO C 267 -8.35 -16.47 -41.29
CA PRO C 267 -7.25 -17.28 -41.84
C PRO C 267 -5.93 -16.94 -41.16
N ARG C 268 -5.08 -17.94 -40.96
CA ARG C 268 -3.81 -17.74 -40.26
C ARG C 268 -2.65 -17.43 -41.20
N ASP C 269 -2.89 -17.57 -42.50
CA ASP C 269 -1.88 -17.25 -43.50
C ASP C 269 -2.48 -16.43 -44.63
N ALA C 270 -1.69 -15.50 -45.16
CA ALA C 270 -2.15 -14.64 -46.25
C ALA C 270 -2.12 -15.39 -47.57
N SER C 271 -1.59 -16.62 -47.53
CA SER C 271 -1.46 -17.45 -48.73
C SER C 271 -2.81 -17.88 -49.29
N ARG C 272 -3.76 -18.19 -48.42
CA ARG C 272 -5.07 -18.66 -48.85
C ARG C 272 -5.94 -17.52 -49.38
N LEU C 273 -5.54 -16.27 -49.08
CA LEU C 273 -6.29 -15.09 -49.50
C LEU C 273 -5.68 -14.41 -50.72
N GLU C 274 -6.54 -14.00 -51.65
CA GLU C 274 -6.08 -13.32 -52.86
C GLU C 274 -5.63 -11.90 -52.56
N PRO C 275 -4.61 -11.41 -53.28
CA PRO C 275 -4.07 -10.06 -53.08
C PRO C 275 -5.07 -8.96 -53.44
N SER C 276 -4.66 -7.71 -53.24
CA SER C 276 -5.51 -6.56 -53.52
C SER C 276 -5.36 -6.09 -54.96
N ILE C 277 -6.47 -5.67 -55.56
CA ILE C 277 -6.45 -5.17 -56.94
C ILE C 277 -6.07 -3.69 -57.00
N ASN C 278 -5.80 -3.11 -55.83
CA ASN C 278 -5.42 -1.70 -55.76
C ASN C 278 -3.98 -1.45 -56.20
N VAL C 279 -3.82 -0.60 -57.21
CA VAL C 279 -2.49 -0.31 -57.75
C VAL C 279 -1.92 0.99 -57.17
N GLU C 280 -2.71 1.67 -56.35
CA GLU C 280 -2.32 2.97 -55.78
C GLU C 280 -1.02 2.86 -54.99
N PRO C 281 -0.11 3.82 -55.20
CA PRO C 281 1.15 3.85 -54.46
C PRO C 281 0.97 4.37 -53.04
N LEU C 282 2.05 4.39 -52.26
CA LEU C 282 1.98 4.77 -50.85
C LEU C 282 1.58 6.23 -50.64
N SER C 283 2.24 7.13 -51.36
CA SER C 283 1.99 8.57 -51.23
C SER C 283 0.53 8.91 -51.53
N SER C 284 0.02 8.33 -52.61
CA SER C 284 -1.37 8.54 -53.00
C SER C 284 -2.32 8.07 -51.89
N LEU C 285 -2.01 6.93 -51.28
CA LEU C 285 -2.84 6.41 -50.20
C LEU C 285 -2.76 7.29 -48.96
N LEU C 286 -1.61 7.94 -48.77
CA LEU C 286 -1.43 8.85 -47.64
C LEU C 286 -2.29 10.09 -47.80
N ALA C 287 -2.17 10.73 -48.97
CA ALA C 287 -2.95 11.91 -49.28
C ALA C 287 -4.45 11.59 -49.22
N GLN C 288 -4.82 10.45 -49.81
CA GLN C 288 -6.20 9.99 -49.77
C GLN C 288 -6.67 9.75 -48.35
N PHE C 289 -5.75 9.28 -47.50
CA PHE C 289 -6.09 9.07 -46.10
C PHE C 289 -6.48 10.38 -45.45
N PHE C 290 -5.55 11.34 -45.50
CA PHE C 290 -5.79 12.66 -44.91
C PHE C 290 -7.10 13.26 -45.40
N SER C 291 -7.27 13.28 -46.73
CA SER C 291 -8.48 13.83 -47.32
C SER C 291 -9.73 13.12 -46.81
N ALA C 292 -9.70 11.79 -46.83
CA ALA C 292 -10.84 10.97 -46.41
C ALA C 292 -11.26 11.21 -44.97
N VAL C 293 -10.31 11.07 -44.04
CA VAL C 293 -10.63 11.24 -42.63
C VAL C 293 -10.99 12.69 -42.30
N SER C 294 -10.51 13.63 -43.12
CA SER C 294 -10.88 15.02 -42.93
C SER C 294 -12.31 15.27 -43.40
N SER C 295 -12.72 14.51 -44.42
CA SER C 295 -14.02 14.71 -45.05
C SER C 295 -15.15 13.88 -44.44
N TRP C 296 -14.81 12.97 -43.55
CA TRP C 296 -15.81 12.07 -42.97
C TRP C 296 -16.72 12.76 -41.96
N ASP C 297 -17.90 12.19 -41.74
CA ASP C 297 -18.79 12.65 -40.70
C ASP C 297 -18.64 11.73 -39.50
N LEU C 298 -17.99 12.23 -38.46
CA LEU C 298 -17.59 11.40 -37.33
C LEU C 298 -18.72 11.15 -36.32
N ARG C 299 -19.51 12.18 -36.03
CA ARG C 299 -20.56 12.06 -35.03
C ARG C 299 -21.71 11.17 -35.48
N GLY C 300 -22.03 11.25 -36.77
CA GLY C 300 -23.18 10.54 -37.30
C GLY C 300 -22.86 9.17 -37.88
N SER C 301 -21.59 8.77 -37.80
CA SER C 301 -21.18 7.51 -38.38
C SER C 301 -20.36 6.65 -37.41
N LEU C 302 -20.77 5.39 -37.27
CA LEU C 302 -20.00 4.38 -36.60
C LEU C 302 -19.21 3.61 -37.64
N LEU C 303 -17.89 3.75 -37.63
CA LEU C 303 -17.07 3.07 -38.62
C LEU C 303 -16.88 1.62 -38.20
N SER C 304 -17.35 0.70 -39.04
CA SER C 304 -17.28 -0.72 -38.74
C SER C 304 -16.22 -1.39 -39.61
N LEU C 305 -15.25 -2.03 -38.97
CA LEU C 305 -14.22 -2.76 -39.68
C LEU C 305 -14.75 -4.10 -40.17
N ARG C 306 -15.74 -4.63 -39.47
CA ARG C 306 -16.35 -5.89 -39.86
C ARG C 306 -16.99 -5.77 -41.24
N GLU C 307 -17.81 -4.74 -41.43
CA GLU C 307 -18.46 -4.52 -42.70
C GLU C 307 -17.64 -3.59 -43.60
N GLY C 308 -16.58 -3.01 -43.04
CA GLY C 308 -15.75 -2.08 -43.77
C GLY C 308 -16.56 -0.90 -44.26
N GLN C 309 -17.45 -0.40 -43.40
CA GLN C 309 -18.42 0.61 -43.84
C GLN C 309 -18.89 1.50 -42.68
N ALA C 310 -19.39 2.68 -43.02
CA ALA C 310 -19.91 3.61 -42.02
C ALA C 310 -21.42 3.40 -41.79
N LEU C 311 -21.77 2.96 -40.60
CA LEU C 311 -23.18 2.73 -40.23
C LEU C 311 -23.71 3.94 -39.47
N PRO C 312 -24.78 4.56 -39.99
CA PRO C 312 -25.31 5.79 -39.40
C PRO C 312 -25.82 5.64 -37.96
N VAL C 313 -25.36 6.54 -37.11
CA VAL C 313 -25.79 6.65 -35.71
C VAL C 313 -27.18 7.29 -35.70
N ALA C 314 -27.64 7.65 -36.90
CA ALA C 314 -28.77 8.53 -37.12
C ALA C 314 -30.10 7.79 -37.00
N GLY C 315 -30.05 6.58 -36.45
CA GLY C 315 -31.18 5.69 -36.43
C GLY C 315 -31.17 4.45 -37.30
N GLY C 316 -30.09 4.22 -38.05
CA GLY C 316 -29.88 2.88 -38.55
C GLY C 316 -29.41 2.17 -37.28
N LEU C 317 -30.13 1.17 -36.80
CA LEU C 317 -29.71 0.51 -35.57
C LEU C 317 -29.53 -1.00 -35.69
N PRO C 318 -28.35 -1.45 -36.16
CA PRO C 318 -28.21 -2.91 -36.30
C PRO C 318 -28.19 -3.57 -34.93
N SER C 319 -29.08 -4.54 -34.70
CA SER C 319 -29.16 -5.23 -33.41
C SER C 319 -29.36 -4.22 -32.28
N ASN C 320 -30.02 -3.10 -32.59
CA ASN C 320 -30.29 -2.05 -31.61
C ASN C 320 -29.02 -1.45 -30.99
N LEU C 321 -27.90 -1.49 -31.71
CA LEU C 321 -26.62 -1.00 -31.17
C LEU C 321 -26.16 -1.78 -29.95
N TRP C 322 -25.39 -2.83 -30.22
CA TRP C 322 -25.06 -3.89 -29.26
C TRP C 322 -24.69 -3.30 -27.91
N GLU C 323 -25.29 -3.86 -26.86
CA GLU C 323 -25.29 -3.26 -25.54
C GLU C 323 -23.90 -3.07 -24.96
N GLY C 324 -23.62 -1.85 -24.50
CA GLY C 324 -22.33 -1.50 -23.96
C GLY C 324 -21.49 -0.69 -24.92
N LEU C 325 -22.09 -0.26 -26.03
CA LEU C 325 -21.38 0.52 -27.03
C LEU C 325 -21.53 2.01 -26.78
N ARG C 326 -20.42 2.64 -26.41
CA ARG C 326 -20.40 4.07 -26.13
C ARG C 326 -20.29 4.83 -27.44
N LEU C 327 -21.14 5.84 -27.61
CA LEU C 327 -21.11 6.64 -28.83
C LEU C 327 -20.70 8.08 -28.53
N GLY C 328 -20.03 8.71 -29.49
CA GLY C 328 -19.48 10.04 -29.27
C GLY C 328 -18.89 10.69 -30.51
N PRO C 329 -18.02 11.69 -30.31
CA PRO C 329 -17.39 12.48 -31.37
C PRO C 329 -16.71 11.62 -32.42
N LEU C 330 -16.13 10.49 -32.02
CA LEU C 330 -15.52 9.56 -32.97
C LEU C 330 -15.92 8.13 -32.61
N ASN C 331 -16.49 7.43 -33.58
CA ASN C 331 -16.94 6.07 -33.35
C ASN C 331 -16.23 5.07 -34.25
N LEU C 332 -15.39 4.24 -33.64
CA LEU C 332 -14.63 3.24 -34.37
C LEU C 332 -14.81 1.88 -33.71
N GLN C 333 -15.44 0.96 -34.43
CA GLN C 333 -15.81 -0.33 -33.87
C GLN C 333 -14.69 -1.36 -33.96
N ASP C 334 -14.43 -2.04 -32.85
CA ASP C 334 -13.49 -3.14 -32.82
C ASP C 334 -13.98 -4.24 -33.76
N PRO C 335 -13.06 -4.83 -34.55
CA PRO C 335 -13.36 -5.85 -35.55
C PRO C 335 -13.97 -7.13 -35.00
N PHE C 336 -13.84 -7.32 -33.68
CA PHE C 336 -14.28 -8.54 -33.03
C PHE C 336 -15.33 -8.24 -31.95
N ASP C 337 -14.96 -7.40 -30.98
CA ASP C 337 -15.92 -6.98 -29.97
C ASP C 337 -16.67 -5.77 -30.52
N LEU C 338 -17.94 -5.98 -30.87
CA LEU C 338 -18.73 -4.98 -31.56
C LEU C 338 -19.36 -4.01 -30.58
N SER C 339 -19.34 -4.37 -29.30
CA SER C 339 -19.90 -3.55 -28.24
C SER C 339 -18.85 -2.59 -27.71
N HIS C 340 -17.67 -2.60 -28.32
CA HIS C 340 -16.57 -1.76 -27.88
C HIS C 340 -16.19 -0.70 -28.91
N ASN C 341 -16.32 0.56 -28.52
CA ASN C 341 -15.81 1.65 -29.34
C ASN C 341 -14.39 1.99 -28.89
N VAL C 342 -13.42 1.71 -29.75
CA VAL C 342 -12.02 1.91 -29.39
C VAL C 342 -11.70 3.40 -29.31
N ALA C 343 -12.52 4.22 -29.95
CA ALA C 343 -12.36 5.66 -29.97
C ALA C 343 -13.21 6.36 -28.93
N ALA C 344 -13.90 5.58 -28.09
CA ALA C 344 -14.87 6.10 -27.13
C ALA C 344 -14.28 7.11 -26.15
N ASN C 345 -12.96 7.08 -25.99
CA ASN C 345 -12.29 8.01 -25.07
C ASN C 345 -12.03 9.36 -25.72
N VAL C 346 -12.23 9.46 -27.03
CA VAL C 346 -11.94 10.68 -27.77
C VAL C 346 -13.03 11.73 -27.61
N THR C 347 -12.63 12.90 -27.13
CA THR C 347 -13.57 14.00 -26.92
C THR C 347 -13.81 14.76 -28.22
N SER C 348 -14.65 15.79 -28.17
CA SER C 348 -14.98 16.58 -29.34
C SER C 348 -13.77 17.39 -29.82
N ARG C 349 -13.00 17.93 -28.87
CA ARG C 349 -11.81 18.71 -29.19
C ARG C 349 -10.79 17.89 -29.97
N VAL C 350 -10.53 16.67 -29.50
CA VAL C 350 -9.55 15.79 -30.13
C VAL C 350 -9.98 15.34 -31.52
N ALA C 351 -11.27 15.04 -31.68
CA ALA C 351 -11.81 14.64 -32.98
C ALA C 351 -11.74 15.79 -33.97
N GLY C 352 -12.15 16.97 -33.51
CA GLY C 352 -12.10 18.18 -34.33
C GLY C 352 -10.69 18.51 -34.76
N ARG C 353 -9.75 18.45 -33.83
CA ARG C 353 -8.34 18.69 -34.12
C ARG C 353 -7.81 17.63 -35.08
N LEU C 354 -8.34 16.42 -34.97
CA LEU C 354 -7.96 15.35 -35.88
C LEU C 354 -8.35 15.75 -37.29
N GLN C 355 -9.62 16.07 -37.50
CA GLN C 355 -10.10 16.43 -38.83
C GLN C 355 -9.40 17.67 -39.39
N ASN C 356 -9.15 18.66 -38.53
CA ASN C 356 -8.45 19.86 -38.95
C ASN C 356 -7.01 19.60 -39.38
N CYS C 357 -6.26 18.92 -38.52
CA CYS C 357 -4.86 18.61 -38.81
C CYS C 357 -4.74 17.70 -40.03
N CYS C 358 -5.73 16.82 -40.22
CA CYS C 358 -5.76 15.95 -41.37
C CYS C 358 -6.07 16.75 -42.63
N ARG C 359 -6.89 17.79 -42.49
CA ARG C 359 -7.19 18.66 -43.61
C ARG C 359 -5.95 19.45 -44.02
N ALA C 360 -5.22 19.95 -43.03
CA ALA C 360 -3.97 20.68 -43.29
C ALA C 360 -2.92 19.77 -43.93
N ALA C 361 -2.86 18.52 -43.44
CA ALA C 361 -1.93 17.53 -43.99
C ALA C 361 -2.31 17.21 -45.44
N ALA C 362 -3.61 17.18 -45.71
CA ALA C 362 -4.12 16.96 -47.06
C ALA C 362 -3.72 18.12 -47.96
N ASN C 363 -3.81 19.34 -47.43
CA ASN C 363 -3.34 20.51 -48.15
C ASN C 363 -1.86 20.44 -48.48
N TYR C 364 -1.06 19.94 -47.54
CA TYR C 364 0.36 19.79 -47.79
C TYR C 364 0.62 18.70 -48.84
N CYS C 365 -0.19 17.65 -48.83
CA CYS C 365 -0.01 16.55 -49.77
C CYS C 365 -0.34 16.92 -51.21
N ARG C 366 -1.09 18.01 -51.39
CA ARG C 366 -1.42 18.47 -52.73
C ARG C 366 -0.35 19.44 -53.22
N SER C 367 0.55 19.79 -52.31
CA SER C 367 1.66 20.71 -52.62
C SER C 367 2.75 20.07 -53.46
N LEU C 368 3.62 20.91 -54.03
CA LEU C 368 4.70 20.44 -54.86
C LEU C 368 5.85 19.88 -54.01
N GLN C 369 6.03 20.47 -52.83
CA GLN C 369 7.11 20.07 -51.94
C GLN C 369 6.97 18.61 -51.51
N TYR C 370 5.73 18.17 -51.34
CA TYR C 370 5.47 16.79 -50.95
C TYR C 370 5.71 15.82 -52.10
N GLN C 371 5.09 16.12 -53.24
CA GLN C 371 5.16 15.27 -54.42
C GLN C 371 6.59 15.06 -54.91
N ARG C 372 7.18 16.12 -55.46
CA ARG C 372 8.52 16.04 -56.02
C ARG C 372 9.59 16.09 -54.94
N ARG C 373 10.72 15.45 -55.21
CA ARG C 373 11.85 15.43 -54.28
C ARG C 373 12.53 16.80 -54.26
N SER C 374 13.55 16.93 -53.44
CA SER C 374 14.39 18.12 -53.42
C SER C 374 15.79 17.68 -53.81
N SER C 375 16.60 18.59 -54.36
CA SER C 375 17.93 18.18 -54.82
C SER C 375 18.74 17.92 -53.56
N ARG C 376 19.14 18.97 -52.85
CA ARG C 376 19.59 18.74 -51.49
C ARG C 376 18.89 19.74 -50.59
N GLY C 377 17.77 19.33 -50.00
CA GLY C 377 17.16 20.03 -48.88
C GLY C 377 17.10 19.03 -47.76
N ARG C 378 16.75 19.45 -46.55
CA ARG C 378 16.48 18.45 -45.55
C ARG C 378 14.97 18.32 -45.35
N ASP C 379 14.20 19.23 -45.94
CA ASP C 379 12.74 19.15 -45.85
C ASP C 379 12.00 18.87 -47.17
N TRP C 380 11.56 17.64 -47.36
CA TRP C 380 10.77 17.30 -48.54
C TRP C 380 9.94 16.04 -48.27
N GLY C 381 8.86 15.87 -49.01
CA GLY C 381 8.06 14.65 -48.93
C GLY C 381 7.42 14.45 -47.57
N LEU C 382 7.75 13.32 -46.96
CA LEU C 382 7.17 12.90 -45.68
C LEU C 382 7.61 13.74 -44.48
N LEU C 383 8.76 14.38 -44.60
CA LEU C 383 9.44 14.97 -43.45
C LEU C 383 8.68 16.08 -42.70
N PRO C 384 8.02 17.01 -43.43
CA PRO C 384 7.26 18.00 -42.66
C PRO C 384 6.11 17.38 -41.85
N LEU C 385 5.64 16.21 -42.27
CA LEU C 385 4.58 15.51 -41.55
C LEU C 385 5.09 14.92 -40.23
N LEU C 386 6.33 14.41 -40.26
CA LEU C 386 6.92 13.75 -39.09
C LEU C 386 7.43 14.76 -38.08
N GLN C 387 7.61 16.00 -38.54
CA GLN C 387 8.04 17.07 -37.67
C GLN C 387 7.02 17.33 -36.57
N PRO C 388 7.48 17.44 -35.32
CA PRO C 388 6.58 17.68 -34.19
C PRO C 388 5.96 19.07 -34.25
N SER C 389 4.80 19.24 -33.63
CA SER C 389 4.13 20.53 -33.60
C SER C 389 4.75 21.48 -32.57
N SER C 390 4.58 22.78 -32.80
CA SER C 390 5.05 23.80 -31.86
C SER C 390 4.36 23.62 -30.50
N PRO C 391 5.10 23.87 -29.41
CA PRO C 391 4.54 23.77 -28.05
C PRO C 391 3.30 24.65 -27.86
N SER C 392 3.22 25.74 -28.62
CA SER C 392 2.06 26.62 -28.58
C SER C 392 0.81 25.90 -29.06
N SER C 393 0.94 25.17 -30.17
CA SER C 393 -0.18 24.41 -30.72
C SER C 393 -0.57 23.27 -29.79
N LEU C 394 0.43 22.57 -29.26
CA LEU C 394 0.18 21.46 -28.34
C LEU C 394 -0.55 21.92 -27.09
N LEU C 395 -0.17 23.11 -26.60
CA LEU C 395 -0.77 23.63 -25.38
C LEU C 395 -2.15 24.22 -25.64
N SER C 396 -2.34 24.84 -26.80
CA SER C 396 -3.66 25.35 -27.15
C SER C 396 -4.61 24.19 -27.40
N ALA C 397 -4.04 23.04 -27.75
CA ALA C 397 -4.82 21.82 -27.96
C ALA C 397 -5.34 21.25 -26.65
N THR C 398 -4.44 21.12 -25.67
CA THR C 398 -4.81 20.58 -24.37
C THR C 398 -5.56 21.62 -23.54
N PRO C 399 -6.71 21.23 -22.98
CA PRO C 399 -7.52 22.13 -22.16
C PRO C 399 -6.99 22.22 -20.73
N ILE C 400 -7.62 23.06 -19.92
CA ILE C 400 -7.22 23.23 -18.53
C ILE C 400 -8.32 22.80 -17.58
N PRO C 401 -8.06 21.74 -16.78
CA PRO C 401 -9.05 21.26 -15.82
C PRO C 401 -9.43 22.34 -14.81
N LEU C 402 -10.73 22.52 -14.59
CA LEU C 402 -11.22 23.49 -13.62
C LEU C 402 -12.08 22.83 -12.57
N PRO C 403 -12.06 23.37 -11.33
CA PRO C 403 -12.84 22.81 -10.22
C PRO C 403 -14.34 22.76 -10.52
N LEU C 404 -15.05 21.87 -9.83
CA LEU C 404 -16.48 21.74 -10.00
C LEU C 404 -17.20 23.03 -9.64
N ALA C 405 -18.10 23.47 -10.53
CA ALA C 405 -18.84 24.72 -10.36
C ALA C 405 -19.85 24.87 -11.49
N PRO C 406 -20.99 25.53 -11.20
CA PRO C 406 -21.99 25.83 -12.23
C PRO C 406 -21.38 26.60 -13.41
N PHE C 407 -21.80 26.27 -14.62
CA PHE C 407 -21.20 26.83 -15.83
C PHE C 407 -21.23 28.36 -15.83
N THR C 408 -22.38 28.94 -15.53
CA THR C 408 -22.52 30.39 -15.50
C THR C 408 -21.63 31.01 -14.42
N GLN C 409 -21.70 30.45 -13.22
CA GLN C 409 -20.92 30.92 -12.09
C GLN C 409 -19.43 30.80 -12.38
N LEU C 410 -19.08 29.72 -13.07
CA LEU C 410 -17.70 29.43 -13.43
C LEU C 410 -17.19 30.45 -14.46
N THR C 411 -18.04 30.79 -15.42
CA THR C 411 -17.66 31.77 -16.44
C THR C 411 -17.50 33.16 -15.85
N ALA C 412 -18.43 33.55 -14.98
CA ALA C 412 -18.35 34.83 -14.29
C ALA C 412 -17.08 34.90 -13.45
N ALA C 413 -16.79 33.81 -12.74
CA ALA C 413 -15.59 33.70 -11.94
C ALA C 413 -14.33 33.88 -12.81
N LEU C 414 -14.29 33.17 -13.94
CA LEU C 414 -13.15 33.24 -14.85
C LEU C 414 -12.94 34.65 -15.41
N VAL C 415 -14.00 35.26 -15.93
CA VAL C 415 -13.86 36.60 -16.49
C VAL C 415 -13.52 37.62 -15.41
N GLN C 416 -13.87 37.30 -14.17
CA GLN C 416 -13.41 38.14 -13.06
C GLN C 416 -11.92 37.93 -12.80
N VAL C 417 -11.45 36.69 -12.96
CA VAL C 417 -10.03 36.37 -12.75
C VAL C 417 -9.17 37.01 -13.84
N PHE C 418 -9.72 37.13 -15.05
CA PHE C 418 -9.00 37.79 -16.13
C PHE C 418 -9.10 39.31 -16.03
N ARG C 419 -10.30 39.81 -15.75
CA ARG C 419 -10.53 41.26 -15.66
C ARG C 419 -9.61 41.91 -14.63
N GLU C 420 -9.87 41.64 -13.36
CA GLU C 420 -8.97 42.04 -12.29
C GLU C 420 -8.07 40.86 -11.95
N ALA C 421 -7.12 41.05 -11.04
CA ALA C 421 -6.15 40.03 -10.62
C ALA C 421 -5.18 39.67 -11.76
N LEU C 422 -5.54 40.07 -12.97
CA LEU C 422 -4.69 39.96 -14.14
C LEU C 422 -4.95 41.22 -14.96
N GLY C 423 -3.95 41.70 -15.69
CA GLY C 423 -4.09 42.96 -16.41
C GLY C 423 -4.89 42.90 -17.70
N CYS C 424 -5.62 41.80 -17.89
CA CYS C 424 -6.28 41.53 -19.16
C CYS C 424 -7.32 42.57 -19.56
N HIS C 425 -7.25 42.98 -20.83
CA HIS C 425 -8.30 43.77 -21.46
C HIS C 425 -9.13 42.79 -22.27
N ILE C 426 -10.37 42.58 -21.84
CA ILE C 426 -11.19 41.54 -22.47
C ILE C 426 -12.38 42.12 -23.22
N GLU C 427 -12.85 41.37 -24.22
CA GLU C 427 -14.04 41.73 -24.97
C GLU C 427 -14.74 40.47 -25.48
N GLN C 428 -16.04 40.56 -25.69
CA GLN C 428 -16.85 39.42 -26.08
C GLN C 428 -16.53 38.96 -27.50
N SER C 454 -21.13 26.91 -25.60
CA SER C 454 -19.86 27.23 -24.97
C SER C 454 -19.64 28.74 -24.90
N ALA C 455 -18.79 29.17 -23.98
CA ALA C 455 -18.52 30.60 -23.81
C ALA C 455 -17.07 30.93 -24.16
N SER C 456 -16.84 32.11 -24.72
CA SER C 456 -15.50 32.49 -25.14
C SER C 456 -15.24 33.98 -24.96
N TRP C 457 -14.01 34.33 -24.58
CA TRP C 457 -13.64 35.71 -24.36
C TRP C 457 -12.30 36.02 -25.00
N ARG C 458 -12.18 37.23 -25.54
CA ARG C 458 -10.95 37.68 -26.18
C ARG C 458 -10.15 38.56 -25.22
N CYS C 459 -8.95 38.10 -24.87
CA CYS C 459 -8.13 38.77 -23.86
C CYS C 459 -6.84 39.34 -24.43
N ALA C 460 -6.41 40.48 -23.90
CA ALA C 460 -5.16 41.10 -24.32
C ALA C 460 -4.31 41.55 -23.12
N LEU C 461 -3.00 41.38 -23.25
CA LEU C 461 -2.06 41.71 -22.19
C LEU C 461 -0.86 42.46 -22.75
N TRP C 462 -0.54 43.60 -22.15
CA TRP C 462 0.65 44.38 -22.55
C TRP C 462 1.86 44.17 -21.66
N HIS C 463 1.73 43.30 -20.66
CA HIS C 463 2.78 43.12 -19.66
C HIS C 463 2.99 41.64 -19.36
N ARG C 464 4.07 41.31 -18.66
CA ARG C 464 4.25 39.91 -18.30
C ARG C 464 3.58 39.71 -16.95
N VAL C 465 2.39 39.12 -16.99
CA VAL C 465 1.62 38.90 -15.77
C VAL C 465 2.05 37.59 -15.12
N TRP C 466 2.40 36.63 -15.97
CA TRP C 466 2.64 35.26 -15.55
C TRP C 466 3.96 35.05 -14.81
N GLN C 467 4.79 36.08 -14.73
CA GLN C 467 6.09 35.95 -14.08
C GLN C 467 6.48 37.18 -13.25
N GLY C 468 7.14 36.95 -12.13
CA GLY C 468 7.66 38.03 -11.32
C GLY C 468 6.75 38.49 -10.19
N ARG C 469 5.71 37.72 -9.93
CA ARG C 469 4.70 38.08 -8.92
C ARG C 469 5.26 38.03 -7.49
N ARG C 470 6.29 37.24 -7.27
CA ARG C 470 6.90 37.14 -5.95
C ARG C 470 7.54 38.43 -5.50
N ARG C 471 8.41 38.99 -6.34
CA ARG C 471 9.04 40.26 -6.02
C ARG C 471 8.00 41.32 -5.74
N ALA C 472 6.90 41.25 -6.49
CA ALA C 472 5.80 42.22 -6.36
C ALA C 472 5.10 42.07 -5.01
N ARG C 473 4.70 40.85 -4.67
CA ARG C 473 3.99 40.59 -3.43
C ARG C 473 4.88 40.88 -2.21
N ARG C 474 6.18 40.59 -2.36
CA ARG C 474 7.16 40.88 -1.33
C ARG C 474 7.30 42.38 -1.15
N ARG C 475 7.26 43.12 -2.26
CA ARG C 475 7.30 44.57 -2.22
C ARG C 475 6.08 45.14 -1.50
N LEU C 476 4.91 44.58 -1.81
CA LEU C 476 3.67 45.04 -1.19
C LEU C 476 3.65 44.76 0.30
N GLN C 477 4.13 43.58 0.69
CA GLN C 477 4.18 43.19 2.09
C GLN C 477 5.29 43.95 2.82
N GLN C 478 6.29 44.42 2.09
CA GLN C 478 7.35 45.25 2.66
C GLN C 478 6.84 46.67 2.93
N GLN C 479 6.07 47.20 1.98
CA GLN C 479 5.41 48.48 2.14
C GLN C 479 4.31 48.38 3.19
N THR C 480 3.88 47.15 3.46
CA THR C 480 2.95 46.88 4.56
C THR C 480 3.71 46.84 5.89
N LYS C 481 4.95 46.36 5.84
CA LYS C 481 5.81 46.32 7.03
C LYS C 481 6.18 47.72 7.50
N GLU C 482 6.66 48.55 6.58
CA GLU C 482 7.07 49.91 6.94
C GLU C 482 5.87 50.81 7.26
N GLY C 483 4.72 50.48 6.69
CA GLY C 483 3.51 51.26 6.92
C GLY C 483 2.38 50.42 7.48
N GLY C 493 -11.06 40.43 -0.23
CA GLY C 493 -10.01 39.51 0.21
C GLY C 493 -9.06 39.14 -0.90
N TRP C 494 -9.49 38.23 -1.77
CA TRP C 494 -8.73 37.83 -2.95
C TRP C 494 -9.06 38.77 -4.09
N LEU C 495 -8.76 38.38 -5.34
CA LEU C 495 -8.97 39.27 -6.49
C LEU C 495 -8.14 40.52 -6.33
N ALA C 496 -8.76 41.63 -5.93
CA ALA C 496 -8.08 42.92 -5.87
C ALA C 496 -6.66 42.88 -5.28
N THR C 497 -6.43 42.06 -4.25
CA THR C 497 -5.09 41.96 -3.69
C THR C 497 -4.10 41.48 -4.77
N GLU C 498 -4.46 40.40 -5.44
CA GLU C 498 -3.69 39.88 -6.56
C GLU C 498 -3.58 40.94 -7.63
N ALA C 499 -4.66 41.71 -7.81
CA ALA C 499 -4.67 42.74 -8.83
C ALA C 499 -3.62 43.78 -8.50
N GLN C 500 -3.50 44.11 -7.22
CA GLN C 500 -2.50 45.08 -6.80
C GLN C 500 -1.13 44.57 -7.22
N VAL C 501 -0.91 43.27 -6.97
CA VAL C 501 0.35 42.63 -7.34
C VAL C 501 0.62 42.87 -8.81
N THR C 502 -0.41 42.64 -9.62
CA THR C 502 -0.27 42.77 -11.07
C THR C 502 0.12 44.21 -11.41
N GLN C 503 -0.53 45.18 -10.76
CA GLN C 503 -0.24 46.57 -11.06
C GLN C 503 1.18 46.89 -10.64
N GLU C 504 1.63 46.27 -9.56
CA GLU C 504 2.98 46.52 -9.05
C GLU C 504 4.00 45.62 -9.73
N LEU C 505 3.53 44.80 -10.66
CA LEU C 505 4.42 43.98 -11.47
C LEU C 505 5.13 44.82 -12.52
N LYS C 506 4.46 45.87 -12.96
CA LYS C 506 4.96 46.71 -14.05
C LYS C 506 6.19 47.52 -13.66
N GLY C 507 7.28 47.33 -14.40
CA GLY C 507 8.54 47.99 -14.12
C GLY C 507 8.54 49.43 -14.59
N GLU C 513 5.79 50.26 -23.55
CA GLU C 513 6.44 50.59 -24.81
C GLU C 513 5.67 50.02 -26.01
N ARG C 514 4.36 49.91 -25.86
CA ARG C 514 3.51 49.30 -26.89
C ARG C 514 2.27 50.16 -27.12
N PRO C 515 1.75 50.16 -28.36
CA PRO C 515 0.52 50.85 -28.73
C PRO C 515 -0.73 50.15 -28.21
N GLU C 516 -1.87 50.83 -28.27
CA GLU C 516 -3.11 50.28 -27.75
C GLU C 516 -3.67 49.31 -28.77
N THR C 517 -3.15 49.40 -29.98
CA THR C 517 -3.53 48.52 -31.08
C THR C 517 -2.93 47.13 -30.98
N GLU C 518 -1.65 47.05 -30.65
CA GLU C 518 -0.96 45.76 -30.67
C GLU C 518 -0.51 45.27 -29.30
N PRO C 519 -1.27 44.34 -28.72
CA PRO C 519 -1.02 43.72 -27.42
C PRO C 519 0.30 42.96 -27.39
N LEU C 520 0.86 42.73 -26.21
CA LEU C 520 2.06 41.92 -26.10
C LEU C 520 1.67 40.47 -26.32
N LEU C 521 0.58 40.06 -25.69
CA LEU C 521 0.01 38.73 -25.92
C LEU C 521 -1.51 38.80 -25.93
N SER C 522 -2.13 38.34 -27.02
CA SER C 522 -3.58 38.30 -27.07
C SER C 522 -4.05 36.89 -27.38
N PHE C 523 -5.10 36.45 -26.69
CA PHE C 523 -5.55 35.07 -26.79
C PHE C 523 -7.05 34.92 -26.59
N VAL C 524 -7.53 33.69 -26.67
CA VAL C 524 -8.95 33.38 -26.50
C VAL C 524 -9.16 32.33 -25.42
N ALA C 525 -10.09 32.60 -24.51
CA ALA C 525 -10.42 31.65 -23.46
C ALA C 525 -11.81 31.06 -23.71
N SER C 526 -11.89 29.74 -23.80
CA SER C 526 -13.16 29.07 -24.11
C SER C 526 -13.51 27.96 -23.13
N VAL C 527 -14.75 27.99 -22.65
CA VAL C 527 -15.26 26.97 -21.74
C VAL C 527 -16.44 26.23 -22.35
N SER C 528 -16.33 24.91 -22.43
CA SER C 528 -17.40 24.04 -22.94
C SER C 528 -18.33 23.60 -21.81
N PRO C 529 -19.63 23.45 -22.13
CA PRO C 529 -20.64 23.06 -21.14
C PRO C 529 -20.34 21.73 -20.46
N ALA C 530 -19.99 20.70 -21.23
CA ALA C 530 -19.53 19.45 -20.66
C ALA C 530 -18.45 18.82 -21.53
N ASP C 531 -17.31 18.44 -20.94
CA ASP C 531 -16.96 18.73 -19.55
C ASP C 531 -16.52 20.18 -19.43
N ARG C 532 -16.51 20.72 -18.22
CA ARG C 532 -16.16 22.12 -18.07
C ARG C 532 -14.65 22.21 -17.94
N MET C 533 -14.03 22.69 -19.01
CA MET C 533 -12.58 22.80 -19.10
C MET C 533 -12.24 24.03 -19.92
N LEU C 534 -11.21 24.76 -19.50
CA LEU C 534 -10.84 25.97 -20.23
C LEU C 534 -9.87 25.64 -21.35
N THR C 535 -10.20 26.06 -22.56
CA THR C 535 -9.31 25.88 -23.69
C THR C 535 -8.76 27.24 -24.11
N VAL C 536 -7.48 27.45 -23.87
CA VAL C 536 -6.84 28.72 -24.18
C VAL C 536 -6.01 28.63 -25.45
N THR C 537 -6.37 29.42 -26.46
CA THR C 537 -5.65 29.45 -27.73
C THR C 537 -5.11 30.84 -28.02
N PRO C 538 -3.90 30.91 -28.59
CA PRO C 538 -3.24 32.19 -28.85
C PRO C 538 -3.82 32.91 -30.07
N LEU C 539 -3.85 34.25 -30.01
CA LEU C 539 -4.19 35.07 -31.16
C LEU C 539 -2.93 35.74 -31.67
N GLN C 540 -2.48 36.76 -30.95
CA GLN C 540 -1.25 37.47 -31.32
C GLN C 540 -0.15 37.21 -30.30
N ASP C 541 0.92 36.56 -30.74
CA ASP C 541 2.04 36.23 -29.87
C ASP C 541 3.36 36.50 -30.56
N PRO C 542 3.78 37.77 -30.62
CA PRO C 542 5.00 38.19 -31.31
C PRO C 542 6.28 37.57 -30.73
N GLN C 543 6.40 37.58 -29.41
CA GLN C 543 7.61 37.10 -28.75
C GLN C 543 7.53 35.63 -28.37
N GLY C 544 6.42 34.98 -28.73
CA GLY C 544 6.25 33.55 -28.52
C GLY C 544 6.23 33.10 -27.08
N LEU C 545 5.67 33.92 -26.20
CA LEU C 545 5.61 33.63 -24.78
C LEU C 545 4.29 32.98 -24.34
N PHE C 546 3.44 32.63 -25.30
CA PHE C 546 2.16 31.97 -25.01
C PHE C 546 2.26 30.71 -24.13
N PRO C 547 3.23 29.81 -24.38
CA PRO C 547 3.31 28.63 -23.50
C PRO C 547 3.49 28.96 -22.02
N ASP C 548 4.30 29.97 -21.73
CA ASP C 548 4.49 30.42 -20.34
C ASP C 548 3.13 30.79 -19.75
N LEU C 549 2.35 31.55 -20.52
CA LEU C 549 1.02 31.96 -20.11
C LEU C 549 0.14 30.73 -19.86
N HIS C 550 0.29 29.71 -20.69
CA HIS C 550 -0.55 28.54 -20.57
C HIS C 550 -0.24 27.75 -19.30
N HIS C 551 1.04 27.54 -19.02
CA HIS C 551 1.41 26.84 -17.79
C HIS C 551 0.98 27.62 -16.56
N PHE C 552 1.29 28.91 -16.58
CA PHE C 552 0.90 29.81 -15.52
C PHE C 552 -0.60 29.76 -15.27
N LEU C 553 -1.39 29.77 -16.33
CA LEU C 553 -2.84 29.69 -16.18
C LEU C 553 -3.26 28.34 -15.62
N GLN C 554 -2.60 27.28 -16.08
CA GLN C 554 -2.85 25.92 -15.60
C GLN C 554 -2.74 25.84 -14.10
N VAL C 555 -1.72 26.47 -13.53
CA VAL C 555 -1.58 26.46 -12.08
C VAL C 555 -2.46 27.51 -11.37
N PHE C 556 -2.52 28.71 -11.92
CA PHE C 556 -3.09 29.86 -11.26
C PHE C 556 -4.62 29.86 -11.23
N LEU C 557 -5.23 29.54 -12.37
CA LEU C 557 -6.68 29.60 -12.48
C LEU C 557 -7.45 28.68 -11.53
N PRO C 558 -7.00 27.42 -11.36
CA PRO C 558 -7.69 26.60 -10.36
C PRO C 558 -7.62 27.15 -8.94
N GLN C 559 -6.49 27.73 -8.56
CA GLN C 559 -6.35 28.37 -7.25
C GLN C 559 -7.31 29.53 -7.12
N ALA C 560 -7.40 30.33 -8.17
CA ALA C 560 -8.31 31.46 -8.21
C ALA C 560 -9.74 30.97 -7.98
N ILE C 561 -10.17 29.99 -8.76
CA ILE C 561 -11.51 29.44 -8.65
C ILE C 561 -11.77 28.90 -7.23
N ARG C 562 -10.78 28.21 -6.67
CA ARG C 562 -10.91 27.66 -5.32
C ARG C 562 -11.11 28.77 -4.27
N HIS C 563 -10.29 29.81 -4.36
CA HIS C 563 -10.41 30.93 -3.41
C HIS C 563 -11.72 31.69 -3.59
N LEU C 564 -12.20 31.78 -4.82
CA LEU C 564 -13.47 32.44 -5.10
C LEU C 564 -14.66 31.62 -4.59
N LYS C 565 -14.51 30.29 -4.60
CA LYS C 565 -15.53 29.41 -4.04
C LYS C 565 -15.61 29.59 -2.53
N LEU C 566 -14.47 29.88 -1.91
CA LEU C 566 -14.40 30.06 -0.47
C LEU C 566 -15.05 31.37 -0.03
N GLU C 567 -15.43 32.20 -0.99
CA GLU C 567 -16.12 33.45 -0.70
C GLU C 567 -17.60 33.35 -1.03
N ASP D 6 17.52 18.29 -27.28
CA ASP D 6 17.75 19.62 -27.84
C ASP D 6 19.23 19.90 -28.01
N SER D 7 20.05 18.84 -27.95
CA SER D 7 21.49 18.93 -28.18
C SER D 7 21.77 19.51 -29.57
N HIS D 8 20.80 19.29 -30.47
CA HIS D 8 20.86 19.81 -31.82
C HIS D 8 20.83 21.33 -31.76
N GLN D 9 19.86 21.85 -31.02
CA GLN D 9 19.72 23.29 -30.81
C GLN D 9 20.88 23.86 -30.00
N LEU D 10 21.26 23.17 -28.94
CA LEU D 10 22.35 23.61 -28.05
C LEU D 10 23.66 23.79 -28.81
N ALA D 11 23.96 22.83 -29.68
CA ALA D 11 25.18 22.89 -30.48
C ALA D 11 25.24 24.14 -31.34
N LYS D 12 24.18 24.40 -32.10
CA LYS D 12 24.15 25.55 -33.00
C LYS D 12 24.08 26.86 -32.23
N ALA D 13 23.57 26.81 -31.01
CA ALA D 13 23.46 28.01 -30.19
C ALA D 13 24.82 28.38 -29.60
N LEU D 14 25.56 27.37 -29.15
CA LEU D 14 26.87 27.59 -28.56
C LEU D 14 27.95 27.85 -29.62
N ALA D 15 27.76 27.28 -30.81
CA ALA D 15 28.75 27.37 -31.88
C ALA D 15 28.89 28.78 -32.45
N GLU D 16 27.84 29.58 -32.31
CA GLU D 16 27.81 30.89 -32.94
C GLU D 16 28.40 32.00 -32.08
N ALA D 17 28.69 31.69 -30.82
CA ALA D 17 29.11 32.74 -29.89
C ALA D 17 30.60 32.72 -29.57
N ALA D 18 31.31 33.70 -30.11
CA ALA D 18 32.64 34.12 -29.64
C ALA D 18 33.62 32.98 -29.34
N ASP D 19 34.07 32.94 -28.09
CA ASP D 19 35.04 31.96 -27.62
C ASP D 19 34.44 31.00 -26.59
N VAL D 20 35.29 30.15 -26.03
CA VAL D 20 34.87 29.11 -25.07
C VAL D 20 34.14 29.68 -23.85
N GLY D 21 34.66 30.77 -23.30
CA GLY D 21 34.05 31.38 -22.14
C GLY D 21 32.63 31.83 -22.42
N ALA D 22 32.44 32.47 -23.57
CA ALA D 22 31.12 32.91 -23.99
C ALA D 22 30.20 31.71 -24.19
N GLN D 23 30.77 30.59 -24.64
CA GLN D 23 30.01 29.35 -24.76
C GLN D 23 29.50 28.91 -23.40
N MET D 24 30.36 28.98 -22.39
CA MET D 24 30.00 28.56 -21.04
C MET D 24 28.91 29.44 -20.45
N ILE D 25 29.11 30.76 -20.54
CA ILE D 25 28.13 31.69 -20.00
C ILE D 25 26.79 31.55 -20.72
N LYS D 26 26.85 31.41 -22.04
CA LYS D 26 25.64 31.20 -22.83
C LYS D 26 24.94 29.91 -22.43
N LEU D 27 25.73 28.88 -22.11
CA LEU D 27 25.18 27.61 -21.65
C LEU D 27 24.41 27.81 -20.36
N VAL D 28 25.01 28.56 -19.43
CA VAL D 28 24.34 28.89 -18.19
C VAL D 28 23.03 29.63 -18.45
N GLY D 29 23.08 30.60 -19.37
CA GLY D 29 21.90 31.36 -19.72
C GLY D 29 20.79 30.50 -20.30
N LEU D 30 21.18 29.45 -21.03
CA LEU D 30 20.22 28.58 -21.68
C LEU D 30 19.60 27.56 -20.71
N ARG D 31 20.42 27.00 -19.83
CA ARG D 31 19.94 25.93 -18.94
C ARG D 31 19.33 26.42 -17.64
N GLU D 32 19.54 27.69 -17.29
CA GLU D 32 18.98 28.22 -16.05
C GLU D 32 17.48 28.38 -16.16
N LEU D 33 16.79 28.32 -15.02
CA LEU D 33 15.34 28.46 -15.00
C LEU D 33 14.91 29.83 -15.47
N SER D 34 13.87 29.89 -16.30
CA SER D 34 13.31 31.16 -16.72
C SER D 34 12.52 31.77 -15.58
N GLU D 35 12.00 32.96 -15.79
CA GLU D 35 11.26 33.64 -14.74
C GLU D 35 9.88 32.99 -14.52
N ALA D 36 9.26 32.56 -15.62
CA ALA D 36 7.94 31.93 -15.56
C ALA D 36 7.99 30.63 -14.75
N GLU D 37 9.08 29.88 -14.94
CA GLU D 37 9.28 28.62 -14.22
C GLU D 37 9.42 28.85 -12.72
N ARG D 38 10.19 29.88 -12.36
CA ARG D 38 10.35 30.25 -10.96
C ARG D 38 9.02 30.69 -10.37
N GLN D 39 8.20 31.35 -11.18
CA GLN D 39 6.86 31.74 -10.74
C GLN D 39 6.02 30.51 -10.45
N LEU D 40 6.10 29.52 -11.33
CA LEU D 40 5.38 28.26 -11.15
C LEU D 40 5.79 27.58 -9.84
N ARG D 41 7.10 27.47 -9.64
CA ARG D 41 7.63 26.88 -8.42
C ARG D 41 7.16 27.63 -7.18
N SER D 42 7.21 28.96 -7.25
CA SER D 42 6.79 29.80 -6.13
C SER D 42 5.30 29.62 -5.82
N LEU D 43 4.52 29.39 -6.87
CA LEU D 43 3.09 29.18 -6.73
C LEU D 43 2.82 27.86 -6.01
N VAL D 44 3.51 26.81 -6.45
CA VAL D 44 3.38 25.51 -5.81
C VAL D 44 3.82 25.54 -4.35
N VAL D 45 4.96 26.17 -4.09
CA VAL D 45 5.45 26.35 -2.74
C VAL D 45 4.42 27.07 -1.89
N ALA D 46 3.76 28.07 -2.48
CA ALA D 46 2.70 28.79 -1.79
C ALA D 46 1.56 27.84 -1.43
N LEU D 47 1.20 26.94 -2.35
CA LEU D 47 0.18 25.93 -2.08
C LEU D 47 0.54 25.05 -0.89
N MET D 48 1.73 24.45 -0.96
CA MET D 48 2.24 23.57 0.09
C MET D 48 2.21 24.28 1.44
N GLN D 49 2.74 25.51 1.46
CA GLN D 49 2.77 26.31 2.66
C GLN D 49 1.36 26.55 3.19
N GLU D 50 0.42 26.77 2.27
CA GLU D 50 -0.96 27.04 2.64
C GLU D 50 -1.61 25.84 3.34
N VAL D 51 -1.52 24.67 2.71
CA VAL D 51 -2.12 23.46 3.28
C VAL D 51 -1.45 23.03 4.57
N PHE D 52 -0.12 23.01 4.58
CA PHE D 52 0.62 22.61 5.77
C PHE D 52 0.46 23.61 6.91
N THR D 53 0.13 24.86 6.58
CA THR D 53 -0.19 25.85 7.60
C THR D 53 -1.58 25.56 8.13
N GLU D 54 -2.45 25.09 7.24
CA GLU D 54 -3.78 24.67 7.65
C GLU D 54 -3.70 23.56 8.70
N PHE D 55 -2.87 22.55 8.44
CA PHE D 55 -2.73 21.43 9.39
C PHE D 55 -1.79 21.69 10.56
N PHE D 56 -0.66 22.33 10.28
CA PHE D 56 0.31 22.65 11.33
C PHE D 56 0.54 24.15 11.42
N PRO D 57 -0.30 24.85 12.19
CA PRO D 57 -0.22 26.30 12.32
C PRO D 57 1.14 26.79 12.80
N GLY D 58 1.72 27.76 12.09
CA GLY D 58 3.00 28.32 12.45
C GLY D 58 4.19 27.53 11.94
N CYS D 59 3.97 26.74 10.90
CA CYS D 59 5.02 25.93 10.30
C CYS D 59 5.53 26.63 9.05
N VAL D 60 6.81 26.47 8.74
CA VAL D 60 7.38 27.20 7.61
C VAL D 60 7.98 26.28 6.54
N VAL D 61 7.57 26.47 5.29
CA VAL D 61 8.12 25.71 4.18
C VAL D 61 9.29 26.42 3.51
N HIS D 62 10.47 25.84 3.64
CA HIS D 62 11.68 26.39 3.03
C HIS D 62 12.06 25.62 1.77
N PRO D 63 11.93 26.26 0.60
CA PRO D 63 12.49 25.63 -0.60
C PRO D 63 14.01 25.59 -0.51
N PHE D 64 14.59 24.44 -0.82
CA PHE D 64 16.03 24.29 -0.80
C PHE D 64 16.52 23.47 -1.98
N GLY D 65 17.82 23.17 -1.99
CA GLY D 65 18.39 22.33 -3.02
C GLY D 65 18.56 23.02 -4.36
N SER D 66 18.24 22.29 -5.42
CA SER D 66 18.49 22.73 -6.80
C SER D 66 17.83 24.07 -7.14
N SER D 67 16.78 24.43 -6.42
CA SER D 67 16.06 25.67 -6.70
C SER D 67 16.80 26.93 -6.26
N ILE D 68 17.28 26.95 -5.02
CA ILE D 68 17.84 28.17 -4.44
C ILE D 68 19.37 28.29 -4.51
N ASN D 69 20.05 27.26 -5.00
CA ASN D 69 21.51 27.28 -5.02
C ASN D 69 22.05 27.97 -6.27
N SER D 70 21.13 28.47 -7.08
CA SER D 70 21.43 29.17 -8.33
C SER D 70 22.21 28.29 -9.29
N PHE D 71 22.14 26.98 -9.06
CA PHE D 71 22.62 25.99 -10.01
C PHE D 71 21.48 25.35 -10.79
N ASP D 72 20.28 25.88 -10.59
CA ASP D 72 19.04 25.34 -11.16
C ASP D 72 19.05 25.17 -12.67
N VAL D 73 18.51 24.03 -13.12
CA VAL D 73 18.36 23.76 -14.54
C VAL D 73 16.90 23.47 -14.84
N HIS D 74 16.53 23.50 -16.12
CA HIS D 74 15.16 23.27 -16.53
C HIS D 74 14.67 21.89 -16.11
N GLY D 75 13.52 21.85 -15.44
CA GLY D 75 12.92 20.60 -15.01
C GLY D 75 13.58 20.01 -13.78
N CYS D 76 14.26 20.86 -13.01
CA CYS D 76 14.92 20.43 -11.79
C CYS D 76 13.89 20.14 -10.70
N ASP D 77 14.30 19.37 -9.70
CA ASP D 77 13.42 19.03 -8.60
C ASP D 77 13.10 20.24 -7.75
N LEU D 78 11.90 20.24 -7.17
CA LEU D 78 11.54 21.25 -6.20
C LEU D 78 11.59 20.61 -4.82
N ASP D 79 12.61 20.93 -4.05
CA ASP D 79 12.84 20.30 -2.75
C ASP D 79 12.33 21.21 -1.64
N LEU D 80 11.50 20.66 -0.77
CA LEU D 80 10.87 21.45 0.29
C LEU D 80 11.16 20.91 1.67
N PHE D 81 11.65 21.78 2.55
CA PHE D 81 11.88 21.44 3.94
C PHE D 81 10.74 21.96 4.79
N LEU D 82 10.13 21.09 5.58
CA LEU D 82 8.99 21.48 6.39
C LEU D 82 9.44 21.72 7.82
N ASP D 83 9.45 22.99 8.22
CA ASP D 83 9.93 23.40 9.52
C ASP D 83 8.80 23.45 10.53
N LEU D 84 8.89 22.55 11.51
CA LEU D 84 7.87 22.40 12.54
C LEU D 84 8.36 23.06 13.83
N GLY D 85 9.57 23.62 13.78
CA GLY D 85 10.18 24.27 14.91
C GLY D 85 10.95 23.47 15.95
N ASP D 86 11.72 24.21 16.75
CA ASP D 86 12.64 23.66 17.75
C ASP D 86 13.70 22.79 17.10
N LYS D 122 16.39 5.64 19.94
CA LYS D 122 16.29 5.25 18.54
C LYS D 122 14.82 5.15 18.09
N GLU D 123 13.90 5.36 19.04
CA GLU D 123 12.48 5.36 18.74
C GLU D 123 12.07 6.70 18.15
N GLU D 124 12.99 7.67 18.23
CA GLU D 124 12.79 8.98 17.63
C GLU D 124 12.71 8.85 16.11
N LYS D 125 13.43 7.88 15.57
CA LYS D 125 13.39 7.56 14.15
C LYS D 125 12.00 7.05 13.78
N ALA D 126 11.42 6.27 14.68
CA ALA D 126 10.06 5.75 14.51
C ALA D 126 9.02 6.86 14.53
N GLU D 127 9.15 7.77 15.50
CA GLU D 127 8.24 8.91 15.59
C GLU D 127 8.33 9.80 14.35
N GLY D 128 9.56 10.12 13.95
CA GLY D 128 9.79 10.90 12.75
C GLY D 128 9.23 10.23 11.51
N ALA D 129 9.30 8.91 11.47
CA ALA D 129 8.76 8.15 10.35
C ALA D 129 7.23 8.22 10.33
N ALA D 130 6.63 8.16 11.51
CA ALA D 130 5.17 8.27 11.61
C ALA D 130 4.71 9.64 11.14
N MET D 131 5.44 10.69 11.54
CA MET D 131 5.12 12.04 11.09
C MET D 131 5.33 12.18 9.58
N LEU D 132 6.32 11.47 9.05
CA LEU D 132 6.58 11.49 7.60
C LEU D 132 5.41 10.87 6.85
N GLU D 133 4.89 9.76 7.37
CA GLU D 133 3.72 9.13 6.77
C GLU D 133 2.50 10.06 6.86
N LEU D 134 2.39 10.78 7.98
CA LEU D 134 1.30 11.73 8.14
C LEU D 134 1.37 12.82 7.08
N VAL D 135 2.55 13.41 6.93
CA VAL D 135 2.78 14.45 5.92
C VAL D 135 2.46 13.94 4.53
N GLY D 136 2.93 12.73 4.22
CA GLY D 136 2.65 12.11 2.94
C GLY D 136 1.15 11.98 2.70
N SER D 137 0.43 11.55 3.72
CA SER D 137 -1.01 11.36 3.62
C SER D 137 -1.75 12.69 3.45
N ILE D 138 -1.25 13.74 4.09
CA ILE D 138 -1.80 15.09 3.93
C ILE D 138 -1.61 15.55 2.49
N LEU D 139 -0.43 15.28 1.95
CA LEU D 139 -0.16 15.58 0.54
C LEU D 139 -1.19 14.88 -0.33
N ARG D 140 -1.26 13.56 -0.20
CA ARG D 140 -2.17 12.74 -1.00
C ARG D 140 -3.61 13.26 -0.94
N GLY D 141 -4.10 13.53 0.27
CA GLY D 141 -5.50 13.86 0.46
C GLY D 141 -5.94 15.30 0.31
N CYS D 142 -5.08 16.26 0.63
CA CYS D 142 -5.52 17.65 0.71
C CYS D 142 -5.03 18.55 -0.41
N VAL D 143 -3.73 18.87 -0.42
CA VAL D 143 -3.19 19.77 -1.45
C VAL D 143 -3.49 19.25 -2.86
N PRO D 144 -4.20 20.07 -3.65
CA PRO D 144 -4.68 19.65 -4.97
C PRO D 144 -3.55 19.53 -5.99
N GLY D 145 -3.62 18.51 -6.83
CA GLY D 145 -2.67 18.40 -7.94
C GLY D 145 -1.58 17.36 -7.77
N VAL D 146 -1.34 16.92 -6.54
CA VAL D 146 -0.32 15.91 -6.29
C VAL D 146 -0.88 14.50 -6.47
N TYR D 147 -0.16 13.67 -7.24
CA TYR D 147 -0.64 12.33 -7.54
C TYR D 147 0.34 11.27 -7.06
N ARG D 148 1.56 11.26 -7.59
CA ARG D 148 2.55 10.30 -7.10
C ARG D 148 3.10 10.77 -5.76
N VAL D 149 2.85 9.96 -4.72
CA VAL D 149 3.40 10.24 -3.40
C VAL D 149 4.03 8.98 -2.81
N GLN D 150 5.33 9.05 -2.53
CA GLN D 150 6.03 7.88 -2.02
C GLN D 150 6.94 8.23 -0.84
N THR D 151 6.76 7.53 0.27
CA THR D 151 7.56 7.77 1.46
C THR D 151 8.85 6.96 1.41
N VAL D 152 9.97 7.61 1.73
CA VAL D 152 11.27 6.96 1.76
C VAL D 152 11.99 7.23 3.08
N PRO D 153 11.67 6.43 4.11
CA PRO D 153 12.35 6.46 5.42
C PRO D 153 13.75 5.84 5.35
N SER D 154 13.99 5.05 4.31
CA SER D 154 15.20 4.24 4.22
C SER D 154 16.46 5.06 3.94
N ALA D 155 16.30 6.20 3.25
CA ALA D 155 17.43 7.02 2.88
C ALA D 155 18.10 7.64 4.11
N ARG D 156 19.35 8.05 3.95
CA ARG D 156 20.09 8.72 5.02
C ARG D 156 19.34 9.99 5.45
N ARG D 157 18.68 10.62 4.50
CA ARG D 157 17.83 11.77 4.76
C ARG D 157 16.41 11.48 4.31
N PRO D 158 15.59 10.91 5.21
CA PRO D 158 14.20 10.46 4.96
C PRO D 158 13.35 11.53 4.29
N VAL D 159 12.57 11.14 3.29
CA VAL D 159 11.88 12.14 2.49
C VAL D 159 10.59 11.63 1.83
N VAL D 160 9.66 12.55 1.54
CA VAL D 160 8.44 12.19 0.81
C VAL D 160 8.49 12.70 -0.62
N LYS D 161 8.63 11.80 -1.57
CA LYS D 161 8.67 12.17 -2.98
C LYS D 161 7.25 12.47 -3.48
N PHE D 162 7.10 13.60 -4.16
CA PHE D 162 5.80 14.02 -4.67
C PHE D 162 5.91 14.61 -6.08
N CYS D 163 4.80 14.61 -6.80
CA CYS D 163 4.75 15.20 -8.14
C CYS D 163 3.48 16.04 -8.30
N HIS D 164 3.65 17.33 -8.57
CA HIS D 164 2.50 18.21 -8.79
C HIS D 164 2.18 18.27 -10.28
N ARG D 165 0.98 17.82 -10.63
CA ARG D 165 0.60 17.67 -12.04
C ARG D 165 0.41 18.98 -12.82
N PRO D 166 -0.38 19.94 -12.30
CA PRO D 166 -0.64 21.14 -13.11
C PRO D 166 0.63 21.93 -13.47
N SER D 167 1.58 21.98 -12.56
CA SER D 167 2.85 22.63 -12.84
C SER D 167 3.80 21.66 -13.52
N GLY D 168 3.47 20.37 -13.42
CA GLY D 168 4.32 19.33 -13.96
C GLY D 168 5.61 19.22 -13.19
N LEU D 169 5.61 19.72 -11.95
CA LEU D 169 6.83 19.70 -11.15
C LEU D 169 6.91 18.43 -10.33
N HIS D 170 8.04 18.25 -9.67
CA HIS D 170 8.25 17.12 -8.77
C HIS D 170 9.36 17.45 -7.80
N GLY D 171 9.37 16.76 -6.66
CA GLY D 171 10.43 16.98 -5.68
C GLY D 171 10.31 16.14 -4.44
N ASP D 172 11.09 16.51 -3.43
CA ASP D 172 11.12 15.78 -2.17
C ASP D 172 10.72 16.70 -1.02
N VAL D 173 9.99 16.15 -0.05
CA VAL D 173 9.65 16.90 1.16
C VAL D 173 10.29 16.27 2.38
N SER D 174 11.24 16.98 2.97
CA SER D 174 11.98 16.48 4.13
C SER D 174 11.50 17.16 5.40
N LEU D 175 11.18 16.37 6.43
CA LEU D 175 10.73 16.94 7.69
C LEU D 175 11.87 17.52 8.49
N SER D 176 12.96 16.77 8.64
CA SER D 176 14.16 17.40 9.16
C SER D 176 15.35 17.23 8.23
N ASN D 177 15.65 18.28 7.48
CA ASN D 177 16.99 18.54 6.97
C ASN D 177 17.19 20.04 7.00
N ARG D 178 17.97 20.54 7.97
CA ARG D 178 18.22 21.97 8.01
C ARG D 178 19.57 22.32 7.39
N LEU D 179 20.39 21.29 7.17
CA LEU D 179 21.72 21.49 6.63
C LEU D 179 21.64 21.83 5.16
N ALA D 180 20.64 21.26 4.49
CA ALA D 180 20.43 21.50 3.07
C ALA D 180 20.19 22.98 2.80
N LEU D 181 19.46 23.62 3.69
CA LEU D 181 19.21 25.06 3.59
C LEU D 181 20.52 25.83 3.56
N HIS D 182 21.33 25.63 4.58
CA HIS D 182 22.56 26.40 4.77
C HIS D 182 23.63 26.10 3.74
N ASN D 183 23.74 24.84 3.30
CA ASN D 183 24.74 24.53 2.28
C ASN D 183 24.28 24.94 0.89
N SER D 184 22.97 24.99 0.67
CA SER D 184 22.44 25.52 -0.58
C SER D 184 22.68 27.02 -0.65
N ARG D 185 22.39 27.71 0.46
CA ARG D 185 22.69 29.14 0.58
C ARG D 185 24.19 29.39 0.46
N PHE D 186 24.97 28.39 0.89
CA PHE D 186 26.42 28.44 0.73
C PHE D 186 26.79 28.36 -0.75
N LEU D 187 26.09 27.51 -1.49
CA LEU D 187 26.31 27.37 -2.94
C LEU D 187 25.99 28.67 -3.67
N SER D 188 24.81 29.21 -3.40
CA SER D 188 24.40 30.48 -4.02
C SER D 188 25.39 31.59 -3.65
N LEU D 189 25.88 31.55 -2.42
CA LEU D 189 26.91 32.48 -1.97
C LEU D 189 28.19 32.32 -2.79
N CYS D 190 28.57 31.08 -3.05
CA CYS D 190 29.75 30.81 -3.87
C CYS D 190 29.58 31.38 -5.27
N SER D 191 28.37 31.28 -5.82
CA SER D 191 28.10 31.84 -7.13
C SER D 191 28.08 33.37 -7.10
N GLU D 192 27.80 33.93 -5.92
CA GLU D 192 27.82 35.38 -5.75
C GLU D 192 29.23 35.94 -5.56
N LEU D 193 30.13 35.12 -5.02
CA LEU D 193 31.48 35.58 -4.71
C LEU D 193 32.33 35.84 -5.95
N ASP D 194 32.19 34.98 -6.96
CA ASP D 194 32.91 35.17 -8.22
C ASP D 194 32.04 34.76 -9.40
N GLY D 195 32.19 35.45 -10.52
CA GLY D 195 31.33 35.23 -11.66
C GLY D 195 31.68 34.05 -12.54
N ARG D 196 32.82 33.41 -12.27
CA ARG D 196 33.22 32.23 -13.04
C ARG D 196 32.66 30.95 -12.45
N VAL D 197 32.17 31.03 -11.22
CA VAL D 197 31.67 29.89 -10.47
C VAL D 197 30.51 29.20 -11.19
N ARG D 198 29.49 29.96 -11.53
CA ARG D 198 28.29 29.41 -12.16
C ARG D 198 28.59 28.83 -13.56
N PRO D 199 29.34 29.55 -14.41
CA PRO D 199 29.72 28.93 -15.69
C PRO D 199 30.52 27.64 -15.54
N LEU D 200 31.51 27.62 -14.66
CA LEU D 200 32.28 26.40 -14.42
C LEU D 200 31.40 25.25 -13.95
N VAL D 201 30.52 25.52 -12.98
CA VAL D 201 29.69 24.46 -12.42
C VAL D 201 28.70 23.92 -13.44
N TYR D 202 28.02 24.81 -14.16
CA TYR D 202 27.09 24.38 -15.20
C TYR D 202 27.77 23.56 -16.28
N THR D 203 28.87 24.10 -16.80
CA THR D 203 29.63 23.43 -17.85
C THR D 203 30.11 22.04 -17.41
N LEU D 204 30.79 21.99 -16.27
CA LEU D 204 31.34 20.73 -15.78
C LEU D 204 30.27 19.71 -15.40
N ARG D 205 29.11 20.21 -14.95
CA ARG D 205 28.03 19.32 -14.59
C ARG D 205 27.43 18.69 -15.85
N CYS D 206 27.16 19.53 -16.85
CA CYS D 206 26.61 19.03 -18.11
C CYS D 206 27.60 18.08 -18.76
N TRP D 207 28.89 18.36 -18.58
CA TRP D 207 29.95 17.53 -19.10
C TRP D 207 29.95 16.17 -18.43
N ALA D 208 29.83 16.17 -17.11
CA ALA D 208 29.82 14.94 -16.32
C ALA D 208 28.59 14.10 -16.64
N GLN D 209 27.46 14.77 -16.88
CA GLN D 209 26.25 14.08 -17.32
C GLN D 209 26.49 13.44 -18.68
N GLY D 210 27.19 14.18 -19.54
CA GLY D 210 27.52 13.69 -20.87
C GLY D 210 28.44 12.48 -20.84
N ARG D 211 29.32 12.45 -19.85
CA ARG D 211 30.29 11.36 -19.71
C ARG D 211 29.73 10.20 -18.90
N GLY D 212 28.60 10.43 -18.25
CA GLY D 212 27.96 9.42 -17.43
C GLY D 212 28.70 9.17 -16.12
N LEU D 213 29.36 10.21 -15.62
CA LEU D 213 30.06 10.13 -14.35
C LEU D 213 29.16 10.59 -13.19
N SER D 214 28.01 11.18 -13.53
CA SER D 214 27.10 11.68 -12.51
C SER D 214 25.74 11.00 -12.60
N GLY D 215 25.14 10.76 -11.44
CA GLY D 215 23.86 10.07 -11.38
C GLY D 215 23.42 9.71 -9.97
N SER D 216 22.27 9.05 -9.88
CA SER D 216 21.68 8.69 -8.59
C SER D 216 22.15 7.33 -8.12
N GLY D 217 23.05 6.73 -8.88
CA GLY D 217 23.61 5.43 -8.54
C GLY D 217 24.90 5.60 -7.74
N PRO D 218 25.87 4.68 -7.96
CA PRO D 218 27.21 4.83 -7.39
C PRO D 218 27.92 6.07 -7.93
N LEU D 219 27.37 6.65 -9.00
CA LEU D 219 27.92 7.86 -9.62
C LEU D 219 27.78 9.09 -8.71
N LEU D 220 28.58 10.12 -9.00
CA LEU D 220 28.57 11.35 -8.22
C LEU D 220 27.24 12.10 -8.32
N SER D 221 26.69 12.50 -7.17
CA SER D 221 25.52 13.36 -7.14
C SER D 221 25.94 14.78 -7.54
N ASN D 222 25.00 15.57 -8.01
CA ASN D 222 25.30 16.93 -8.44
C ASN D 222 25.86 17.80 -7.32
N TYR D 223 25.44 17.53 -6.09
CA TYR D 223 25.95 18.24 -4.93
C TYR D 223 27.45 17.93 -4.74
N ALA D 224 27.80 16.67 -4.89
CA ALA D 224 29.19 16.24 -4.76
C ALA D 224 30.06 16.86 -5.84
N LEU D 225 29.57 16.84 -7.07
CA LEU D 225 30.33 17.41 -8.19
C LEU D 225 30.53 18.91 -8.00
N THR D 226 29.46 19.59 -7.59
CA THR D 226 29.52 21.02 -7.33
C THR D 226 30.54 21.33 -6.23
N LEU D 227 30.51 20.55 -5.16
CA LEU D 227 31.45 20.70 -4.06
C LEU D 227 32.89 20.44 -4.54
N LEU D 228 33.02 19.57 -5.53
CA LEU D 228 34.31 19.26 -6.10
C LEU D 228 34.85 20.44 -6.90
N VAL D 229 33.99 21.06 -7.70
CA VAL D 229 34.37 22.24 -8.48
C VAL D 229 34.74 23.39 -7.55
N ILE D 230 33.93 23.60 -6.52
CA ILE D 230 34.18 24.65 -5.54
C ILE D 230 35.52 24.42 -4.85
N TYR D 231 35.76 23.19 -4.43
CA TYR D 231 37.03 22.82 -3.82
C TYR D 231 38.19 23.11 -4.77
N PHE D 232 37.99 22.82 -6.05
CA PHE D 232 39.00 23.13 -7.05
C PHE D 232 39.28 24.62 -7.10
N LEU D 233 38.22 25.42 -7.02
CA LEU D 233 38.36 26.87 -7.06
C LEU D 233 39.02 27.42 -5.81
N GLN D 234 38.94 26.65 -4.73
CA GLN D 234 39.58 27.02 -3.47
C GLN D 234 41.08 26.72 -3.48
N THR D 235 41.49 25.79 -4.33
CA THR D 235 42.86 25.29 -4.34
C THR D 235 43.79 25.99 -5.33
N ARG D 236 43.30 26.99 -6.04
CA ARG D 236 44.14 27.70 -7.00
C ARG D 236 45.15 28.59 -6.28
N ASP D 237 46.33 28.77 -6.89
CA ASP D 237 47.41 29.54 -6.26
C ASP D 237 46.96 30.99 -6.02
N PRO D 238 46.32 31.63 -7.01
CA PRO D 238 45.47 32.79 -6.70
C PRO D 238 44.04 32.32 -6.39
N PRO D 239 43.75 31.93 -5.13
CA PRO D 239 42.47 31.26 -4.83
C PRO D 239 41.25 32.01 -5.34
N VAL D 240 40.38 31.31 -6.07
CA VAL D 240 39.18 31.90 -6.64
C VAL D 240 38.09 32.06 -5.59
N LEU D 241 37.91 31.02 -4.77
CA LEU D 241 36.93 31.06 -3.70
C LEU D 241 37.62 30.83 -2.36
N PRO D 242 37.16 31.56 -1.33
CA PRO D 242 37.68 31.42 0.04
C PRO D 242 37.23 30.11 0.67
N THR D 243 38.00 29.62 1.63
CA THR D 243 37.65 28.39 2.33
C THR D 243 36.46 28.67 3.25
N VAL D 244 35.74 27.62 3.63
CA VAL D 244 34.58 27.77 4.49
C VAL D 244 34.99 28.25 5.88
N SER D 245 36.20 27.90 6.28
CA SER D 245 36.74 28.34 7.56
C SER D 245 36.91 29.85 7.57
N GLN D 246 37.34 30.41 6.44
CA GLN D 246 37.52 31.85 6.30
C GLN D 246 36.17 32.58 6.33
N LEU D 247 35.16 31.97 5.72
CA LEU D 247 33.81 32.52 5.75
C LEU D 247 33.27 32.49 7.17
N THR D 248 33.63 31.44 7.90
CA THR D 248 33.22 31.30 9.29
C THR D 248 33.90 32.35 10.17
N GLN D 249 35.19 32.56 9.94
CA GLN D 249 35.96 33.54 10.71
C GLN D 249 35.50 34.96 10.41
N LYS D 250 35.06 35.21 9.18
CA LYS D 250 34.49 36.51 8.86
C LYS D 250 33.10 36.64 9.48
N ALA D 251 32.15 35.89 8.93
CA ALA D 251 30.79 35.80 9.46
C ALA D 251 30.20 37.16 9.80
N GLY D 252 29.75 37.31 11.05
CA GLY D 252 29.19 38.57 11.51
C GLY D 252 28.43 38.39 12.81
N GLU D 253 28.12 39.51 13.47
CA GLU D 253 27.36 39.45 14.71
C GLU D 253 25.89 39.20 14.40
N GLY D 254 25.33 38.19 15.05
CA GLY D 254 23.94 37.82 14.82
C GLY D 254 23.79 36.86 13.65
N GLU D 255 24.88 36.63 12.92
CA GLU D 255 24.87 35.69 11.81
C GLU D 255 25.35 34.32 12.26
N GLN D 256 25.65 34.20 13.55
CA GLN D 256 26.10 32.93 14.11
C GLN D 256 24.96 31.93 14.16
N VAL D 257 25.14 30.79 13.51
CA VAL D 257 24.12 29.73 13.50
C VAL D 257 24.74 28.34 13.57
N GLU D 258 24.22 27.50 14.46
CA GLU D 258 24.69 26.13 14.59
C GLU D 258 23.57 25.13 14.35
N VAL D 259 23.81 24.17 13.45
CA VAL D 259 22.81 23.16 13.12
C VAL D 259 23.38 21.73 13.28
N ASP D 260 22.71 20.94 14.12
CA ASP D 260 23.09 19.56 14.40
C ASP D 260 24.53 19.43 14.93
N GLY D 261 24.97 20.41 15.70
CA GLY D 261 26.30 20.37 16.29
C GLY D 261 27.37 20.86 15.34
N TRP D 262 26.95 21.38 14.19
CA TRP D 262 27.86 21.87 13.18
C TRP D 262 27.69 23.38 12.96
N ASP D 263 28.79 24.08 12.74
CA ASP D 263 28.74 25.53 12.57
C ASP D 263 28.42 25.89 11.12
N CYS D 264 27.25 26.50 10.92
CA CYS D 264 26.79 26.89 9.59
C CYS D 264 27.02 28.36 9.27
N SER D 265 27.73 29.08 10.14
CA SER D 265 27.83 30.53 10.03
C SER D 265 28.64 31.00 8.83
N PHE D 266 28.01 31.80 7.97
CA PHE D 266 28.70 32.46 6.86
C PHE D 266 28.05 33.82 6.58
N PRO D 267 28.82 34.77 6.02
CA PRO D 267 28.27 36.07 5.63
C PRO D 267 27.15 35.93 4.62
N ARG D 268 26.13 36.79 4.71
CA ARG D 268 24.98 36.68 3.82
C ARG D 268 25.11 37.54 2.56
N ASP D 269 26.13 38.39 2.49
CA ASP D 269 26.36 39.19 1.29
C ASP D 269 27.83 39.15 0.89
N ALA D 270 28.07 39.15 -0.42
CA ALA D 270 29.44 39.09 -0.93
C ALA D 270 30.11 40.46 -0.82
N SER D 271 29.34 41.46 -0.42
CA SER D 271 29.84 42.82 -0.32
C SER D 271 30.90 42.97 0.77
N ARG D 272 30.71 42.26 1.88
CA ARG D 272 31.65 42.34 3.00
C ARG D 272 32.93 41.58 2.70
N LEU D 273 32.89 40.73 1.69
CA LEU D 273 34.07 39.95 1.30
C LEU D 273 34.76 40.54 0.08
N GLU D 274 36.09 40.59 0.14
CA GLU D 274 36.88 41.12 -0.97
C GLU D 274 36.88 40.14 -2.14
N PRO D 275 36.89 40.66 -3.38
CA PRO D 275 36.89 39.82 -4.58
C PRO D 275 38.17 38.98 -4.72
N SER D 276 38.22 38.17 -5.77
CA SER D 276 39.36 37.29 -6.01
C SER D 276 40.46 37.99 -6.81
N ILE D 277 41.71 37.71 -6.45
CA ILE D 277 42.85 38.27 -7.16
C ILE D 277 43.22 37.41 -8.36
N ASN D 278 42.45 36.34 -8.57
CA ASN D 278 42.69 35.44 -9.69
C ASN D 278 42.20 36.01 -11.02
N VAL D 279 43.10 36.11 -11.99
CA VAL D 279 42.80 36.70 -13.29
C VAL D 279 42.48 35.64 -14.35
N GLU D 280 42.58 34.36 -13.98
CA GLU D 280 42.38 33.26 -14.93
C GLU D 280 41.01 33.31 -15.59
N PRO D 281 40.98 33.13 -16.92
CA PRO D 281 39.72 33.10 -17.69
C PRO D 281 38.98 31.77 -17.50
N LEU D 282 37.80 31.66 -18.11
CA LEU D 282 36.95 30.48 -17.94
C LEU D 282 37.59 29.21 -18.50
N SER D 283 38.05 29.28 -19.75
CA SER D 283 38.64 28.14 -20.44
C SER D 283 39.85 27.58 -19.68
N SER D 284 40.72 28.49 -19.25
CA SER D 284 41.90 28.13 -18.48
C SER D 284 41.52 27.39 -17.20
N LEU D 285 40.48 27.88 -16.53
CA LEU D 285 40.01 27.24 -15.30
C LEU D 285 39.42 25.87 -15.60
N LEU D 286 38.86 25.71 -16.79
CA LEU D 286 38.30 24.42 -17.21
C LEU D 286 39.41 23.40 -17.39
N ALA D 287 40.40 23.76 -18.19
CA ALA D 287 41.54 22.88 -18.43
C ALA D 287 42.26 22.55 -17.14
N GLN D 288 42.45 23.57 -16.31
CA GLN D 288 43.09 23.41 -15.01
C GLN D 288 42.29 22.47 -14.13
N PHE D 289 40.96 22.53 -14.22
CA PHE D 289 40.12 21.62 -13.46
C PHE D 289 40.35 20.19 -13.89
N PHE D 290 40.17 19.93 -15.18
CA PHE D 290 40.34 18.58 -15.71
C PHE D 290 41.69 18.00 -15.30
N SER D 291 42.75 18.77 -15.56
CA SER D 291 44.11 18.36 -15.21
C SER D 291 44.25 18.04 -13.72
N ALA D 292 43.76 18.96 -12.89
CA ALA D 292 43.88 18.82 -11.44
C ALA D 292 43.19 17.56 -10.93
N VAL D 293 41.91 17.43 -11.22
CA VAL D 293 41.15 16.28 -10.71
C VAL D 293 41.62 14.96 -11.33
N SER D 294 42.23 15.03 -12.51
CA SER D 294 42.78 13.83 -13.12
C SER D 294 44.08 13.40 -12.44
N SER D 295 44.84 14.39 -11.97
CA SER D 295 46.16 14.13 -11.39
C SER D 295 46.14 13.91 -9.89
N TRP D 296 44.99 14.12 -9.26
CA TRP D 296 44.87 14.02 -7.81
C TRP D 296 44.92 12.57 -7.34
N ASP D 297 45.24 12.38 -6.07
CA ASP D 297 45.17 11.06 -5.46
C ASP D 297 43.88 10.99 -4.65
N LEU D 298 42.91 10.23 -5.16
CA LEU D 298 41.57 10.23 -4.62
C LEU D 298 41.45 9.36 -3.36
N ARG D 299 42.09 8.19 -3.37
CA ARG D 299 41.98 7.27 -2.25
C ARG D 299 42.74 7.75 -1.02
N GLY D 300 43.88 8.39 -1.24
CA GLY D 300 44.75 8.79 -0.15
C GLY D 300 44.52 10.20 0.37
N SER D 301 43.54 10.89 -0.19
CA SER D 301 43.27 12.27 0.22
C SER D 301 41.80 12.52 0.50
N LEU D 302 41.53 13.11 1.67
CA LEU D 302 40.21 13.63 1.99
C LEU D 302 40.16 15.11 1.63
N LEU D 303 39.35 15.46 0.64
CA LEU D 303 39.27 16.84 0.19
C LEU D 303 38.40 17.64 1.14
N SER D 304 38.99 18.65 1.78
CA SER D 304 38.26 19.47 2.74
C SER D 304 37.95 20.85 2.19
N LEU D 305 36.67 21.17 2.11
CA LEU D 305 36.23 22.49 1.69
C LEU D 305 36.34 23.49 2.82
N ARG D 306 36.22 23.01 4.05
CA ARG D 306 36.33 23.86 5.23
C ARG D 306 37.72 24.48 5.33
N GLU D 307 38.74 23.64 5.25
CA GLU D 307 40.13 24.11 5.32
C GLU D 307 40.68 24.43 3.94
N GLY D 308 39.91 24.09 2.91
CA GLY D 308 40.33 24.29 1.53
C GLY D 308 41.62 23.57 1.21
N GLN D 309 41.72 22.32 1.66
CA GLN D 309 42.97 21.59 1.53
C GLN D 309 42.74 20.08 1.49
N ALA D 310 43.69 19.35 0.92
CA ALA D 310 43.62 17.89 0.87
C ALA D 310 44.35 17.28 2.07
N LEU D 311 43.60 16.64 2.96
CA LEU D 311 44.18 16.03 4.15
C LEU D 311 44.40 14.52 3.97
N PRO D 312 45.65 14.06 4.11
CA PRO D 312 46.05 12.66 3.89
C PRO D 312 45.42 11.65 4.86
N VAL D 313 44.84 10.59 4.30
CA VAL D 313 44.24 9.50 5.07
C VAL D 313 45.32 8.58 5.65
N ALA D 314 46.57 8.87 5.33
CA ALA D 314 47.68 7.95 5.54
C ALA D 314 48.24 8.01 6.97
N GLY D 315 47.51 8.66 7.88
CA GLY D 315 48.01 8.97 9.22
C GLY D 315 48.46 10.42 9.28
N GLY D 316 47.80 11.21 8.44
CA GLY D 316 47.95 12.66 8.39
C GLY D 316 46.64 13.25 8.84
N LEU D 317 45.83 12.41 9.48
CA LEU D 317 44.50 12.79 9.95
C LEU D 317 44.39 12.67 11.47
N PRO D 318 44.79 13.73 12.18
CA PRO D 318 44.86 13.83 13.64
C PRO D 318 43.52 13.91 14.39
N SER D 319 43.59 13.60 15.68
CA SER D 319 42.45 13.64 16.61
C SER D 319 41.27 12.73 16.29
N ASN D 320 41.53 11.58 15.67
CA ASN D 320 40.49 10.59 15.34
C ASN D 320 39.41 11.12 14.39
N LEU D 321 39.51 12.39 14.04
CA LEU D 321 38.57 13.07 13.14
C LEU D 321 37.14 13.04 13.67
N TRP D 322 36.20 12.75 12.77
CA TRP D 322 34.79 12.90 13.08
C TRP D 322 34.09 11.55 12.90
N GLU D 323 33.43 11.09 13.95
CA GLU D 323 32.87 9.74 13.97
C GLU D 323 31.73 9.62 12.96
N GLY D 324 31.80 8.62 12.09
CA GLY D 324 30.77 8.43 11.09
C GLY D 324 31.15 8.87 9.70
N LEU D 325 32.43 9.20 9.51
CA LEU D 325 32.91 9.65 8.21
C LEU D 325 33.41 8.47 7.40
N ARG D 326 32.69 8.17 6.31
CA ARG D 326 33.02 7.04 5.47
C ARG D 326 34.15 7.38 4.50
N LEU D 327 35.13 6.49 4.42
CA LEU D 327 36.26 6.69 3.53
C LEU D 327 36.28 5.64 2.43
N GLY D 328 36.76 6.02 1.25
CA GLY D 328 36.69 5.16 0.10
C GLY D 328 37.43 5.72 -1.11
N PRO D 329 37.08 5.22 -2.31
CA PRO D 329 37.73 5.59 -3.58
C PRO D 329 37.76 7.09 -3.82
N LEU D 330 36.74 7.80 -3.35
CA LEU D 330 36.69 9.25 -3.46
C LEU D 330 36.20 9.85 -2.15
N ASN D 331 36.98 10.77 -1.58
CA ASN D 331 36.62 11.38 -0.32
C ASN D 331 36.44 12.90 -0.41
N LEU D 332 35.21 13.34 -0.26
CA LEU D 332 34.86 14.75 -0.36
C LEU D 332 34.04 15.22 0.85
N GLN D 333 34.61 16.13 1.63
CA GLN D 333 33.99 16.56 2.88
C GLN D 333 32.99 17.70 2.70
N ASP D 334 31.81 17.54 3.28
CA ASP D 334 30.81 18.60 3.32
C ASP D 334 31.35 19.80 4.10
N PRO D 335 31.13 21.02 3.59
CA PRO D 335 31.65 22.24 4.21
C PRO D 335 31.15 22.49 5.63
N PHE D 336 30.07 21.80 6.01
CA PHE D 336 29.41 22.05 7.29
C PHE D 336 29.40 20.80 8.16
N ASP D 337 28.78 19.73 7.66
CA ASP D 337 28.81 18.47 8.38
C ASP D 337 30.06 17.73 7.96
N LEU D 338 31.02 17.65 8.88
CA LEU D 338 32.35 17.14 8.59
C LEU D 338 32.41 15.63 8.70
N SER D 339 31.36 15.04 9.28
CA SER D 339 31.29 13.60 9.46
C SER D 339 30.63 12.95 8.25
N HIS D 340 30.33 13.76 7.24
CA HIS D 340 29.65 13.27 6.06
C HIS D 340 30.53 13.35 4.82
N ASN D 341 30.82 12.20 4.22
CA ASN D 341 31.48 12.16 2.93
C ASN D 341 30.43 12.09 1.83
N VAL D 342 30.30 13.17 1.06
CA VAL D 342 29.26 13.26 0.03
C VAL D 342 29.56 12.31 -1.14
N ALA D 343 30.82 11.92 -1.26
CA ALA D 343 31.26 11.03 -2.33
C ALA D 343 31.35 9.57 -1.87
N ALA D 344 30.94 9.30 -0.64
CA ALA D 344 31.13 7.98 -0.04
C ALA D 344 30.47 6.86 -0.84
N ASN D 345 29.50 7.22 -1.68
CA ASN D 345 28.77 6.26 -2.50
C ASN D 345 29.53 5.89 -3.77
N VAL D 346 30.60 6.62 -4.06
CA VAL D 346 31.35 6.42 -5.29
C VAL D 346 32.27 5.19 -5.21
N THR D 347 32.09 4.27 -6.15
CA THR D 347 32.87 3.05 -6.19
C THR D 347 34.23 3.29 -6.84
N SER D 348 35.05 2.24 -6.90
CA SER D 348 36.38 2.34 -7.48
C SER D 348 36.30 2.58 -8.99
N ARG D 349 35.34 1.90 -9.61
CA ARG D 349 35.11 2.03 -11.05
C ARG D 349 34.77 3.46 -11.43
N VAL D 350 33.86 4.05 -10.67
CA VAL D 350 33.38 5.40 -10.94
C VAL D 350 34.49 6.43 -10.76
N ALA D 351 35.29 6.27 -9.71
CA ALA D 351 36.39 7.20 -9.44
C ALA D 351 37.49 7.09 -10.50
N GLY D 352 37.87 5.87 -10.83
CA GLY D 352 38.88 5.62 -11.85
C GLY D 352 38.45 6.18 -13.19
N ARG D 353 37.20 5.90 -13.56
CA ARG D 353 36.65 6.41 -14.81
C ARG D 353 36.57 7.93 -14.80
N LEU D 354 36.33 8.49 -13.61
CA LEU D 354 36.32 9.94 -13.44
C LEU D 354 37.67 10.51 -13.80
N GLN D 355 38.72 9.98 -13.17
CA GLN D 355 40.08 10.46 -13.43
C GLN D 355 40.48 10.25 -14.89
N ASN D 356 40.05 9.15 -15.47
CA ASN D 356 40.34 8.86 -16.88
C ASN D 356 39.71 9.89 -17.82
N CYS D 357 38.40 10.09 -17.66
CA CYS D 357 37.69 11.05 -18.51
C CYS D 357 38.15 12.48 -18.30
N CYS D 358 38.56 12.79 -17.07
CA CYS D 358 39.10 14.12 -16.78
C CYS D 358 40.46 14.29 -17.44
N ARG D 359 41.22 13.21 -17.50
CA ARG D 359 42.52 13.23 -18.16
C ARG D 359 42.36 13.41 -19.67
N ALA D 360 41.39 12.71 -20.25
CA ALA D 360 41.10 12.82 -21.67
C ALA D 360 40.58 14.21 -22.02
N ALA D 361 39.75 14.76 -21.14
CA ALA D 361 39.24 16.11 -21.33
C ALA D 361 40.38 17.11 -21.23
N ALA D 362 41.34 16.82 -20.36
CA ALA D 362 42.52 17.65 -20.20
C ALA D 362 43.35 17.62 -21.47
N ASN D 363 43.47 16.44 -22.09
CA ASN D 363 44.15 16.31 -23.36
C ASN D 363 43.43 17.08 -24.47
N TYR D 364 42.11 17.05 -24.45
CA TYR D 364 41.35 17.78 -25.46
C TYR D 364 41.46 19.29 -25.31
N CYS D 365 41.52 19.77 -24.07
CA CYS D 365 41.56 21.21 -23.83
C CYS D 365 42.89 21.83 -24.27
N ARG D 366 43.91 21.01 -24.43
CA ARG D 366 45.20 21.52 -24.90
C ARG D 366 45.30 21.45 -26.42
N SER D 367 44.29 20.85 -27.05
CA SER D 367 44.28 20.71 -28.51
C SER D 367 43.97 22.03 -29.20
N LEU D 368 44.08 22.03 -30.52
CA LEU D 368 43.85 23.23 -31.31
C LEU D 368 42.36 23.49 -31.49
N GLN D 369 41.60 22.41 -31.58
CA GLN D 369 40.16 22.47 -31.81
C GLN D 369 39.41 23.18 -30.68
N TYR D 370 39.87 22.98 -29.45
CA TYR D 370 39.26 23.60 -28.27
C TYR D 370 39.54 25.10 -28.17
N GLN D 371 40.83 25.45 -28.25
CA GLN D 371 41.27 26.84 -28.07
C GLN D 371 40.63 27.79 -29.07
N ARG D 372 41.01 27.67 -30.32
CA ARG D 372 40.53 28.55 -31.37
C ARG D 372 39.13 28.18 -31.82
N ARG D 373 38.40 29.19 -32.30
CA ARG D 373 37.03 29.01 -32.78
C ARG D 373 37.05 28.25 -34.11
N SER D 374 35.87 28.01 -34.68
CA SER D 374 35.79 27.40 -36.01
C SER D 374 35.16 28.37 -36.99
N SER D 375 35.51 28.22 -38.26
CA SER D 375 35.03 29.14 -39.27
C SER D 375 33.57 28.92 -39.67
N ARG D 376 33.30 27.86 -40.43
CA ARG D 376 31.92 27.48 -40.74
C ARG D 376 31.42 26.14 -40.19
N GLY D 377 30.53 26.17 -39.22
CA GLY D 377 29.73 25.01 -38.83
C GLY D 377 30.38 23.80 -38.19
N ARG D 378 31.71 23.78 -38.14
CA ARG D 378 32.45 22.70 -37.49
C ARG D 378 32.23 22.71 -35.99
N ASP D 379 32.61 21.64 -35.32
CA ASP D 379 32.47 21.56 -33.87
C ASP D 379 33.76 21.99 -33.21
N TRP D 380 33.65 23.02 -32.39
CA TRP D 380 34.78 23.63 -31.71
C TRP D 380 34.50 23.92 -30.25
N GLY D 381 35.56 24.04 -29.46
CA GLY D 381 35.45 24.47 -28.08
C GLY D 381 34.72 23.52 -27.14
N LEU D 382 33.66 24.03 -26.53
CA LEU D 382 32.91 23.31 -25.51
C LEU D 382 32.11 22.13 -26.06
N LEU D 383 31.78 22.17 -27.33
CA LEU D 383 30.82 21.22 -27.90
C LEU D 383 31.22 19.74 -27.81
N PRO D 384 32.49 19.41 -28.12
CA PRO D 384 32.85 17.99 -27.96
C PRO D 384 32.81 17.52 -26.50
N LEU D 385 32.99 18.44 -25.56
CA LEU D 385 32.91 18.09 -24.15
C LEU D 385 31.48 17.83 -23.71
N LEU D 386 30.54 18.62 -24.22
CA LEU D 386 29.16 18.52 -23.80
C LEU D 386 28.40 17.39 -24.50
N GLN D 387 28.90 16.96 -25.65
CA GLN D 387 28.34 15.83 -26.37
C GLN D 387 28.49 14.56 -25.56
N PRO D 388 27.43 13.74 -25.49
CA PRO D 388 27.47 12.52 -24.67
C PRO D 388 28.51 11.52 -25.19
N SER D 389 28.95 10.63 -24.31
CA SER D 389 29.96 9.63 -24.66
C SER D 389 29.33 8.53 -25.51
N SER D 390 30.17 7.84 -26.27
CA SER D 390 29.71 6.74 -27.11
C SER D 390 28.97 5.71 -26.27
N PRO D 391 27.86 5.17 -26.80
CA PRO D 391 27.05 4.16 -26.11
C PRO D 391 27.86 2.92 -25.75
N SER D 392 28.86 2.59 -26.55
CA SER D 392 29.74 1.48 -26.24
C SER D 392 30.56 1.78 -24.99
N SER D 393 31.08 3.00 -24.91
CA SER D 393 31.86 3.45 -23.76
C SER D 393 30.96 3.53 -22.54
N LEU D 394 29.77 4.06 -22.75
CA LEU D 394 28.79 4.27 -21.70
C LEU D 394 28.36 2.93 -21.08
N LEU D 395 28.20 1.92 -21.93
CA LEU D 395 27.76 0.61 -21.47
C LEU D 395 28.91 -0.19 -20.87
N SER D 396 30.11 -0.01 -21.40
CA SER D 396 31.28 -0.68 -20.85
C SER D 396 31.61 -0.08 -19.49
N ALA D 397 31.16 1.15 -19.26
CA ALA D 397 31.36 1.81 -17.98
C ALA D 397 30.49 1.17 -16.89
N THR D 398 29.20 1.02 -17.19
CA THR D 398 28.27 0.42 -16.23
C THR D 398 28.44 -1.11 -16.19
N PRO D 399 28.59 -1.66 -14.97
CA PRO D 399 28.80 -3.10 -14.80
C PRO D 399 27.49 -3.90 -14.85
N ILE D 400 27.63 -5.23 -14.79
CA ILE D 400 26.48 -6.12 -14.82
C ILE D 400 26.38 -6.92 -13.53
N PRO D 401 25.30 -6.70 -12.77
CA PRO D 401 25.07 -7.40 -11.49
C PRO D 401 24.98 -8.91 -11.65
N LEU D 402 25.68 -9.63 -10.78
CA LEU D 402 25.63 -11.09 -10.79
C LEU D 402 25.12 -11.61 -9.45
N PRO D 403 24.42 -12.75 -9.47
CA PRO D 403 23.85 -13.36 -8.26
C PRO D 403 24.92 -13.70 -7.22
N LEU D 404 24.49 -13.81 -5.96
CA LEU D 404 25.39 -14.15 -4.85
C LEU D 404 26.06 -15.49 -5.08
N ALA D 405 27.38 -15.51 -4.91
CA ALA D 405 28.20 -16.71 -5.11
C ALA D 405 29.65 -16.41 -4.74
N PRO D 406 30.37 -17.44 -4.26
CA PRO D 406 31.81 -17.31 -4.00
C PRO D 406 32.54 -16.84 -5.26
N PHE D 407 33.53 -15.97 -5.09
CA PHE D 407 34.22 -15.36 -6.23
C PHE D 407 34.78 -16.39 -7.20
N THR D 408 35.47 -17.38 -6.68
CA THR D 408 36.09 -18.41 -7.50
C THR D 408 35.04 -19.21 -8.28
N GLN D 409 34.02 -19.66 -7.57
CA GLN D 409 32.94 -20.44 -8.17
C GLN D 409 32.20 -19.62 -9.22
N LEU D 410 32.06 -18.33 -8.96
CA LEU D 410 31.40 -17.41 -9.88
C LEU D 410 32.23 -17.21 -11.15
N THR D 411 33.54 -17.10 -11.00
CA THR D 411 34.42 -16.93 -12.14
C THR D 411 34.43 -18.19 -13.01
N ALA D 412 34.50 -19.35 -12.36
CA ALA D 412 34.45 -20.62 -13.09
C ALA D 412 33.12 -20.76 -13.83
N ALA D 413 32.04 -20.39 -13.15
CA ALA D 413 30.71 -20.39 -13.74
C ALA D 413 30.68 -19.50 -14.98
N LEU D 414 31.21 -18.29 -14.85
CA LEU D 414 31.23 -17.34 -15.95
C LEU D 414 32.00 -17.85 -17.15
N VAL D 415 33.22 -18.34 -16.92
CA VAL D 415 34.02 -18.84 -18.03
C VAL D 415 33.37 -20.08 -18.64
N GLN D 416 32.55 -20.78 -17.86
CA GLN D 416 31.76 -21.88 -18.44
C GLN D 416 30.62 -21.37 -19.32
N VAL D 417 30.00 -20.26 -18.90
CA VAL D 417 28.90 -19.66 -19.66
C VAL D 417 29.41 -19.06 -20.97
N PHE D 418 30.64 -18.57 -20.96
CA PHE D 418 31.25 -18.04 -22.18
C PHE D 418 31.78 -19.17 -23.08
N ARG D 419 32.48 -20.13 -22.47
CA ARG D 419 33.07 -21.26 -23.20
C ARG D 419 32.01 -22.04 -23.96
N GLU D 420 31.17 -22.76 -23.22
CA GLU D 420 30.00 -23.41 -23.81
C GLU D 420 28.81 -22.48 -23.62
N ALA D 421 27.65 -22.86 -24.16
CA ALA D 421 26.42 -22.06 -24.12
C ALA D 421 26.53 -20.77 -24.94
N LEU D 422 27.77 -20.41 -25.29
CA LEU D 422 28.06 -19.30 -26.18
C LEU D 422 29.24 -19.69 -27.06
N GLY D 423 29.28 -19.18 -28.28
CA GLY D 423 30.33 -19.55 -29.22
C GLY D 423 31.65 -18.87 -28.92
N CYS D 424 31.74 -18.24 -27.75
CA CYS D 424 32.89 -17.43 -27.37
C CYS D 424 34.17 -18.24 -27.31
N HIS D 425 35.24 -17.68 -27.90
CA HIS D 425 36.58 -18.22 -27.71
C HIS D 425 37.29 -17.38 -26.65
N ILE D 426 37.57 -17.99 -25.51
CA ILE D 426 38.09 -17.23 -24.37
C ILE D 426 39.52 -17.64 -24.04
N GLU D 427 40.26 -16.70 -23.44
CA GLU D 427 41.61 -16.98 -22.98
C GLU D 427 41.97 -16.10 -21.79
N GLN D 428 42.91 -16.58 -20.97
CA GLN D 428 43.28 -15.88 -19.74
C GLN D 428 44.00 -14.56 -20.03
N SER D 454 41.44 -9.16 -8.98
CA SER D 454 40.37 -9.23 -9.96
C SER D 454 40.70 -10.22 -11.08
N ALA D 455 39.68 -10.71 -11.76
CA ALA D 455 39.87 -11.69 -12.83
C ALA D 455 39.45 -11.12 -14.19
N SER D 456 40.14 -11.54 -15.25
CA SER D 456 39.85 -11.03 -16.59
C SER D 456 40.05 -12.08 -17.67
N TRP D 457 39.16 -12.07 -18.67
CA TRP D 457 39.22 -13.01 -19.78
C TRP D 457 38.98 -12.32 -21.12
N ARG D 458 39.70 -12.76 -22.15
CA ARG D 458 39.56 -12.20 -23.48
C ARG D 458 38.70 -13.12 -24.36
N CYS D 459 37.58 -12.61 -24.84
CA CYS D 459 36.60 -13.40 -25.59
C CYS D 459 36.46 -12.93 -27.04
N ALA D 460 36.19 -13.89 -27.93
CA ALA D 460 36.00 -13.59 -29.36
C ALA D 460 34.78 -14.30 -29.93
N LEU D 461 34.09 -13.62 -30.84
CA LEU D 461 32.87 -14.15 -31.45
C LEU D 461 32.86 -13.93 -32.97
N TRP D 462 32.61 -15.00 -33.72
CA TRP D 462 32.53 -14.93 -35.18
C TRP D 462 31.09 -14.85 -35.71
N HIS D 463 30.12 -14.90 -34.80
CA HIS D 463 28.72 -14.97 -35.18
C HIS D 463 27.89 -14.05 -34.32
N ARG D 464 26.62 -13.82 -34.69
CA ARG D 464 25.77 -13.04 -33.82
C ARG D 464 25.09 -14.03 -32.89
N VAL D 465 25.59 -14.12 -31.67
CA VAL D 465 25.05 -15.03 -30.67
C VAL D 465 23.90 -14.40 -29.91
N TRP D 466 23.98 -13.08 -29.74
CA TRP D 466 23.07 -12.34 -28.88
C TRP D 466 21.67 -12.18 -29.47
N GLN D 467 21.48 -12.61 -30.71
CA GLN D 467 20.18 -12.46 -31.36
C GLN D 467 19.80 -13.67 -32.20
N GLY D 468 18.51 -13.98 -32.23
CA GLY D 468 17.99 -15.05 -33.07
C GLY D 468 17.85 -16.41 -32.42
N ARG D 469 17.99 -16.46 -31.09
CA ARG D 469 17.96 -17.72 -30.34
C ARG D 469 16.57 -18.36 -30.33
N ARG D 470 15.54 -17.53 -30.49
CA ARG D 470 14.17 -18.02 -30.49
C ARG D 470 13.88 -18.95 -31.66
N ARG D 471 14.14 -18.48 -32.87
CA ARG D 471 13.94 -19.28 -34.06
C ARG D 471 14.72 -20.58 -33.96
N ALA D 472 15.92 -20.50 -33.39
CA ALA D 472 16.78 -21.67 -33.26
C ALA D 472 16.22 -22.71 -32.30
N ARG D 473 15.90 -22.31 -31.07
CA ARG D 473 15.39 -23.29 -30.12
C ARG D 473 13.99 -23.80 -30.50
N ARG D 474 13.20 -22.95 -31.13
CA ARG D 474 11.88 -23.36 -31.62
C ARG D 474 12.03 -24.39 -32.75
N ARG D 475 13.02 -24.17 -33.61
CA ARG D 475 13.33 -25.13 -34.68
C ARG D 475 13.78 -26.47 -34.08
N LEU D 476 14.62 -26.39 -33.05
CA LEU D 476 15.14 -27.59 -32.39
C LEU D 476 14.05 -28.38 -31.67
N GLN D 477 13.16 -27.67 -30.98
CA GLN D 477 12.06 -28.31 -30.28
C GLN D 477 11.04 -28.81 -31.27
N GLN D 478 11.03 -28.22 -32.47
CA GLN D 478 10.17 -28.71 -33.55
C GLN D 478 10.72 -30.03 -34.06
N GLN D 479 12.04 -30.10 -34.18
CA GLN D 479 12.73 -31.33 -34.54
C GLN D 479 12.61 -32.38 -33.44
N THR D 480 12.33 -31.92 -32.22
CA THR D 480 12.05 -32.81 -31.11
C THR D 480 10.61 -33.31 -31.19
N LYS D 481 9.72 -32.45 -31.68
CA LYS D 481 8.32 -32.80 -31.87
C LYS D 481 8.18 -33.88 -32.93
N GLU D 482 8.74 -33.63 -34.10
CA GLU D 482 8.65 -34.58 -35.21
C GLU D 482 9.54 -35.79 -34.95
N GLY D 483 10.59 -35.61 -34.15
CA GLY D 483 11.50 -36.70 -33.83
C GLY D 483 11.60 -36.96 -32.34
N GLY D 493 20.82 -29.82 -17.56
CA GLY D 493 19.74 -29.44 -18.44
C GLY D 493 20.00 -28.11 -19.13
N TRP D 494 20.62 -27.19 -18.39
CA TRP D 494 21.03 -25.90 -18.95
C TRP D 494 22.40 -26.05 -19.56
N LEU D 495 23.07 -24.93 -19.83
CA LEU D 495 24.39 -24.97 -20.49
C LEU D 495 24.26 -25.62 -21.86
N ALA D 496 24.70 -26.87 -21.98
CA ALA D 496 24.74 -27.58 -23.25
C ALA D 496 23.50 -27.42 -24.15
N THR D 497 22.30 -27.44 -23.57
CA THR D 497 21.09 -27.23 -24.38
C THR D 497 21.14 -25.86 -25.06
N GLU D 498 21.41 -24.84 -24.27
CA GLU D 498 21.61 -23.49 -24.80
C GLU D 498 22.75 -23.50 -25.79
N ALA D 499 23.78 -24.31 -25.51
CA ALA D 499 24.93 -24.39 -26.39
C ALA D 499 24.49 -24.92 -27.74
N GLN D 500 23.57 -25.89 -27.70
CA GLN D 500 23.03 -26.46 -28.93
C GLN D 500 22.42 -25.33 -29.75
N VAL D 501 21.67 -24.47 -29.07
CA VAL D 501 21.04 -23.34 -29.73
C VAL D 501 22.10 -22.53 -30.45
N THR D 502 23.18 -22.23 -29.75
CA THR D 502 24.27 -21.45 -30.30
C THR D 502 24.85 -22.18 -31.50
N GLN D 503 25.02 -23.48 -31.37
CA GLN D 503 25.58 -24.28 -32.47
C GLN D 503 24.64 -24.23 -33.67
N GLU D 504 23.34 -24.19 -33.38
CA GLU D 504 22.34 -24.15 -34.43
C GLU D 504 22.05 -22.72 -34.87
N LEU D 505 22.74 -21.76 -34.25
CA LEU D 505 22.65 -20.37 -34.66
C LEU D 505 23.47 -20.13 -35.92
N LYS D 506 24.54 -20.91 -36.10
CA LYS D 506 25.46 -20.69 -37.20
C LYS D 506 24.80 -21.02 -38.54
N THR D 517 41.66 -16.57 -39.22
CA THR D 517 40.30 -16.34 -38.74
C THR D 517 40.18 -15.00 -38.02
N GLU D 518 39.28 -14.14 -38.53
CA GLU D 518 39.13 -12.77 -38.05
C GLU D 518 37.77 -12.60 -37.37
N PRO D 519 37.76 -12.55 -36.03
CA PRO D 519 36.50 -12.49 -35.27
C PRO D 519 35.61 -11.31 -35.63
N LEU D 520 34.31 -11.49 -35.45
CA LEU D 520 33.32 -10.45 -35.69
C LEU D 520 33.34 -9.43 -34.56
N LEU D 521 33.38 -9.91 -33.33
CA LEU D 521 33.45 -9.05 -32.16
C LEU D 521 34.38 -9.62 -31.09
N SER D 522 35.35 -8.84 -30.64
CA SER D 522 36.21 -9.30 -29.56
C SER D 522 36.18 -8.32 -28.38
N PHE D 523 36.12 -8.87 -27.18
CA PHE D 523 35.93 -8.06 -25.98
C PHE D 523 36.61 -8.66 -24.74
N VAL D 524 36.52 -7.95 -23.62
CA VAL D 524 37.12 -8.40 -22.36
C VAL D 524 36.10 -8.43 -21.23
N ALA D 525 36.07 -9.53 -20.49
CA ALA D 525 35.18 -9.67 -19.34
C ALA D 525 35.99 -9.62 -18.05
N SER D 526 35.64 -8.70 -17.16
CA SER D 526 36.39 -8.49 -15.93
C SER D 526 35.49 -8.52 -14.70
N VAL D 527 35.91 -9.28 -13.69
CA VAL D 527 35.19 -9.37 -12.43
C VAL D 527 36.06 -8.86 -11.28
N SER D 528 35.53 -7.91 -10.53
CA SER D 528 36.21 -7.36 -9.36
C SER D 528 35.86 -8.18 -8.12
N PRO D 529 36.83 -8.32 -7.20
CA PRO D 529 36.65 -9.11 -5.98
C PRO D 529 35.48 -8.66 -5.11
N ALA D 530 35.38 -7.35 -4.88
CA ALA D 530 34.21 -6.79 -4.20
C ALA D 530 33.89 -5.42 -4.77
N ASP D 531 32.62 -5.17 -5.14
CA ASP D 531 31.58 -6.18 -5.20
C ASP D 531 31.77 -7.03 -6.45
N ARG D 532 31.13 -8.19 -6.49
CA ARG D 532 31.34 -9.07 -7.64
C ARG D 532 30.36 -8.66 -8.73
N MET D 533 30.91 -8.03 -9.76
CA MET D 533 30.13 -7.51 -10.87
C MET D 533 30.96 -7.65 -12.13
N LEU D 534 30.33 -8.04 -13.23
CA LEU D 534 31.05 -8.19 -14.48
C LEU D 534 31.11 -6.88 -15.25
N THR D 535 32.31 -6.45 -15.58
CA THR D 535 32.50 -5.26 -16.40
C THR D 535 33.02 -5.67 -17.78
N VAL D 536 32.18 -5.51 -18.80
CA VAL D 536 32.55 -5.90 -20.15
C VAL D 536 32.94 -4.71 -21.03
N THR D 537 34.17 -4.72 -21.51
CA THR D 537 34.66 -3.65 -22.37
C THR D 537 35.08 -4.20 -23.73
N PRO D 538 34.79 -3.44 -24.81
CA PRO D 538 35.05 -3.90 -26.18
C PRO D 538 36.52 -3.81 -26.56
N LEU D 539 36.99 -4.76 -27.37
CA LEU D 539 38.33 -4.67 -27.95
C LEU D 539 38.23 -4.32 -29.42
N GLN D 540 37.85 -5.29 -30.24
CA GLN D 540 37.69 -5.07 -31.67
C GLN D 540 36.21 -5.17 -32.04
N ASP D 541 35.64 -4.07 -32.49
CA ASP D 541 34.23 -4.02 -32.84
C ASP D 541 34.01 -3.26 -34.14
N PRO D 542 34.27 -3.92 -35.28
CA PRO D 542 34.20 -3.30 -36.61
C PRO D 542 32.81 -2.77 -36.95
N GLN D 543 31.78 -3.56 -36.67
CA GLN D 543 30.43 -3.19 -37.06
C GLN D 543 29.67 -2.46 -35.95
N GLY D 544 30.35 -2.23 -34.83
CA GLY D 544 29.79 -1.44 -33.74
C GLY D 544 28.54 -2.05 -33.12
N LEU D 545 28.47 -3.38 -33.10
CA LEU D 545 27.32 -4.08 -32.54
C LEU D 545 27.51 -4.49 -31.08
N PHE D 546 28.61 -4.04 -30.48
CA PHE D 546 28.90 -4.31 -29.07
C PHE D 546 27.78 -3.96 -28.07
N PRO D 547 27.10 -2.80 -28.22
CA PRO D 547 26.04 -2.49 -27.25
C PRO D 547 24.95 -3.56 -27.16
N ASP D 548 24.58 -4.12 -28.31
CA ASP D 548 23.61 -5.21 -28.35
C ASP D 548 24.08 -6.36 -27.49
N LEU D 549 25.35 -6.73 -27.65
CA LEU D 549 25.96 -7.79 -26.86
C LEU D 549 25.92 -7.45 -25.37
N HIS D 550 26.12 -6.18 -25.04
CA HIS D 550 26.15 -5.77 -23.64
C HIS D 550 24.77 -5.90 -23.01
N HIS D 551 23.73 -5.48 -23.72
CA HIS D 551 22.37 -5.62 -23.22
C HIS D 551 22.00 -7.10 -23.06
N PHE D 552 22.30 -7.87 -24.10
CA PHE D 552 22.06 -9.30 -24.08
C PHE D 552 22.73 -9.95 -22.89
N LEU D 553 23.97 -9.57 -22.60
CA LEU D 553 24.69 -10.12 -21.47
C LEU D 553 24.03 -9.70 -20.16
N GLN D 554 23.60 -8.44 -20.12
CA GLN D 554 22.90 -7.91 -18.96
C GLN D 554 21.70 -8.77 -18.57
N VAL D 555 20.94 -9.21 -19.56
CA VAL D 555 19.80 -10.06 -19.27
C VAL D 555 20.17 -11.54 -19.07
N PHE D 556 21.04 -12.03 -19.94
CA PHE D 556 21.34 -13.47 -20.06
C PHE D 556 22.23 -14.02 -18.95
N LEU D 557 23.31 -13.31 -18.62
CA LEU D 557 24.28 -13.80 -17.65
C LEU D 557 23.72 -14.05 -16.23
N PRO D 558 22.88 -13.13 -15.71
CA PRO D 558 22.25 -13.47 -14.43
C PRO D 558 21.41 -14.74 -14.49
N GLN D 559 20.71 -14.94 -15.61
CA GLN D 559 19.93 -16.17 -15.80
C GLN D 559 20.84 -17.38 -15.75
N ALA D 560 21.96 -17.29 -16.44
CA ALA D 560 22.94 -18.37 -16.49
C ALA D 560 23.46 -18.74 -15.11
N ILE D 561 23.97 -17.74 -14.39
CA ILE D 561 24.50 -17.96 -13.04
C ILE D 561 23.42 -18.54 -12.12
N ARG D 562 22.21 -18.01 -12.25
CA ARG D 562 21.07 -18.43 -11.46
C ARG D 562 20.75 -19.90 -11.67
N HIS D 563 20.68 -20.30 -12.94
CA HIS D 563 20.38 -21.69 -13.29
C HIS D 563 21.52 -22.63 -12.87
N LEU D 564 22.75 -22.13 -12.94
CA LEU D 564 23.91 -22.92 -12.52
C LEU D 564 23.99 -23.15 -11.01
N LYS D 565 23.52 -22.18 -10.24
CA LYS D 565 23.46 -22.35 -8.78
C LYS D 565 22.43 -23.41 -8.41
N LEU D 566 21.35 -23.48 -9.19
CA LEU D 566 20.26 -24.41 -8.93
C LEU D 566 20.65 -25.87 -9.23
N GLU D 567 21.84 -26.07 -9.79
CA GLU D 567 22.33 -27.42 -10.09
C GLU D 567 23.37 -27.86 -9.06
#